data_6IUV
#
_entry.id   6IUV
#
_cell.length_a   126.780
_cell.length_b   62.236
_cell.length_c   127.827
_cell.angle_alpha   90.00
_cell.angle_beta   117.21
_cell.angle_gamma   90.00
#
_symmetry.space_group_name_H-M   'P 1 21 1'
#
loop_
_entity.id
_entity.type
_entity.pdbx_description
1 polymer Hemagglutinin
2 polymer '3C11 Light Chain'
3 polymer '3C11 Heavy Chain'
4 branched 2-acetamido-2-deoxy-beta-D-glucopyranose-(1-4)-[alpha-L-fucopyranose-(1-6)]2-acetamido-2-deoxy-beta-D-glucopyranose
5 water water
#
loop_
_entity_poly.entity_id
_entity_poly.type
_entity_poly.pdbx_seq_one_letter_code
_entity_poly.pdbx_strand_id
1 'polypeptide(L)'
;NGVKPLILRDCSVAGWLLGNPMCDEFINVPEWSYIVEKASPANDLCYPGNFNDYEELKHLLSRINHFEKIQIIPKSSWSN
HDASSGVSSACPYLGRSSFFRNVVWLIKKNSAYPTIKRSYNNTNQEDLLVLWGIHHPNDAAEQTKLYQNPTTYISVGTST
LNQRLVPEIATRPKVNGQSGRMEFFWTILKPNDAINFESNGNFIAPEYAYKIVKKGDSTIMKSE
;
A,B
2 'polypeptide(L)'
;EIVMTQSPLTLPVTPGAPASISCRSSQSLLHSDGYNYLDWYLQKPGQSPQLLIYLGSHRASGVPDRFSGSGSGTDFTLKI
SRVEAEDVGVYYCMQALQTPDFGQGTRLEIKRTVAAPSVFIFPPSDEQLKSGTASVVCLLNNFYPREAKVQWKVDNALQS
GNSQESVTEQDSKDSTYSLSSTLTLSKADYEKHKVYACEVTHQGLSSPVTKSFNRGEC
;
L,D
3 'polypeptide(L)'
;QVQLVQSGAEVKETGESLNISCKVSGNNFPSYYISWVRQMPGNGLEWMGRIDPSDSDTNYRPSFQGHVTISADKSTSTAY
LQWRSLKASDTAMYYCARRATYYYGSGSYFDAFDIWGQGTMVTVSSASTKGPSVFPLAPSSKSTSGGTAALGCLVKDYFP
EPVTVSWNSGALTSGVHTFPAVLQSSGLYSLSSVVTVPSSSLGTQTYICNVNHKPSNTKVDKKVEPKSC
;
H,C
#
# COMPACT_ATOMS: atom_id res chain seq x y z
N PRO A 5 -29.72 -7.38 8.42
CA PRO A 5 -30.58 -8.45 7.91
C PRO A 5 -31.11 -8.13 6.53
N LEU A 6 -30.99 -9.05 5.59
CA LEU A 6 -31.45 -8.78 4.24
C LEU A 6 -32.45 -9.85 3.82
N ILE A 7 -33.68 -9.42 3.59
CA ILE A 7 -34.68 -10.23 2.90
C ILE A 7 -34.83 -9.63 1.51
N LEU A 8 -34.75 -10.48 0.49
CA LEU A 8 -34.75 -10.02 -0.88
C LEU A 8 -36.16 -10.01 -1.45
N ARG A 9 -36.49 -8.92 -2.13
CA ARG A 9 -37.80 -8.71 -2.75
C ARG A 9 -37.84 -9.14 -4.22
N ASP A 10 -36.91 -8.63 -5.04
CA ASP A 10 -36.96 -8.82 -6.49
C ASP A 10 -36.00 -9.90 -7.00
N CYS A 11 -35.13 -10.45 -6.12
CA CYS A 11 -33.94 -11.18 -6.54
C CYS A 11 -33.85 -12.51 -5.81
N SER A 12 -33.36 -13.52 -6.51
CA SER A 12 -32.95 -14.74 -5.85
C SER A 12 -31.65 -14.52 -5.07
N VAL A 13 -31.38 -15.42 -4.13
CA VAL A 13 -30.08 -15.38 -3.44
C VAL A 13 -28.95 -15.51 -4.46
N ALA A 14 -29.10 -16.44 -5.40
CA ALA A 14 -28.09 -16.64 -6.44
C ALA A 14 -27.87 -15.36 -7.24
N GLY A 15 -28.96 -14.74 -7.70
CA GLY A 15 -28.83 -13.56 -8.53
C GLY A 15 -28.21 -12.39 -7.79
N TRP A 16 -28.55 -12.25 -6.51
CA TRP A 16 -28.00 -11.15 -5.71
C TRP A 16 -26.53 -11.38 -5.41
N LEU A 17 -26.15 -12.61 -5.06
CA LEU A 17 -24.75 -12.90 -4.76
C LEU A 17 -23.87 -12.65 -5.96
N LEU A 18 -24.36 -12.99 -7.16
CA LEU A 18 -23.58 -12.75 -8.38
C LEU A 18 -23.64 -11.29 -8.83
N GLY A 19 -24.62 -10.53 -8.37
CA GLY A 19 -24.74 -9.14 -8.77
C GLY A 19 -25.54 -8.92 -10.04
N ASN A 20 -26.61 -9.68 -10.22
CA ASN A 20 -27.57 -9.46 -11.30
C ASN A 20 -27.95 -7.99 -11.34
N PRO A 21 -27.62 -7.26 -12.41
CA PRO A 21 -27.87 -5.82 -12.41
C PRO A 21 -29.36 -5.45 -12.42
N MET A 22 -30.23 -6.39 -12.76
CA MET A 22 -31.66 -6.13 -12.72
C MET A 22 -32.21 -6.11 -11.30
N CYS A 23 -31.36 -6.36 -10.31
CA CYS A 23 -31.78 -6.47 -8.92
C CYS A 23 -31.29 -5.25 -8.14
N ASP A 24 -32.08 -4.83 -7.15
CA ASP A 24 -31.67 -3.75 -6.27
C ASP A 24 -30.43 -4.16 -5.49
N GLU A 25 -29.41 -3.30 -5.51
CA GLU A 25 -28.11 -3.65 -4.94
C GLU A 25 -27.92 -3.21 -3.50
N PHE A 26 -28.71 -2.24 -3.03
CA PHE A 26 -28.52 -1.66 -1.71
C PHE A 26 -27.07 -1.23 -1.52
N ILE A 27 -26.66 -0.25 -2.33
CA ILE A 27 -25.27 0.20 -2.30
C ILE A 27 -24.90 0.83 -0.97
N ASN A 28 -25.90 1.33 -0.24
CA ASN A 28 -25.71 2.05 1.01
C ASN A 28 -25.44 1.12 2.19
N VAL A 29 -25.74 -0.16 2.07
CA VAL A 29 -25.57 -1.14 3.14
C VAL A 29 -24.38 -2.02 2.77
N PRO A 30 -23.25 -1.93 3.51
CA PRO A 30 -22.07 -2.75 3.18
C PRO A 30 -22.04 -4.11 3.88
N GLU A 31 -22.80 -4.25 4.97
CA GLU A 31 -22.81 -5.49 5.73
C GLU A 31 -24.24 -5.90 6.01
N TRP A 32 -24.43 -7.18 6.32
CA TRP A 32 -25.73 -7.72 6.67
C TRP A 32 -25.54 -8.83 7.70
N SER A 33 -26.67 -9.28 8.24
CA SER A 33 -26.68 -10.43 9.15
C SER A 33 -26.92 -11.75 8.41
N TYR A 34 -28.08 -11.89 7.75
CA TYR A 34 -28.44 -13.12 7.03
C TYR A 34 -29.20 -12.73 5.76
N ILE A 35 -29.37 -13.71 4.86
CA ILE A 35 -30.07 -13.49 3.59
C ILE A 35 -31.09 -14.59 3.36
N VAL A 36 -32.29 -14.20 2.91
CA VAL A 36 -33.38 -15.13 2.58
C VAL A 36 -34.16 -14.56 1.41
N GLU A 37 -34.27 -15.33 0.33
CA GLU A 37 -35.08 -14.91 -0.82
C GLU A 37 -36.55 -15.30 -0.59
N LYS A 38 -37.42 -14.83 -1.49
CA LYS A 38 -38.85 -15.14 -1.46
C LYS A 38 -39.21 -16.12 -2.58
N ALA A 39 -40.49 -16.47 -2.65
CA ALA A 39 -40.93 -17.66 -3.38
C ALA A 39 -40.73 -17.55 -4.88
N SER A 40 -41.17 -16.45 -5.50
CA SER A 40 -41.06 -16.28 -6.95
C SER A 40 -40.37 -14.95 -7.23
N PRO A 41 -39.05 -14.91 -7.07
CA PRO A 41 -38.33 -13.66 -7.37
C PRO A 41 -38.45 -13.30 -8.85
N ALA A 42 -38.59 -12.00 -9.11
CA ALA A 42 -38.75 -11.57 -10.49
C ALA A 42 -37.46 -11.78 -11.29
N ASN A 43 -36.30 -11.70 -10.64
CA ASN A 43 -35.01 -11.84 -11.31
C ASN A 43 -34.20 -12.95 -10.65
N ASP A 44 -33.62 -13.81 -11.48
CA ASP A 44 -32.76 -14.89 -10.99
C ASP A 44 -31.40 -14.82 -11.70
N LEU A 45 -31.25 -15.46 -12.84
CA LEU A 45 -30.02 -15.36 -13.61
C LEU A 45 -30.35 -14.63 -14.90
N CYS A 46 -29.91 -13.37 -15.02
CA CYS A 46 -30.21 -12.60 -16.22
C CYS A 46 -29.67 -13.30 -17.45
N TYR A 47 -28.40 -13.73 -17.41
CA TYR A 47 -27.94 -14.70 -18.40
C TYR A 47 -28.34 -16.10 -17.93
N PRO A 48 -29.09 -16.85 -18.74
CA PRO A 48 -29.72 -18.08 -18.26
C PRO A 48 -28.71 -19.14 -17.92
N GLY A 49 -29.05 -19.96 -16.93
CA GLY A 49 -28.26 -21.12 -16.64
C GLY A 49 -28.64 -21.79 -15.34
N ASN A 50 -27.65 -22.27 -14.61
CA ASN A 50 -27.92 -23.09 -13.43
C ASN A 50 -26.91 -22.76 -12.34
N PHE A 51 -27.40 -22.67 -11.09
CA PHE A 51 -26.59 -22.39 -9.91
C PHE A 51 -26.45 -23.70 -9.14
N ASN A 52 -25.23 -24.24 -9.09
CA ASN A 52 -25.02 -25.58 -8.53
C ASN A 52 -25.04 -25.60 -7.00
N ASP A 53 -25.53 -26.71 -6.45
CA ASP A 53 -25.64 -26.93 -5.01
C ASP A 53 -26.34 -25.75 -4.34
N TYR A 54 -27.48 -25.35 -4.90
CA TYR A 54 -28.14 -24.13 -4.49
C TYR A 54 -28.83 -24.28 -3.14
N GLU A 55 -29.42 -25.44 -2.87
CA GLU A 55 -30.12 -25.62 -1.59
C GLU A 55 -29.16 -25.64 -0.42
N GLU A 56 -27.99 -26.26 -0.60
CA GLU A 56 -26.99 -26.23 0.47
C GLU A 56 -26.54 -24.81 0.74
N LEU A 57 -26.39 -24.01 -0.31
CA LEU A 57 -25.95 -22.64 -0.13
C LEU A 57 -27.00 -21.82 0.62
N LYS A 58 -28.25 -21.90 0.18
CA LYS A 58 -29.32 -21.15 0.85
C LYS A 58 -29.45 -21.59 2.30
N HIS A 59 -29.32 -22.89 2.57
CA HIS A 59 -29.37 -23.38 3.93
C HIS A 59 -28.25 -22.78 4.77
N LEU A 60 -27.04 -22.76 4.23
CA LEU A 60 -25.91 -22.17 4.93
C LEU A 60 -26.13 -20.68 5.19
N LEU A 61 -26.60 -19.94 4.17
CA LEU A 61 -26.68 -18.50 4.26
C LEU A 61 -27.82 -18.01 5.14
N SER A 62 -28.79 -18.87 5.47
CA SER A 62 -29.82 -18.50 6.45
C SER A 62 -29.31 -18.60 7.87
N ARG A 63 -28.23 -19.35 8.09
CA ARG A 63 -27.64 -19.62 9.40
C ARG A 63 -26.53 -18.64 9.76
N ILE A 64 -26.11 -17.81 8.80
CA ILE A 64 -25.05 -16.82 8.99
C ILE A 64 -25.53 -15.66 9.86
N ASN A 65 -24.61 -15.08 10.65
CA ASN A 65 -24.95 -13.88 11.42
C ASN A 65 -24.27 -12.62 10.92
N HIS A 66 -23.17 -12.73 10.17
CA HIS A 66 -22.54 -11.57 9.56
C HIS A 66 -22.07 -11.91 8.15
N PHE A 67 -22.07 -10.90 7.30
CA PHE A 67 -21.97 -11.11 5.86
C PHE A 67 -21.45 -9.81 5.27
N GLU A 68 -20.33 -9.87 4.54
CA GLU A 68 -19.71 -8.65 4.02
C GLU A 68 -18.98 -8.94 2.71
N LYS A 69 -19.32 -8.17 1.67
CA LYS A 69 -18.70 -8.32 0.36
C LYS A 69 -17.34 -7.63 0.32
N ILE A 70 -16.32 -8.36 -0.15
CA ILE A 70 -15.02 -7.77 -0.39
C ILE A 70 -14.58 -8.11 -1.81
N GLN A 71 -13.81 -7.20 -2.41
CA GLN A 71 -13.09 -7.47 -3.64
C GLN A 71 -11.91 -8.40 -3.35
N ILE A 72 -11.74 -9.47 -4.14
CA ILE A 72 -10.61 -10.37 -3.90
C ILE A 72 -9.65 -10.44 -5.08
N ILE A 73 -10.16 -10.27 -6.30
CA ILE A 73 -9.35 -10.27 -7.52
C ILE A 73 -9.81 -9.12 -8.39
N PRO A 74 -9.12 -7.97 -8.37
CA PRO A 74 -9.60 -6.80 -9.14
C PRO A 74 -9.78 -7.10 -10.62
N LYS A 75 -10.86 -6.56 -11.18
CA LYS A 75 -11.12 -6.68 -12.62
C LYS A 75 -9.98 -6.09 -13.44
N SER A 76 -9.33 -5.05 -12.92
CA SER A 76 -8.25 -4.40 -13.63
C SER A 76 -6.97 -5.23 -13.60
N SER A 77 -6.97 -6.37 -12.93
CA SER A 77 -5.78 -7.20 -12.90
C SER A 77 -5.61 -8.03 -14.17
N TRP A 78 -6.63 -8.12 -15.02
CA TRP A 78 -6.60 -8.97 -16.22
C TRP A 78 -5.98 -8.20 -17.38
N SER A 79 -4.73 -8.54 -17.75
CA SER A 79 -3.97 -7.76 -18.71
C SER A 79 -3.85 -8.40 -20.09
N ASN A 80 -4.04 -9.72 -20.21
CA ASN A 80 -3.98 -10.38 -21.51
C ASN A 80 -5.30 -11.10 -21.84
N HIS A 81 -6.35 -10.76 -21.12
CA HIS A 81 -7.72 -11.17 -21.40
C HIS A 81 -8.60 -9.94 -21.27
N ASP A 82 -9.63 -9.87 -22.10
CA ASP A 82 -10.55 -8.73 -22.15
C ASP A 82 -11.53 -8.82 -20.99
N ALA A 83 -11.50 -7.85 -20.10
CA ALA A 83 -12.38 -7.83 -18.94
C ALA A 83 -13.53 -6.84 -19.07
N SER A 84 -13.70 -6.20 -20.23
CA SER A 84 -14.78 -5.24 -20.40
C SER A 84 -15.84 -5.63 -21.42
N SER A 85 -15.53 -6.50 -22.39
CA SER A 85 -16.48 -6.84 -23.44
C SER A 85 -17.43 -7.98 -23.09
N GLY A 86 -17.24 -8.64 -21.95
CA GLY A 86 -18.15 -9.71 -21.58
C GLY A 86 -19.47 -9.22 -21.02
N VAL A 87 -20.34 -8.72 -21.90
CA VAL A 87 -21.66 -8.24 -21.52
C VAL A 87 -22.72 -8.84 -22.45
N SER A 88 -23.98 -8.67 -22.08
CA SER A 88 -25.08 -9.25 -22.82
C SER A 88 -26.34 -8.41 -22.65
N SER A 89 -27.11 -8.27 -23.72
CA SER A 89 -28.43 -7.64 -23.58
C SER A 89 -29.35 -8.42 -22.66
N ALA A 90 -29.00 -9.67 -22.31
CA ALA A 90 -29.74 -10.40 -21.29
C ALA A 90 -29.56 -9.81 -19.90
N CYS A 91 -28.52 -9.01 -19.67
CA CYS A 91 -28.23 -8.47 -18.35
C CYS A 91 -28.13 -6.95 -18.46
N PRO A 92 -29.25 -6.26 -18.67
CA PRO A 92 -29.19 -4.80 -18.88
C PRO A 92 -28.91 -4.05 -17.58
N TYR A 93 -28.16 -2.97 -17.70
CA TYR A 93 -27.97 -2.02 -16.62
C TYR A 93 -28.24 -0.65 -17.21
N LEU A 94 -29.26 0.03 -16.69
CA LEU A 94 -29.74 1.29 -17.30
C LEU A 94 -29.95 1.10 -18.80
N GLY A 95 -30.48 -0.06 -19.18
CA GLY A 95 -30.74 -0.39 -20.56
C GLY A 95 -29.56 -0.95 -21.33
N ARG A 96 -28.32 -0.71 -20.91
CA ARG A 96 -27.19 -1.14 -21.70
C ARG A 96 -26.81 -2.58 -21.36
N SER A 97 -26.27 -3.27 -22.36
CA SER A 97 -25.74 -4.62 -22.12
C SER A 97 -24.76 -4.58 -20.97
N SER A 98 -24.94 -5.51 -20.03
CA SER A 98 -24.08 -5.56 -18.85
C SER A 98 -23.96 -7.02 -18.42
N PHE A 99 -23.64 -7.24 -17.15
CA PHE A 99 -23.47 -8.61 -16.67
C PHE A 99 -23.52 -8.60 -15.15
N PHE A 100 -23.63 -9.78 -14.56
CA PHE A 100 -23.45 -9.91 -13.11
C PHE A 100 -22.23 -9.09 -12.68
N ARG A 101 -22.40 -8.21 -11.70
CA ARG A 101 -21.35 -7.24 -11.37
C ARG A 101 -20.25 -7.80 -10.47
N ASN A 102 -20.42 -8.97 -9.88
CA ASN A 102 -19.49 -9.49 -8.90
C ASN A 102 -18.55 -10.54 -9.49
N VAL A 103 -18.72 -10.86 -10.78
CA VAL A 103 -17.84 -11.75 -11.52
C VAL A 103 -17.46 -11.07 -12.83
N VAL A 104 -16.51 -11.68 -13.54
CA VAL A 104 -15.98 -11.11 -14.77
C VAL A 104 -16.06 -12.15 -15.85
N TRP A 105 -16.75 -11.83 -16.95
CA TRP A 105 -16.88 -12.72 -18.10
C TRP A 105 -15.69 -12.46 -19.00
N LEU A 106 -14.63 -13.25 -18.81
CA LEU A 106 -13.37 -12.99 -19.49
C LEU A 106 -13.50 -13.36 -20.97
N ILE A 107 -12.99 -12.49 -21.82
CA ILE A 107 -13.06 -12.64 -23.26
C ILE A 107 -11.62 -12.70 -23.78
N LYS A 108 -11.43 -13.36 -24.92
CA LYS A 108 -10.12 -13.32 -25.57
C LYS A 108 -9.70 -11.88 -25.81
N LYS A 109 -8.40 -11.67 -25.99
CA LYS A 109 -7.85 -10.35 -26.31
C LYS A 109 -6.77 -10.51 -27.39
N ASN A 110 -6.85 -9.67 -28.43
CA ASN A 110 -5.96 -9.75 -29.59
C ASN A 110 -5.99 -11.16 -30.18
N SER A 111 -7.19 -11.70 -30.32
CA SER A 111 -7.38 -13.04 -30.90
C SER A 111 -6.56 -14.12 -30.18
N ALA A 112 -6.47 -14.01 -28.85
CA ALA A 112 -5.78 -15.03 -28.07
C ALA A 112 -6.36 -15.08 -26.66
N TYR A 113 -6.44 -16.28 -26.12
CA TYR A 113 -6.85 -16.49 -24.73
C TYR A 113 -5.76 -17.37 -24.12
N PRO A 114 -4.71 -16.76 -23.58
CA PRO A 114 -3.67 -17.57 -22.92
C PRO A 114 -4.23 -18.23 -21.65
N THR A 115 -3.56 -19.30 -21.25
CA THR A 115 -4.01 -20.09 -20.11
C THR A 115 -3.88 -19.27 -18.82
N ILE A 116 -4.98 -19.16 -18.10
CA ILE A 116 -5.01 -18.45 -16.84
C ILE A 116 -4.54 -19.38 -15.72
N LYS A 117 -3.63 -18.90 -14.89
CA LYS A 117 -3.25 -19.56 -13.64
C LYS A 117 -3.30 -18.52 -12.52
N ARG A 118 -4.28 -18.62 -11.65
CA ARG A 118 -4.54 -17.61 -10.63
C ARG A 118 -4.86 -18.31 -9.33
N SER A 119 -4.38 -17.73 -8.24
CA SER A 119 -4.54 -18.26 -6.91
C SER A 119 -5.02 -17.15 -6.01
N TYR A 120 -5.85 -17.50 -5.05
CA TYR A 120 -6.29 -16.54 -4.05
C TYR A 120 -6.22 -17.22 -2.70
N ASN A 121 -5.59 -16.55 -1.74
CA ASN A 121 -5.45 -17.06 -0.37
C ASN A 121 -6.33 -16.23 0.55
N ASN A 122 -7.24 -16.90 1.26
CA ASN A 122 -8.12 -16.22 2.20
C ASN A 122 -7.33 -15.91 3.47
N THR A 123 -6.62 -14.77 3.45
CA THR A 123 -5.90 -14.31 4.63
C THR A 123 -6.77 -13.50 5.56
N ASN A 124 -8.05 -13.35 5.26
CA ASN A 124 -8.96 -12.78 6.22
C ASN A 124 -9.14 -13.77 7.36
N GLN A 125 -9.82 -13.36 8.42
CA GLN A 125 -10.00 -14.27 9.53
C GLN A 125 -11.41 -14.85 9.58
N GLU A 126 -12.22 -14.58 8.57
CA GLU A 126 -13.50 -15.23 8.43
C GLU A 126 -13.50 -16.15 7.21
N ASP A 127 -14.46 -17.07 7.22
CA ASP A 127 -14.74 -17.89 6.06
C ASP A 127 -15.14 -17.00 4.88
N LEU A 128 -14.73 -17.42 3.69
CA LEU A 128 -14.95 -16.65 2.47
C LEU A 128 -15.71 -17.51 1.48
N LEU A 129 -16.88 -17.01 1.07
CA LEU A 129 -17.70 -17.68 0.06
C LEU A 129 -17.28 -17.15 -1.31
N VAL A 130 -16.81 -18.05 -2.18
CA VAL A 130 -16.25 -17.68 -3.47
C VAL A 130 -17.14 -18.29 -4.54
N LEU A 131 -17.46 -17.49 -5.56
CA LEU A 131 -18.35 -17.86 -6.66
C LEU A 131 -17.61 -17.76 -7.99
N TRP A 132 -17.87 -18.70 -8.90
CA TRP A 132 -17.33 -18.60 -10.25
C TRP A 132 -18.29 -19.30 -11.19
N GLY A 133 -17.96 -19.30 -12.48
CA GLY A 133 -18.84 -19.95 -13.43
C GLY A 133 -18.12 -20.40 -14.68
N ILE A 134 -18.88 -21.12 -15.54
CA ILE A 134 -18.42 -21.59 -16.84
C ILE A 134 -19.49 -21.24 -17.86
N HIS A 135 -19.06 -20.83 -19.04
CA HIS A 135 -19.97 -20.53 -20.12
C HIS A 135 -20.04 -21.70 -21.10
N HIS A 136 -21.25 -22.16 -21.37
CA HIS A 136 -21.56 -23.19 -22.37
C HIS A 136 -22.12 -22.52 -23.61
N PRO A 137 -21.32 -22.27 -24.64
CA PRO A 137 -21.79 -21.50 -25.80
C PRO A 137 -22.76 -22.30 -26.66
N ASN A 138 -23.46 -21.56 -27.53
CA ASN A 138 -24.45 -22.16 -28.42
C ASN A 138 -23.81 -22.95 -29.56
N ASP A 139 -22.71 -22.45 -30.14
CA ASP A 139 -22.08 -23.21 -31.24
C ASP A 139 -20.57 -22.94 -31.27
N ALA A 140 -19.89 -23.65 -32.17
CA ALA A 140 -18.43 -23.58 -32.28
C ALA A 140 -17.96 -22.21 -32.75
N ALA A 141 -18.76 -21.54 -33.57
CA ALA A 141 -18.37 -20.20 -34.01
C ALA A 141 -18.32 -19.24 -32.83
N GLU A 142 -19.33 -19.31 -31.95
CA GLU A 142 -19.33 -18.50 -30.74
C GLU A 142 -18.20 -18.89 -29.80
N GLN A 143 -17.88 -20.19 -29.70
CA GLN A 143 -16.76 -20.63 -28.85
C GLN A 143 -15.47 -19.93 -29.25
N THR A 144 -15.14 -19.92 -30.53
CA THR A 144 -13.88 -19.29 -30.93
C THR A 144 -14.01 -17.77 -30.98
N LYS A 145 -15.19 -17.24 -31.30
CA LYS A 145 -15.39 -15.80 -31.25
C LYS A 145 -15.09 -15.23 -29.86
N LEU A 146 -15.55 -15.92 -28.82
CA LEU A 146 -15.36 -15.42 -27.46
C LEU A 146 -14.02 -15.85 -26.87
N TYR A 147 -13.56 -17.08 -27.13
CA TYR A 147 -12.41 -17.58 -26.38
C TYR A 147 -11.26 -18.02 -27.26
N GLN A 148 -11.37 -17.89 -28.58
CA GLN A 148 -10.35 -18.32 -29.53
C GLN A 148 -10.11 -19.83 -29.53
N ASN A 149 -9.67 -20.37 -28.40
CA ASN A 149 -9.41 -21.80 -28.29
C ASN A 149 -10.69 -22.60 -28.48
N PRO A 150 -10.73 -23.58 -29.36
CA PRO A 150 -11.96 -24.36 -29.55
C PRO A 150 -12.21 -25.38 -28.44
N THR A 151 -11.15 -25.87 -27.80
CA THR A 151 -11.27 -26.96 -26.85
C THR A 151 -10.75 -26.49 -25.49
N THR A 152 -11.63 -26.33 -24.51
CA THR A 152 -11.26 -25.61 -23.32
C THR A 152 -11.69 -26.35 -22.07
N TYR A 153 -11.22 -25.83 -20.93
CA TYR A 153 -11.52 -26.45 -19.65
C TYR A 153 -11.47 -25.36 -18.57
N ILE A 154 -12.00 -25.71 -17.41
CA ILE A 154 -11.87 -24.90 -16.20
C ILE A 154 -11.48 -25.82 -15.07
N SER A 155 -10.42 -25.49 -14.38
CA SER A 155 -9.91 -26.35 -13.33
C SER A 155 -9.83 -25.54 -12.04
N VAL A 156 -10.51 -26.01 -11.00
CA VAL A 156 -10.61 -25.28 -9.74
C VAL A 156 -10.20 -26.21 -8.61
N GLY A 157 -9.27 -25.74 -7.78
CA GLY A 157 -8.81 -26.52 -6.65
C GLY A 157 -8.77 -25.73 -5.35
N THR A 158 -9.20 -26.40 -4.27
CA THR A 158 -8.83 -25.97 -2.93
C THR A 158 -8.27 -27.18 -2.19
N SER A 159 -8.11 -27.09 -0.87
CA SER A 159 -7.65 -28.22 -0.09
C SER A 159 -8.65 -29.38 -0.11
N THR A 160 -9.94 -29.09 -0.35
CA THR A 160 -10.98 -30.12 -0.42
C THR A 160 -11.71 -30.18 -1.75
N LEU A 161 -11.44 -29.29 -2.69
CA LEU A 161 -12.12 -29.31 -3.97
C LEU A 161 -11.11 -29.63 -5.07
N ASN A 162 -11.56 -30.39 -6.09
CA ASN A 162 -10.68 -30.76 -7.20
C ASN A 162 -11.58 -30.95 -8.43
N GLN A 163 -12.11 -29.83 -8.92
CA GLN A 163 -13.10 -29.83 -9.99
C GLN A 163 -12.45 -29.53 -11.33
N ARG A 164 -12.78 -30.31 -12.34
CA ARG A 164 -12.36 -29.98 -13.69
C ARG A 164 -13.55 -30.10 -14.63
N LEU A 165 -13.83 -29.02 -15.35
CA LEU A 165 -15.02 -28.91 -16.20
C LEU A 165 -14.61 -28.63 -17.63
N VAL A 166 -15.36 -29.20 -18.57
CA VAL A 166 -15.23 -28.92 -19.99
C VAL A 166 -16.56 -28.31 -20.44
N PRO A 167 -16.55 -27.21 -21.18
CA PRO A 167 -17.83 -26.67 -21.65
C PRO A 167 -18.50 -27.59 -22.65
N GLU A 168 -19.82 -27.59 -22.60
CA GLU A 168 -20.65 -28.21 -23.60
C GLU A 168 -21.11 -27.15 -24.59
N ILE A 169 -20.85 -27.37 -25.86
CA ILE A 169 -21.30 -26.48 -26.93
C ILE A 169 -22.63 -27.03 -27.47
N ALA A 170 -23.72 -26.30 -27.27
CA ALA A 170 -25.05 -26.79 -27.62
C ALA A 170 -26.04 -25.63 -27.71
N THR A 171 -26.89 -25.64 -28.75
CA THR A 171 -27.95 -24.65 -28.89
C THR A 171 -29.13 -24.96 -27.99
N ARG A 172 -29.55 -24.00 -27.18
CA ARG A 172 -30.68 -24.16 -26.28
C ARG A 172 -31.81 -23.20 -26.67
N PRO A 173 -33.03 -23.47 -26.21
CA PRO A 173 -34.10 -22.48 -26.41
C PRO A 173 -33.69 -21.17 -25.81
N LYS A 174 -34.09 -20.08 -26.48
CA LYS A 174 -33.71 -18.75 -26.05
C LYS A 174 -34.37 -18.39 -24.73
N VAL A 175 -33.55 -17.96 -23.77
CA VAL A 175 -34.02 -17.34 -22.55
C VAL A 175 -33.32 -15.99 -22.48
N ASN A 176 -34.12 -14.92 -22.33
CA ASN A 176 -33.66 -13.53 -22.45
C ASN A 176 -32.79 -13.31 -23.67
N GLY A 177 -33.18 -13.92 -24.79
CA GLY A 177 -32.43 -13.80 -26.02
C GLY A 177 -31.26 -14.76 -26.15
N GLN A 178 -30.99 -15.59 -25.15
CA GLN A 178 -29.73 -16.33 -25.11
C GLN A 178 -29.96 -17.82 -25.34
N SER A 179 -29.35 -18.36 -26.37
CA SER A 179 -29.40 -19.79 -26.60
C SER A 179 -28.23 -20.55 -25.99
N GLY A 180 -27.24 -19.83 -25.43
CA GLY A 180 -26.23 -20.41 -24.57
C GLY A 180 -26.70 -20.45 -23.12
N ARG A 181 -25.84 -20.98 -22.25
CA ARG A 181 -26.12 -21.17 -20.82
C ARG A 181 -24.85 -20.95 -20.00
N MET A 182 -25.03 -20.65 -18.72
CA MET A 182 -23.91 -20.57 -17.80
C MET A 182 -24.20 -21.42 -16.58
N GLU A 183 -23.13 -21.99 -16.04
CA GLU A 183 -23.21 -22.80 -14.85
C GLU A 183 -22.33 -22.16 -13.77
N PHE A 184 -22.91 -21.91 -12.60
CA PHE A 184 -22.21 -21.24 -11.51
C PHE A 184 -21.94 -22.19 -10.35
N PHE A 185 -20.81 -21.96 -9.68
CA PHE A 185 -20.34 -22.79 -8.59
C PHE A 185 -19.90 -21.92 -7.42
N TRP A 186 -19.80 -22.55 -6.25
CA TRP A 186 -19.39 -21.83 -5.07
C TRP A 186 -18.65 -22.79 -4.15
N THR A 187 -17.80 -22.23 -3.31
CA THR A 187 -17.20 -22.98 -2.22
C THR A 187 -16.95 -21.99 -1.08
N ILE A 188 -16.65 -22.53 0.10
CA ILE A 188 -16.27 -21.75 1.26
C ILE A 188 -14.78 -21.99 1.50
N LEU A 189 -13.98 -20.94 1.40
CA LEU A 189 -12.56 -21.02 1.80
C LEU A 189 -12.45 -20.71 3.29
N LYS A 190 -11.90 -21.66 4.04
CA LYS A 190 -11.58 -21.38 5.45
C LYS A 190 -10.40 -20.43 5.51
N PRO A 191 -10.24 -19.71 6.62
CA PRO A 191 -9.07 -18.82 6.76
C PRO A 191 -7.79 -19.56 6.46
N ASN A 192 -6.94 -18.94 5.65
CA ASN A 192 -5.63 -19.39 5.22
C ASN A 192 -5.68 -20.50 4.18
N ASP A 193 -6.84 -20.91 3.69
CA ASP A 193 -6.76 -21.82 2.56
C ASP A 193 -6.70 -21.01 1.28
N ALA A 194 -6.20 -21.67 0.23
CA ALA A 194 -6.08 -21.07 -1.08
C ALA A 194 -7.05 -21.73 -2.04
N ILE A 195 -7.39 -20.98 -3.07
CA ILE A 195 -8.15 -21.47 -4.21
C ILE A 195 -7.31 -21.19 -5.43
N ASN A 196 -7.33 -22.12 -6.38
CA ASN A 196 -6.54 -22.04 -7.59
C ASN A 196 -7.47 -22.18 -8.79
N PHE A 197 -7.31 -21.30 -9.76
CA PHE A 197 -8.11 -21.28 -10.98
C PHE A 197 -7.21 -21.46 -12.18
N GLU A 198 -7.55 -22.40 -13.05
CA GLU A 198 -6.83 -22.57 -14.31
C GLU A 198 -7.82 -22.73 -15.45
N SER A 199 -7.62 -22.01 -16.54
CA SER A 199 -8.56 -22.06 -17.65
C SER A 199 -7.93 -21.50 -18.92
N ASN A 200 -8.29 -22.11 -20.05
CA ASN A 200 -7.98 -21.55 -21.35
C ASN A 200 -9.24 -21.13 -22.10
N GLY A 201 -10.34 -20.95 -21.39
CA GLY A 201 -11.56 -20.38 -21.96
C GLY A 201 -12.80 -20.70 -21.15
N ASN A 202 -13.88 -19.96 -21.45
CA ASN A 202 -15.23 -20.17 -20.93
C ASN A 202 -15.35 -19.94 -19.42
N PHE A 203 -14.38 -19.27 -18.82
CA PHE A 203 -14.27 -19.07 -17.38
C PHE A 203 -14.97 -17.77 -16.96
N ILE A 204 -15.89 -17.85 -16.00
CA ILE A 204 -16.50 -16.66 -15.41
C ILE A 204 -15.79 -16.48 -14.07
N ALA A 205 -14.89 -15.50 -14.01
CA ALA A 205 -13.94 -15.39 -12.91
C ALA A 205 -14.54 -14.62 -11.74
N PRO A 206 -14.15 -14.91 -10.51
CA PRO A 206 -14.54 -14.05 -9.39
C PRO A 206 -13.92 -12.66 -9.53
N GLU A 207 -14.68 -11.65 -9.13
CA GLU A 207 -14.07 -10.40 -8.70
C GLU A 207 -14.33 -10.14 -7.22
N TYR A 208 -15.59 -10.24 -6.80
CA TYR A 208 -15.99 -10.06 -5.42
C TYR A 208 -16.35 -11.39 -4.77
N ALA A 209 -16.18 -11.44 -3.44
CA ALA A 209 -16.54 -12.60 -2.65
C ALA A 209 -17.07 -12.10 -1.31
N TYR A 210 -17.49 -13.02 -0.44
CA TYR A 210 -18.26 -12.65 0.74
C TYR A 210 -17.65 -13.26 1.99
N LYS A 211 -17.26 -12.39 2.93
CA LYS A 211 -16.88 -12.86 4.26
C LYS A 211 -18.16 -13.19 5.02
N ILE A 212 -18.18 -14.35 5.65
CA ILE A 212 -19.37 -14.79 6.37
C ILE A 212 -18.95 -15.30 7.74
N VAL A 213 -19.79 -15.02 8.74
CA VAL A 213 -19.61 -15.58 10.08
C VAL A 213 -20.89 -16.32 10.46
N LYS A 214 -20.73 -17.55 10.94
CA LYS A 214 -21.83 -18.38 11.39
C LYS A 214 -22.06 -18.12 12.88
N LYS A 215 -23.34 -18.13 13.29
CA LYS A 215 -23.70 -17.78 14.67
C LYS A 215 -22.93 -18.61 15.68
N GLY A 216 -22.59 -17.95 16.80
CA GLY A 216 -21.83 -18.60 17.87
C GLY A 216 -20.40 -18.90 17.46
N ASP A 217 -19.89 -20.03 17.94
CA ASP A 217 -18.53 -20.48 17.71
C ASP A 217 -17.49 -19.40 18.06
N GLU B 1 15.07 -8.76 -23.28
CA GLU B 1 15.86 -8.36 -22.12
C GLU B 1 15.54 -6.94 -21.76
N ILE B 2 15.45 -6.69 -20.47
CA ILE B 2 15.36 -5.34 -19.94
C ILE B 2 16.64 -5.13 -19.16
N VAL B 3 17.42 -4.14 -19.57
CA VAL B 3 18.71 -3.90 -18.91
C VAL B 3 18.43 -3.20 -17.59
N MET B 4 18.93 -3.80 -16.50
CA MET B 4 18.80 -3.26 -15.15
C MET B 4 20.15 -2.68 -14.72
N THR B 5 20.17 -1.41 -14.33
CA THR B 5 21.41 -0.71 -14.01
C THR B 5 21.35 -0.19 -12.58
N GLN B 6 22.24 -0.70 -11.73
CA GLN B 6 22.30 -0.31 -10.32
C GLN B 6 23.40 0.72 -10.09
N SER B 7 23.16 1.67 -9.19
CA SER B 7 24.20 2.65 -8.79
C SER B 7 24.07 2.97 -7.30
N PRO B 8 25.17 3.03 -6.56
CA PRO B 8 26.51 2.63 -7.01
C PRO B 8 26.64 1.10 -7.01
N LEU B 9 27.73 0.59 -7.54
CA LEU B 9 28.01 -0.83 -7.47
C LEU B 9 28.61 -1.23 -6.13
N THR B 10 29.26 -0.29 -5.44
CA THR B 10 29.80 -0.47 -4.10
C THR B 10 29.32 0.71 -3.27
N LEU B 11 28.71 0.43 -2.11
CA LEU B 11 28.01 1.45 -1.32
C LEU B 11 28.59 1.44 0.08
N PRO B 12 29.55 2.32 0.38
CA PRO B 12 30.05 2.40 1.75
C PRO B 12 29.19 3.33 2.57
N VAL B 13 28.78 2.89 3.75
CA VAL B 13 27.85 3.66 4.57
C VAL B 13 28.29 3.59 6.03
N THR B 14 28.13 4.70 6.73
CA THR B 14 28.45 4.73 8.14
C THR B 14 27.45 3.89 8.91
N PRO B 15 27.91 3.06 9.85
CA PRO B 15 26.97 2.26 10.65
C PRO B 15 25.92 3.15 11.29
N GLY B 16 24.66 2.69 11.23
CA GLY B 16 23.56 3.45 11.77
C GLY B 16 23.00 4.54 10.86
N ALA B 17 23.71 4.93 9.80
CA ALA B 17 23.25 5.96 8.88
C ALA B 17 22.31 5.40 7.80
N PRO B 18 21.53 6.26 7.16
CA PRO B 18 20.69 5.80 6.03
C PRO B 18 21.50 5.54 4.78
N ALA B 19 20.96 4.67 3.94
CA ALA B 19 21.62 4.33 2.68
C ALA B 19 20.55 4.20 1.63
N SER B 20 20.95 4.37 0.37
CA SER B 20 20.00 4.35 -0.72
C SER B 20 20.68 3.71 -1.93
N ILE B 21 20.00 2.77 -2.58
CA ILE B 21 20.52 2.09 -3.77
C ILE B 21 19.55 2.33 -4.93
N SER B 22 20.07 2.82 -6.06
CA SER B 22 19.21 3.14 -7.19
C SER B 22 19.29 2.03 -8.23
N CYS B 23 18.15 1.76 -8.86
CA CYS B 23 18.04 0.74 -9.90
C CYS B 23 17.20 1.34 -11.02
N ARG B 24 17.74 1.36 -12.25
CA ARG B 24 17.04 1.90 -13.40
C ARG B 24 16.86 0.80 -14.44
N SER B 25 15.72 0.79 -15.10
CA SER B 25 15.43 -0.20 -16.13
C SER B 25 15.40 0.48 -17.50
N SER B 26 15.78 -0.28 -18.53
CA SER B 26 15.81 0.29 -19.88
C SER B 26 14.41 0.50 -20.43
N GLN B 27 13.40 -0.06 -19.79
CA GLN B 27 12.05 0.14 -20.27
C GLN B 27 11.14 0.16 -19.04
N SER B 28 9.99 0.80 -19.15
CA SER B 28 9.08 0.89 -18.01
C SER B 28 8.64 -0.47 -17.51
N LEU B 29 8.61 -0.62 -16.18
CA LEU B 29 8.12 -1.81 -15.53
C LEU B 29 6.70 -1.66 -14.97
N LEU B 30 6.01 -0.56 -15.29
CA LEU B 30 4.65 -0.39 -14.79
C LEU B 30 3.70 -1.18 -15.68
N HIS B 31 2.93 -2.07 -15.06
CA HIS B 31 2.01 -2.94 -15.73
C HIS B 31 0.63 -2.32 -15.71
N SER B 32 -0.24 -2.80 -16.59
CA SER B 32 -1.57 -2.23 -16.70
C SER B 32 -2.40 -2.47 -15.45
N ASP B 33 -2.03 -3.45 -14.61
CA ASP B 33 -2.74 -3.64 -13.36
C ASP B 33 -2.37 -2.62 -12.30
N GLY B 34 -1.52 -1.64 -12.62
CA GLY B 34 -1.12 -0.63 -11.66
C GLY B 34 0.14 -0.94 -10.84
N TYR B 35 0.75 -2.12 -10.99
CA TYR B 35 1.94 -2.46 -10.21
C TYR B 35 3.20 -2.26 -11.03
N ASN B 36 4.28 -1.91 -10.34
CA ASN B 36 5.61 -1.99 -10.92
C ASN B 36 6.18 -3.38 -10.61
N TYR B 37 6.58 -4.11 -11.65
CA TYR B 37 7.08 -5.48 -11.47
C TYR B 37 8.58 -5.47 -11.22
N LEU B 38 8.92 -5.03 -10.02
CA LEU B 38 10.32 -4.91 -9.64
C LEU B 38 10.55 -5.41 -8.22
N ASP B 39 11.58 -6.26 -8.07
CA ASP B 39 11.96 -6.90 -6.82
C ASP B 39 13.33 -6.40 -6.36
N TRP B 40 13.57 -6.51 -5.05
CA TRP B 40 14.91 -6.38 -4.48
C TRP B 40 15.23 -7.65 -3.71
N TYR B 41 16.42 -8.21 -3.95
CA TYR B 41 16.92 -9.35 -3.21
C TYR B 41 18.23 -8.98 -2.52
N LEU B 42 18.46 -9.59 -1.38
CA LEU B 42 19.72 -9.52 -0.68
C LEU B 42 20.36 -10.90 -0.70
N GLN B 43 21.64 -10.96 -1.08
CA GLN B 43 22.43 -12.17 -0.91
C GLN B 43 23.52 -11.86 0.11
N LYS B 44 23.39 -12.45 1.26
CA LYS B 44 24.40 -12.39 2.30
C LYS B 44 25.55 -13.35 1.97
N PRO B 45 26.73 -13.07 2.49
CA PRO B 45 27.90 -13.91 2.19
C PRO B 45 27.62 -15.38 2.49
N GLY B 46 27.91 -16.23 1.51
CA GLY B 46 27.71 -17.65 1.71
C GLY B 46 26.28 -18.14 1.68
N GLN B 47 25.30 -17.27 1.39
CA GLN B 47 23.91 -17.69 1.46
C GLN B 47 23.19 -17.58 0.11
N SER B 48 22.00 -18.15 0.07
CA SER B 48 21.11 -17.95 -1.07
C SER B 48 20.54 -16.53 -1.06
N PRO B 49 20.14 -16.02 -2.24
CA PRO B 49 19.41 -14.75 -2.26
C PRO B 49 18.15 -14.86 -1.42
N GLN B 50 17.73 -13.73 -0.86
CA GLN B 50 16.49 -13.66 -0.11
C GLN B 50 15.70 -12.43 -0.51
N LEU B 51 14.38 -12.58 -0.48
CA LEU B 51 13.47 -11.52 -0.89
C LEU B 51 13.43 -10.39 0.13
N LEU B 52 13.59 -9.15 -0.35
CA LEU B 52 13.38 -7.96 0.46
C LEU B 52 12.07 -7.25 0.11
N ILE B 53 11.92 -6.86 -1.15
CA ILE B 53 10.84 -6.03 -1.66
C ILE B 53 10.29 -6.69 -2.91
N TYR B 54 8.97 -6.62 -3.09
CA TYR B 54 8.32 -7.12 -4.31
C TYR B 54 7.31 -6.08 -4.81
N LEU B 55 6.99 -6.18 -6.10
CA LEU B 55 6.07 -5.25 -6.76
C LEU B 55 6.44 -3.79 -6.43
N GLY B 56 7.74 -3.51 -6.51
CA GLY B 56 8.26 -2.16 -6.37
C GLY B 56 8.39 -1.61 -4.96
N SER B 57 7.33 -1.72 -4.15
CA SER B 57 7.30 -1.02 -2.88
C SER B 57 6.79 -1.86 -1.72
N HIS B 58 6.60 -3.17 -1.90
CA HIS B 58 5.98 -3.98 -0.86
C HIS B 58 7.04 -4.80 -0.13
N ARG B 59 7.11 -4.62 1.18
CA ARG B 59 8.10 -5.30 2.00
C ARG B 59 7.64 -6.71 2.33
N ALA B 60 8.49 -7.70 2.06
CA ALA B 60 8.17 -9.07 2.37
C ALA B 60 8.12 -9.32 3.87
N SER B 61 7.39 -10.38 4.23
CA SER B 61 7.21 -10.75 5.63
C SER B 61 8.55 -11.06 6.27
N GLY B 62 8.72 -10.63 7.51
CA GLY B 62 9.94 -10.91 8.24
C GLY B 62 11.14 -10.08 7.83
N VAL B 63 10.98 -9.18 6.86
CA VAL B 63 12.06 -8.24 6.50
C VAL B 63 12.00 -7.06 7.45
N PRO B 64 13.12 -6.63 8.04
CA PRO B 64 13.08 -5.48 8.95
C PRO B 64 12.47 -4.27 8.26
N ASP B 65 11.67 -3.51 9.00
CA ASP B 65 11.01 -2.35 8.41
C ASP B 65 11.98 -1.22 8.11
N ARG B 66 13.26 -1.36 8.47
CA ARG B 66 14.29 -0.42 8.02
C ARG B 66 14.46 -0.42 6.51
N PHE B 67 14.03 -1.47 5.81
CA PHE B 67 14.15 -1.58 4.36
C PHE B 67 12.85 -1.13 3.74
N SER B 68 12.94 -0.37 2.65
CA SER B 68 11.75 -0.03 1.88
C SER B 68 12.15 0.27 0.43
N GLY B 69 11.21 0.08 -0.48
CA GLY B 69 11.43 0.31 -1.89
C GLY B 69 10.44 1.33 -2.43
N SER B 70 10.89 2.14 -3.39
CA SER B 70 10.06 3.19 -3.99
C SER B 70 10.42 3.33 -5.46
N GLY B 71 9.73 4.22 -6.13
CA GLY B 71 9.97 4.47 -7.54
C GLY B 71 8.80 4.00 -8.38
N SER B 72 8.93 4.26 -9.68
CA SER B 72 7.92 3.89 -10.66
C SER B 72 8.51 4.05 -12.06
N GLY B 73 8.00 3.27 -13.00
CA GLY B 73 8.42 3.36 -14.38
C GLY B 73 9.79 2.75 -14.63
N THR B 74 10.80 3.59 -14.72
CA THR B 74 12.18 3.16 -14.96
C THR B 74 13.10 3.50 -13.80
N ASP B 75 12.61 4.17 -12.74
CA ASP B 75 13.46 4.66 -11.66
C ASP B 75 13.02 4.02 -10.36
N PHE B 76 13.94 3.33 -9.71
CA PHE B 76 13.58 2.64 -8.48
C PHE B 76 14.71 2.83 -7.49
N THR B 77 14.34 2.78 -6.21
CA THR B 77 15.25 3.03 -5.12
C THR B 77 14.96 2.07 -3.98
N LEU B 78 16.01 1.40 -3.50
CA LEU B 78 15.99 0.69 -2.23
C LEU B 78 16.61 1.58 -1.16
N LYS B 79 15.87 1.82 -0.09
CA LYS B 79 16.34 2.64 1.02
C LYS B 79 16.50 1.79 2.26
N ILE B 80 17.61 1.97 2.94
CA ILE B 80 17.81 1.41 4.26
C ILE B 80 17.85 2.58 5.22
N SER B 81 16.91 2.61 6.17
CA SER B 81 16.81 3.79 7.02
C SER B 81 18.00 3.89 7.97
N ARG B 82 18.45 2.76 8.53
CA ARG B 82 19.57 2.71 9.47
C ARG B 82 20.37 1.45 9.17
N VAL B 83 21.59 1.60 8.67
CA VAL B 83 22.34 0.44 8.19
C VAL B 83 22.93 -0.30 9.38
N GLU B 84 22.61 -1.58 9.51
CA GLU B 84 23.09 -2.45 10.58
C GLU B 84 24.16 -3.40 10.04
N ALA B 85 24.99 -3.91 10.95
CA ALA B 85 26.04 -4.85 10.58
C ALA B 85 25.48 -6.04 9.81
N GLU B 86 24.36 -6.60 10.28
CA GLU B 86 23.77 -7.76 9.64
C GLU B 86 23.24 -7.48 8.23
N ASP B 87 23.26 -6.23 7.75
CA ASP B 87 22.84 -5.98 6.37
C ASP B 87 23.92 -6.19 5.32
N VAL B 88 25.16 -6.58 5.68
CA VAL B 88 26.19 -6.68 4.66
C VAL B 88 25.83 -7.80 3.70
N GLY B 89 26.23 -7.60 2.45
CA GLY B 89 25.94 -8.52 1.39
C GLY B 89 25.82 -7.73 0.10
N VAL B 90 25.33 -8.41 -0.93
CA VAL B 90 25.12 -7.83 -2.25
C VAL B 90 23.62 -7.70 -2.47
N TYR B 91 23.19 -6.50 -2.91
CA TYR B 91 21.78 -6.20 -3.14
C TYR B 91 21.49 -6.18 -4.64
N TYR B 92 20.43 -6.87 -5.03
CA TYR B 92 20.05 -6.97 -6.44
C TYR B 92 18.63 -6.47 -6.60
N CYS B 93 18.42 -5.65 -7.62
CA CYS B 93 17.08 -5.47 -8.14
C CYS B 93 16.87 -6.41 -9.32
N MET B 94 15.60 -6.70 -9.61
CA MET B 94 15.25 -7.68 -10.64
C MET B 94 13.91 -7.28 -11.19
N GLN B 95 13.83 -7.08 -12.50
CA GLN B 95 12.55 -6.82 -13.15
C GLN B 95 11.82 -8.14 -13.37
N ALA B 96 10.53 -8.18 -13.07
CA ALA B 96 9.73 -9.38 -13.33
C ALA B 96 8.57 -9.09 -14.27
N LEU B 97 8.65 -7.99 -15.04
CA LEU B 97 7.64 -7.71 -16.06
C LEU B 97 7.75 -8.71 -17.21
N GLN B 98 8.97 -8.94 -17.68
CA GLN B 98 9.23 -10.01 -18.64
C GLN B 98 9.82 -11.18 -17.88
N THR B 99 10.41 -12.13 -18.61
CA THR B 99 11.26 -13.09 -17.94
C THR B 99 12.38 -12.34 -17.21
N PRO B 100 12.72 -12.73 -15.98
CA PRO B 100 13.51 -11.86 -15.10
C PRO B 100 14.86 -11.47 -15.67
N ASP B 101 15.27 -10.24 -15.36
CA ASP B 101 16.66 -9.79 -15.52
C ASP B 101 17.03 -9.11 -14.21
N PHE B 102 18.19 -9.46 -13.69
CA PHE B 102 18.69 -8.87 -12.46
C PHE B 102 19.60 -7.70 -12.80
N GLY B 103 19.72 -6.76 -11.87
CA GLY B 103 20.81 -5.80 -11.95
C GLY B 103 22.13 -6.44 -11.57
N GLN B 104 23.21 -5.67 -11.71
CA GLN B 104 24.56 -6.21 -11.51
C GLN B 104 24.81 -6.56 -10.06
N GLY B 105 24.13 -5.90 -9.13
CA GLY B 105 24.38 -6.11 -7.73
C GLY B 105 25.19 -4.98 -7.11
N THR B 106 24.80 -4.58 -5.90
CA THR B 106 25.43 -3.50 -5.16
C THR B 106 25.99 -4.05 -3.87
N ARG B 107 27.29 -3.89 -3.66
CA ARG B 107 27.93 -4.36 -2.44
C ARG B 107 27.89 -3.27 -1.38
N LEU B 108 27.37 -3.61 -0.22
CA LEU B 108 27.23 -2.67 0.89
C LEU B 108 28.45 -2.84 1.80
N GLU B 109 29.13 -1.72 2.07
CA GLU B 109 30.34 -1.67 2.89
C GLU B 109 30.05 -0.84 4.13
N ILE B 110 30.31 -1.40 5.31
CA ILE B 110 30.01 -0.72 6.57
C ILE B 110 31.31 -0.09 7.06
N LYS B 111 31.33 1.24 7.19
CA LYS B 111 32.52 1.96 7.61
C LYS B 111 32.58 2.09 9.14
N ARG B 112 32.72 0.96 9.81
CA ARG B 112 33.00 0.96 11.23
C ARG B 112 34.36 1.61 11.49
N THR B 113 34.71 1.77 12.76
CA THR B 113 35.98 2.40 13.11
C THR B 113 37.13 1.44 12.86
N VAL B 114 38.32 2.04 12.68
CA VAL B 114 39.56 1.29 12.60
C VAL B 114 39.65 0.31 13.77
N ALA B 115 40.06 -0.91 13.49
CA ALA B 115 40.29 -1.90 14.53
C ALA B 115 41.50 -2.72 14.15
N ALA B 116 42.48 -2.79 15.05
CA ALA B 116 43.71 -3.50 14.75
C ALA B 116 43.49 -5.01 14.85
N PRO B 117 44.16 -5.80 14.02
CA PRO B 117 44.00 -7.25 14.11
C PRO B 117 44.60 -7.81 15.39
N SER B 118 44.01 -8.90 15.87
CA SER B 118 44.66 -9.77 16.85
C SER B 118 45.34 -10.87 16.06
N VAL B 119 46.64 -11.02 16.24
CA VAL B 119 47.44 -11.87 15.40
C VAL B 119 47.76 -13.12 16.18
N PHE B 120 47.67 -14.26 15.52
CA PHE B 120 48.00 -15.54 16.12
C PHE B 120 48.75 -16.37 15.08
N ILE B 121 49.75 -17.13 15.51
CA ILE B 121 50.47 -18.01 14.59
C ILE B 121 50.35 -19.45 15.07
N PHE B 122 50.32 -20.40 14.12
CA PHE B 122 50.07 -21.79 14.46
C PHE B 122 51.09 -22.67 13.73
N PRO B 123 51.82 -23.51 14.43
CA PRO B 123 52.76 -24.40 13.74
C PRO B 123 52.00 -25.53 13.08
N PRO B 124 52.63 -26.28 12.17
CA PRO B 124 51.95 -27.46 11.66
C PRO B 124 51.83 -28.48 12.78
N SER B 125 50.87 -29.39 12.58
CA SER B 125 50.62 -30.47 13.52
C SER B 125 51.56 -31.62 13.21
N ASP B 126 51.91 -32.39 14.25
CA ASP B 126 52.74 -33.56 13.99
C ASP B 126 52.08 -34.51 13.02
N GLU B 127 50.74 -34.61 13.08
CA GLU B 127 50.02 -35.50 12.17
C GLU B 127 50.28 -35.13 10.71
N GLN B 128 50.29 -33.83 10.38
CA GLN B 128 50.48 -33.47 8.99
C GLN B 128 51.92 -33.65 8.56
N LEU B 129 52.87 -33.48 9.49
CA LEU B 129 54.28 -33.75 9.17
C LEU B 129 54.53 -35.18 8.76
N LYS B 130 53.85 -36.16 9.39
CA LYS B 130 54.01 -37.55 9.00
C LYS B 130 53.74 -37.80 7.53
N SER B 131 53.12 -36.84 6.84
CA SER B 131 52.66 -37.08 5.49
C SER B 131 53.48 -36.33 4.44
N GLY B 132 54.53 -35.61 4.84
CA GLY B 132 55.44 -35.02 3.87
C GLY B 132 55.44 -33.52 3.77
N THR B 133 54.48 -32.83 4.40
CA THR B 133 54.30 -31.39 4.22
C THR B 133 53.96 -30.73 5.54
N ALA B 134 54.33 -29.44 5.62
CA ALA B 134 54.08 -28.59 6.77
C ALA B 134 53.33 -27.33 6.33
N SER B 135 52.19 -27.05 6.97
CA SER B 135 51.45 -25.82 6.76
C SER B 135 51.60 -24.95 8.00
N VAL B 136 52.05 -23.72 7.83
CA VAL B 136 52.15 -22.79 8.94
C VAL B 136 51.09 -21.73 8.68
N VAL B 137 50.38 -21.33 9.73
CA VAL B 137 49.18 -20.52 9.52
C VAL B 137 49.26 -19.29 10.42
N CYS B 138 48.95 -18.14 9.85
CA CYS B 138 48.90 -16.88 10.55
C CYS B 138 47.50 -16.33 10.45
N LEU B 139 46.93 -15.95 11.58
CA LEU B 139 45.54 -15.46 11.67
C LEU B 139 45.57 -14.00 12.09
N LEU B 140 44.89 -13.17 11.32
CA LEU B 140 44.68 -11.75 11.61
C LEU B 140 43.19 -11.60 11.92
N ASN B 141 42.85 -11.38 13.19
CA ASN B 141 41.47 -11.52 13.63
C ASN B 141 40.79 -10.19 13.90
N ASN B 142 39.61 -10.01 13.31
CA ASN B 142 38.67 -8.93 13.64
C ASN B 142 39.32 -7.55 13.48
N PHE B 143 39.68 -7.22 12.25
CA PHE B 143 40.28 -5.93 11.99
C PHE B 143 39.45 -5.13 10.98
N TYR B 144 39.73 -3.83 10.93
CA TYR B 144 39.12 -2.93 9.97
C TYR B 144 40.04 -1.74 9.81
N PRO B 145 40.28 -1.23 8.58
CA PRO B 145 39.75 -1.75 7.31
C PRO B 145 40.45 -3.01 6.79
N ARG B 146 40.03 -3.39 5.60
CA ARG B 146 40.39 -4.68 5.03
C ARG B 146 41.88 -4.74 4.69
N GLU B 147 42.52 -3.61 4.41
CA GLU B 147 43.87 -3.65 3.87
C GLU B 147 44.87 -4.04 4.96
N ALA B 148 45.57 -5.15 4.72
CA ALA B 148 46.56 -5.68 5.62
C ALA B 148 47.68 -6.31 4.81
N LYS B 149 48.86 -6.39 5.42
CA LYS B 149 50.03 -7.00 4.79
C LYS B 149 50.59 -8.06 5.72
N VAL B 150 50.82 -9.26 5.21
CA VAL B 150 51.45 -10.33 5.95
C VAL B 150 52.79 -10.61 5.29
N GLN B 151 53.84 -10.69 6.09
CA GLN B 151 55.17 -11.07 5.61
C GLN B 151 55.65 -12.25 6.45
N TRP B 152 56.02 -13.34 5.80
CA TRP B 152 56.58 -14.50 6.48
C TRP B 152 58.11 -14.45 6.48
N LYS B 153 58.68 -14.92 7.58
CA LYS B 153 60.14 -15.03 7.71
C LYS B 153 60.48 -16.32 8.44
N VAL B 154 61.43 -17.06 7.88
CA VAL B 154 61.90 -18.33 8.40
C VAL B 154 63.38 -18.14 8.70
N ASP B 155 63.74 -18.18 9.98
CA ASP B 155 65.07 -17.78 10.46
C ASP B 155 65.53 -16.48 9.80
N ASN B 156 64.63 -15.51 9.85
CA ASN B 156 64.77 -14.17 9.27
C ASN B 156 65.13 -14.17 7.77
N ALA B 157 64.70 -15.19 7.04
CA ALA B 157 64.73 -15.16 5.58
C ALA B 157 63.32 -14.93 5.06
N LEU B 158 63.17 -13.96 4.18
CA LEU B 158 61.87 -13.59 3.63
C LEU B 158 61.32 -14.73 2.79
N GLN B 159 60.05 -15.03 2.97
CA GLN B 159 59.38 -16.10 2.24
C GLN B 159 58.56 -15.42 1.17
N SER B 160 58.68 -15.86 -0.07
CA SER B 160 58.16 -15.09 -1.19
C SER B 160 57.52 -16.05 -2.17
N GLY B 161 56.34 -15.65 -2.67
CA GLY B 161 55.60 -16.48 -3.60
C GLY B 161 55.04 -17.74 -2.99
N ASN B 162 55.00 -17.81 -1.67
CA ASN B 162 54.66 -19.05 -0.97
C ASN B 162 53.28 -18.99 -0.34
N SER B 163 53.01 -17.99 0.48
CA SER B 163 51.77 -17.98 1.25
C SER B 163 50.56 -17.74 0.35
N GLN B 164 49.44 -18.36 0.71
CA GLN B 164 48.13 -18.05 0.16
C GLN B 164 47.24 -17.56 1.28
N GLU B 165 46.51 -16.48 1.02
CA GLU B 165 45.70 -15.85 2.04
C GLU B 165 44.25 -15.81 1.61
N SER B 166 43.38 -15.83 2.59
CA SER B 166 41.93 -15.82 2.44
C SER B 166 41.38 -14.76 3.39
N VAL B 167 40.34 -14.04 2.95
CA VAL B 167 39.75 -12.98 3.75
C VAL B 167 38.26 -13.21 3.85
N THR B 168 37.74 -13.09 5.05
CA THR B 168 36.35 -13.21 5.34
C THR B 168 35.61 -11.95 4.86
N GLU B 169 34.30 -12.04 4.71
CA GLU B 169 33.54 -10.81 4.48
C GLU B 169 33.26 -10.15 5.82
N GLN B 170 32.80 -8.90 5.76
CA GLN B 170 32.50 -8.17 6.98
C GLN B 170 31.59 -8.97 7.90
N ASP B 171 32.08 -9.20 9.10
CA ASP B 171 31.34 -9.95 10.10
C ASP B 171 29.94 -9.37 10.31
N SER B 172 28.95 -10.25 10.42
CA SER B 172 27.56 -9.82 10.52
C SER B 172 27.23 -9.16 11.85
N LYS B 173 28.13 -9.22 12.84
CA LYS B 173 27.90 -8.60 14.14
C LYS B 173 28.76 -7.38 14.42
N ASP B 174 30.04 -7.37 14.07
CA ASP B 174 30.87 -6.20 14.36
C ASP B 174 31.47 -5.58 13.10
N SER B 175 31.17 -6.12 11.91
CA SER B 175 31.60 -5.59 10.62
C SER B 175 33.13 -5.56 10.44
N THR B 176 33.89 -6.33 11.23
CA THR B 176 35.32 -6.46 10.96
C THR B 176 35.56 -7.55 9.90
N TYR B 177 36.82 -7.65 9.50
CA TYR B 177 37.33 -8.72 8.66
C TYR B 177 38.28 -9.58 9.47
N SER B 178 38.53 -10.77 8.96
CA SER B 178 39.60 -11.64 9.43
C SER B 178 40.29 -12.21 8.21
N LEU B 179 41.55 -12.62 8.38
CA LEU B 179 42.39 -13.06 7.30
C LEU B 179 43.20 -14.25 7.79
N SER B 180 43.37 -15.23 6.91
CA SER B 180 44.12 -16.45 7.17
C SER B 180 45.18 -16.60 6.10
N SER B 181 46.44 -16.78 6.50
CA SER B 181 47.54 -16.92 5.57
C SER B 181 48.32 -18.20 5.85
N THR B 182 48.53 -19.02 4.83
CA THR B 182 49.14 -20.33 4.98
C THR B 182 50.46 -20.39 4.20
N LEU B 183 51.55 -20.66 4.94
CA LEU B 183 52.88 -20.97 4.43
C LEU B 183 53.05 -22.48 4.27
N THR B 184 53.59 -22.91 3.14
CA THR B 184 53.78 -24.33 2.84
C THR B 184 55.27 -24.67 2.68
N LEU B 185 55.71 -25.73 3.34
CA LEU B 185 57.08 -26.24 3.27
C LEU B 185 57.04 -27.75 3.26
N SER B 186 58.03 -28.35 2.60
CA SER B 186 58.22 -29.78 2.76
C SER B 186 58.68 -30.06 4.18
N LYS B 187 58.37 -31.27 4.65
CA LYS B 187 58.71 -31.63 6.01
C LYS B 187 60.21 -31.53 6.26
N ALA B 188 61.04 -32.14 5.39
CA ALA B 188 62.50 -32.06 5.57
C ALA B 188 62.97 -30.62 5.68
N ASP B 189 62.50 -29.77 4.76
CA ASP B 189 62.77 -28.34 4.82
C ASP B 189 62.34 -27.77 6.17
N TYR B 190 61.07 -27.98 6.53
CA TYR B 190 60.54 -27.40 7.78
C TYR B 190 61.44 -27.77 8.95
N GLU B 191 61.99 -28.99 8.97
CA GLU B 191 62.76 -29.39 10.15
C GLU B 191 64.17 -28.85 10.18
N LYS B 192 64.58 -28.12 9.15
CA LYS B 192 65.89 -27.49 9.10
C LYS B 192 65.95 -26.15 9.79
N HIS B 193 64.83 -25.54 10.14
CA HIS B 193 64.83 -24.17 10.62
C HIS B 193 64.23 -24.07 12.01
N LYS B 194 64.45 -22.93 12.65
CA LYS B 194 63.97 -22.73 14.02
C LYS B 194 62.85 -21.70 14.13
N VAL B 195 63.08 -20.45 13.72
CA VAL B 195 62.15 -19.35 13.99
C VAL B 195 61.18 -19.17 12.81
N TYR B 196 59.89 -19.42 13.06
CA TYR B 196 58.83 -19.18 12.09
C TYR B 196 58.07 -17.95 12.54
N ALA B 197 58.06 -16.92 11.70
CA ALA B 197 57.59 -15.61 12.11
C ALA B 197 56.59 -15.06 11.11
N CYS B 198 55.53 -14.45 11.62
CA CYS B 198 54.50 -13.81 10.81
C CYS B 198 54.45 -12.35 11.22
N GLU B 199 54.69 -11.45 10.27
CA GLU B 199 54.72 -10.03 10.60
C GLU B 199 53.58 -9.30 9.91
N VAL B 200 52.85 -8.52 10.68
CA VAL B 200 51.58 -7.96 10.26
C VAL B 200 51.67 -6.45 10.37
N THR B 201 51.37 -5.76 9.26
CA THR B 201 51.27 -4.30 9.23
C THR B 201 49.82 -3.93 8.93
N HIS B 202 49.27 -3.00 9.71
CA HIS B 202 47.88 -2.62 9.53
C HIS B 202 47.69 -1.23 10.13
N GLN B 203 46.74 -0.49 9.55
CA GLN B 203 46.51 0.91 9.92
C GLN B 203 46.16 1.06 11.40
N GLY B 204 45.54 0.04 11.99
CA GLY B 204 45.26 0.09 13.42
C GLY B 204 46.48 -0.14 14.30
N LEU B 205 47.62 -0.53 13.72
CA LEU B 205 48.83 -0.80 14.49
C LEU B 205 49.84 0.35 14.33
N SER B 206 50.37 0.83 15.45
CA SER B 206 51.33 1.94 15.42
C SER B 206 52.60 1.54 14.69
N SER B 207 53.08 0.33 14.91
CA SER B 207 54.17 -0.27 14.15
C SER B 207 53.86 -1.76 14.01
N PRO B 208 54.45 -2.42 13.02
CA PRO B 208 54.10 -3.83 12.76
C PRO B 208 54.16 -4.71 13.99
N VAL B 209 53.38 -5.79 13.96
CA VAL B 209 53.32 -6.79 15.02
C VAL B 209 53.84 -8.10 14.44
N THR B 210 54.75 -8.75 15.18
CA THR B 210 55.30 -10.05 14.81
C THR B 210 54.84 -11.11 15.80
N LYS B 211 54.35 -12.24 15.28
CA LYS B 211 54.11 -13.43 16.08
C LYS B 211 55.02 -14.53 15.57
N SER B 212 55.63 -15.27 16.49
CA SER B 212 56.58 -16.28 16.09
C SER B 212 56.54 -17.47 17.05
N PHE B 213 57.02 -18.61 16.56
CA PHE B 213 57.33 -19.72 17.45
C PHE B 213 58.68 -20.28 17.03
N ASN B 214 59.20 -21.17 17.88
CA ASN B 214 60.46 -21.83 17.63
C ASN B 214 60.11 -23.29 17.45
N ARG B 215 60.44 -23.86 16.29
CA ARG B 215 60.22 -25.29 16.08
C ARG B 215 60.97 -26.12 17.13
N VAL C 2 7.01 -24.15 3.48
CA VAL C 2 7.49 -24.76 2.23
C VAL C 2 8.98 -24.47 2.04
N GLN C 3 9.71 -25.50 1.63
CA GLN C 3 11.15 -25.45 1.38
C GLN C 3 11.44 -25.96 -0.02
N LEU C 4 12.49 -25.41 -0.64
CA LEU C 4 13.08 -25.97 -1.84
C LEU C 4 14.38 -26.66 -1.44
N VAL C 5 14.46 -27.98 -1.64
CA VAL C 5 15.65 -28.77 -1.27
C VAL C 5 16.41 -29.15 -2.53
N GLN C 6 17.63 -28.68 -2.65
CA GLN C 6 18.42 -28.98 -3.83
C GLN C 6 19.35 -30.15 -3.56
N SER C 7 19.76 -30.81 -4.64
CA SER C 7 20.63 -31.96 -4.52
C SER C 7 22.06 -31.49 -4.27
N GLY C 8 22.92 -32.44 -3.88
CA GLY C 8 24.25 -32.10 -3.41
C GLY C 8 25.18 -31.61 -4.50
N ALA C 9 26.28 -31.02 -4.06
CA ALA C 9 27.30 -30.56 -4.98
C ALA C 9 27.89 -31.71 -5.78
N GLU C 10 28.34 -31.40 -6.99
CA GLU C 10 28.87 -32.42 -7.89
C GLU C 10 30.05 -31.91 -8.70
N VAL C 11 30.89 -32.88 -9.08
CA VAL C 11 31.97 -32.70 -10.04
C VAL C 11 31.76 -33.71 -11.16
N LYS C 12 31.93 -33.24 -12.40
CA LYS C 12 31.85 -34.06 -13.60
C LYS C 12 32.87 -33.54 -14.59
N GLU C 13 33.20 -34.38 -15.58
CA GLU C 13 34.15 -33.95 -16.59
C GLU C 13 33.42 -33.31 -17.77
N THR C 14 34.18 -32.54 -18.55
CA THR C 14 33.62 -31.95 -19.77
C THR C 14 33.12 -33.07 -20.65
N GLY C 15 31.93 -32.91 -21.19
CA GLY C 15 31.33 -33.93 -22.01
C GLY C 15 30.46 -34.92 -21.28
N GLU C 16 30.49 -34.95 -19.96
CA GLU C 16 29.59 -35.89 -19.29
C GLU C 16 28.24 -35.24 -18.99
N SER C 17 27.28 -36.12 -18.71
CA SER C 17 25.91 -35.79 -18.36
C SER C 17 25.81 -35.37 -16.91
N LEU C 18 24.77 -34.60 -16.61
CA LEU C 18 24.49 -34.18 -15.24
C LEU C 18 23.02 -33.78 -15.14
N ASN C 19 22.40 -34.15 -14.02
CA ASN C 19 21.02 -33.85 -13.72
C ASN C 19 20.96 -33.41 -12.26
N ILE C 20 20.52 -32.17 -11.98
CA ILE C 20 20.42 -31.68 -10.60
C ILE C 20 18.96 -31.34 -10.32
N SER C 21 18.58 -31.44 -9.05
CA SER C 21 17.17 -31.46 -8.68
C SER C 21 16.85 -30.39 -7.66
N CYS C 22 15.56 -30.01 -7.63
CA CYS C 22 15.02 -29.03 -6.70
C CYS C 22 13.63 -29.52 -6.27
N LYS C 23 13.51 -29.96 -5.02
CA LYS C 23 12.28 -30.58 -4.52
C LYS C 23 11.46 -29.56 -3.73
N VAL C 24 10.22 -29.35 -4.15
CA VAL C 24 9.29 -28.51 -3.41
C VAL C 24 8.69 -29.36 -2.29
N SER C 25 8.98 -29.03 -1.03
CA SER C 25 8.34 -29.72 0.08
C SER C 25 6.85 -29.36 0.14
N GLY C 26 6.10 -30.06 1.01
CA GLY C 26 4.66 -29.87 1.09
C GLY C 26 3.90 -30.52 -0.05
N ASN C 27 2.60 -30.21 -0.12
CA ASN C 27 1.70 -30.79 -1.13
C ASN C 27 1.75 -30.06 -2.46
N ASN C 28 2.55 -29.00 -2.56
CA ASN C 28 2.67 -28.17 -3.75
C ASN C 28 1.31 -27.68 -4.22
N PHE C 29 0.41 -27.37 -3.27
CA PHE C 29 -0.83 -26.67 -3.61
C PHE C 29 -0.85 -25.33 -2.92
N PRO C 30 -0.97 -24.21 -3.65
CA PRO C 30 -1.02 -24.30 -5.11
C PRO C 30 0.38 -24.53 -5.69
N SER C 31 0.45 -24.92 -6.96
CA SER C 31 1.71 -25.16 -7.64
C SER C 31 2.17 -23.87 -8.31
N TYR C 32 3.40 -23.47 -8.05
CA TYR C 32 3.99 -22.29 -8.66
C TYR C 32 5.16 -22.69 -9.55
N TYR C 33 5.50 -21.79 -10.48
CA TYR C 33 6.64 -22.01 -11.35
C TYR C 33 7.95 -21.96 -10.58
N ILE C 34 8.81 -22.92 -10.85
CA ILE C 34 10.14 -22.98 -10.24
C ILE C 34 11.13 -22.46 -11.26
N SER C 35 11.89 -21.43 -10.89
CA SER C 35 12.94 -20.90 -11.75
C SER C 35 14.31 -21.44 -11.36
N TRP C 36 15.18 -21.58 -12.36
CA TRP C 36 16.58 -21.93 -12.19
C TRP C 36 17.43 -20.68 -12.46
N VAL C 37 18.39 -20.42 -11.58
CA VAL C 37 19.21 -19.23 -11.62
C VAL C 37 20.68 -19.63 -11.48
N ARG C 38 21.52 -19.12 -12.37
CA ARG C 38 22.94 -19.43 -12.33
C ARG C 38 23.73 -18.26 -11.75
N GLN C 39 24.72 -18.58 -10.93
CA GLN C 39 25.67 -17.59 -10.42
C GLN C 39 27.07 -18.13 -10.71
N MET C 40 27.74 -17.52 -11.68
CA MET C 40 29.13 -17.86 -11.94
C MET C 40 29.98 -17.43 -10.75
N PRO C 41 31.12 -18.08 -10.52
CA PRO C 41 31.96 -17.72 -9.36
C PRO C 41 32.28 -16.23 -9.31
N GLY C 42 31.92 -15.58 -8.18
CA GLY C 42 32.16 -14.16 -8.02
C GLY C 42 31.21 -13.21 -8.75
N ASN C 43 30.26 -13.74 -9.52
CA ASN C 43 29.46 -12.97 -10.47
C ASN C 43 28.05 -12.74 -9.91
N GLY C 44 27.16 -12.25 -10.75
CA GLY C 44 25.76 -12.05 -10.39
C GLY C 44 24.86 -13.21 -10.76
N LEU C 45 23.58 -12.90 -10.86
CA LEU C 45 22.53 -13.90 -11.00
C LEU C 45 21.97 -13.86 -12.42
N GLU C 46 21.77 -15.03 -12.99
CA GLU C 46 21.24 -15.15 -14.35
C GLU C 46 20.08 -16.12 -14.34
N TRP C 47 18.92 -15.64 -14.78
CA TRP C 47 17.75 -16.49 -14.91
C TRP C 47 17.90 -17.38 -16.13
N MET C 48 17.65 -18.67 -15.96
CA MET C 48 17.83 -19.65 -17.02
C MET C 48 16.54 -20.14 -17.64
N GLY C 49 15.48 -20.23 -16.85
CA GLY C 49 14.23 -20.83 -17.26
C GLY C 49 13.42 -21.20 -16.03
N ARG C 50 12.21 -21.70 -16.29
CA ARG C 50 11.32 -22.06 -15.20
C ARG C 50 10.38 -23.16 -15.67
N ILE C 51 9.76 -23.82 -14.71
CA ILE C 51 8.84 -24.91 -15.00
C ILE C 51 7.81 -24.99 -13.88
N ASP C 52 6.56 -25.22 -14.28
CA ASP C 52 5.49 -25.51 -13.34
C ASP C 52 5.42 -27.03 -13.19
N PRO C 53 5.83 -27.58 -12.04
CA PRO C 53 5.89 -29.06 -11.92
C PRO C 53 4.55 -29.76 -12.12
N SER C 54 3.44 -29.05 -11.96
CA SER C 54 2.14 -29.70 -12.07
C SER C 54 1.82 -30.10 -13.50
N ASP C 55 2.27 -29.33 -14.49
CA ASP C 55 1.97 -29.64 -15.89
C ASP C 55 3.19 -29.58 -16.78
N SER C 56 4.37 -29.32 -16.22
CA SER C 56 5.64 -29.24 -16.93
C SER C 56 5.65 -28.14 -17.99
N ASP C 57 4.74 -27.17 -17.91
CA ASP C 57 4.87 -25.98 -18.75
C ASP C 57 6.23 -25.35 -18.47
N THR C 58 6.98 -25.06 -19.52
CA THR C 58 8.39 -24.72 -19.39
C THR C 58 8.70 -23.50 -20.24
N ASN C 59 9.40 -22.52 -19.66
CA ASN C 59 9.92 -21.39 -20.41
C ASN C 59 11.43 -21.37 -20.26
N TYR C 60 12.12 -21.06 -21.35
CA TYR C 60 13.57 -21.07 -21.38
C TYR C 60 14.05 -19.67 -21.74
N ARG C 61 15.11 -19.24 -21.10
CA ARG C 61 15.84 -18.14 -21.68
C ARG C 61 16.53 -18.63 -22.95
N PRO C 62 16.31 -17.99 -24.09
CA PRO C 62 16.82 -18.54 -25.36
C PRO C 62 18.33 -18.72 -25.37
N SER C 63 19.07 -17.89 -24.63
CA SER C 63 20.52 -18.01 -24.59
C SER C 63 20.99 -19.26 -23.84
N PHE C 64 20.17 -19.81 -22.95
CA PHE C 64 20.48 -21.05 -22.26
C PHE C 64 19.87 -22.25 -22.93
N GLN C 65 18.81 -22.07 -23.71
CA GLN C 65 18.14 -23.21 -24.31
C GLN C 65 19.07 -23.92 -25.30
N GLY C 66 18.94 -25.24 -25.37
CA GLY C 66 19.80 -25.98 -26.25
C GLY C 66 20.98 -26.59 -25.51
N HIS C 67 21.69 -25.78 -24.72
CA HIS C 67 22.74 -26.38 -23.92
C HIS C 67 22.21 -27.11 -22.69
N VAL C 68 21.07 -26.66 -22.15
CA VAL C 68 20.52 -27.21 -20.91
C VAL C 68 19.03 -27.46 -21.09
N THR C 69 18.52 -28.51 -20.43
CA THR C 69 17.09 -28.77 -20.44
C THR C 69 16.54 -28.76 -19.03
N ILE C 70 15.25 -28.39 -18.93
CA ILE C 70 14.53 -28.31 -17.68
C ILE C 70 13.34 -29.25 -17.74
N SER C 71 13.12 -30.00 -16.67
CA SER C 71 11.99 -30.93 -16.63
C SER C 71 11.49 -30.99 -15.19
N ALA C 72 10.43 -31.78 -15.00
CA ALA C 72 9.80 -31.85 -13.68
C ALA C 72 9.11 -33.19 -13.51
N ASP C 73 8.94 -33.58 -12.25
CA ASP C 73 8.14 -34.73 -11.91
C ASP C 73 6.97 -34.26 -11.05
N LYS C 74 5.76 -34.52 -11.52
CA LYS C 74 4.58 -33.94 -10.89
C LYS C 74 4.32 -34.55 -9.51
N SER C 75 4.38 -35.88 -9.41
CA SER C 75 4.07 -36.56 -8.16
C SER C 75 4.95 -36.08 -7.00
N THR C 76 6.28 -36.04 -7.19
CA THR C 76 7.18 -35.54 -6.15
C THR C 76 7.32 -34.01 -6.12
N SER C 77 6.80 -33.32 -7.14
CA SER C 77 6.97 -31.86 -7.32
C SER C 77 8.44 -31.45 -7.22
N THR C 78 9.23 -32.08 -8.06
CA THR C 78 10.67 -31.86 -8.16
C THR C 78 10.98 -31.31 -9.54
N ALA C 79 11.71 -30.19 -9.59
CA ALA C 79 12.24 -29.64 -10.83
C ALA C 79 13.66 -30.12 -11.07
N TYR C 80 14.04 -30.18 -12.35
CA TYR C 80 15.37 -30.63 -12.74
C TYR C 80 16.00 -29.68 -13.74
N LEU C 81 17.33 -29.56 -13.63
CA LEU C 81 18.17 -28.92 -14.62
C LEU C 81 19.12 -30.01 -15.11
N GLN C 82 19.19 -30.19 -16.43
CA GLN C 82 19.86 -31.34 -17.02
C GLN C 82 20.81 -30.89 -18.13
N TRP C 83 22.02 -31.42 -18.11
CA TRP C 83 23.01 -31.20 -19.15
C TRP C 83 23.33 -32.54 -19.80
N ARG C 84 23.40 -32.54 -21.13
CA ARG C 84 23.88 -33.71 -21.85
C ARG C 84 25.39 -33.75 -21.98
N SER C 85 26.02 -32.61 -22.25
CA SER C 85 27.47 -32.55 -22.42
C SER C 85 28.00 -31.27 -21.77
N LEU C 86 28.52 -31.38 -20.55
CA LEU C 86 28.94 -30.21 -19.81
C LEU C 86 30.15 -29.54 -20.46
N LYS C 87 30.25 -28.23 -20.26
CA LYS C 87 31.44 -27.45 -20.56
C LYS C 87 31.98 -26.85 -19.28
N ALA C 88 33.26 -26.46 -19.34
CA ALA C 88 33.89 -25.80 -18.19
C ALA C 88 33.13 -24.54 -17.79
N SER C 89 32.53 -23.86 -18.75
CA SER C 89 31.77 -22.65 -18.44
C SER C 89 30.44 -22.95 -17.75
N ASP C 90 30.09 -24.22 -17.53
CA ASP C 90 28.96 -24.60 -16.70
C ASP C 90 29.32 -24.69 -15.22
N THR C 91 30.60 -24.52 -14.87
CA THR C 91 31.00 -24.49 -13.47
C THR C 91 30.40 -23.28 -12.77
N ALA C 92 29.52 -23.51 -11.81
CA ALA C 92 28.77 -22.42 -11.22
C ALA C 92 27.96 -22.94 -10.04
N MET C 93 27.36 -21.99 -9.34
CA MET C 93 26.31 -22.27 -8.39
C MET C 93 24.96 -22.13 -9.09
N TYR C 94 24.06 -23.07 -8.80
CA TYR C 94 22.72 -23.08 -9.39
C TYR C 94 21.69 -23.06 -8.28
N TYR C 95 20.82 -22.05 -8.30
CA TYR C 95 19.74 -21.90 -7.33
C TYR C 95 18.43 -22.15 -8.02
N CYS C 96 17.50 -22.75 -7.29
CA CYS C 96 16.13 -22.76 -7.75
C CYS C 96 15.31 -21.81 -6.87
N ALA C 97 14.19 -21.35 -7.40
CA ALA C 97 13.41 -20.35 -6.68
C ALA C 97 11.94 -20.48 -7.06
N ARG C 98 11.08 -20.24 -6.12
CA ARG C 98 9.67 -20.30 -6.31
C ARG C 98 9.04 -18.99 -6.52
N ARG C 99 8.24 -18.88 -7.56
CA ARG C 99 7.60 -17.60 -7.87
C ARG C 99 6.16 -17.65 -7.37
N ALA C 100 5.98 -17.29 -6.10
CA ALA C 100 4.63 -17.28 -5.56
C ALA C 100 3.89 -16.10 -6.19
N THR C 101 2.71 -16.37 -6.74
CA THR C 101 1.91 -15.36 -7.41
C THR C 101 0.47 -15.61 -6.97
N TYR C 102 -0.07 -14.74 -6.13
CA TYR C 102 -1.41 -15.01 -5.63
C TYR C 102 -2.03 -13.73 -5.11
N TYR C 103 -3.36 -13.70 -5.17
CA TYR C 103 -4.15 -12.64 -4.57
C TYR C 103 -4.49 -13.02 -3.12
N TYR C 104 -4.72 -12.01 -2.28
CA TYR C 104 -5.03 -12.30 -0.89
C TYR C 104 -5.79 -11.12 -0.31
N GLY C 105 -6.29 -11.31 0.91
CA GLY C 105 -6.92 -10.23 1.65
C GLY C 105 -8.07 -9.65 0.88
N SER C 106 -8.09 -8.33 0.77
CA SER C 106 -9.15 -7.66 0.00
C SER C 106 -8.66 -7.28 -1.39
N GLY C 107 -8.15 -8.24 -2.16
CA GLY C 107 -7.72 -7.94 -3.50
C GLY C 107 -6.28 -7.48 -3.63
N SER C 108 -5.46 -7.64 -2.59
CA SER C 108 -4.03 -7.39 -2.67
C SER C 108 -3.34 -8.49 -3.47
N TYR C 109 -2.12 -8.23 -3.90
CA TYR C 109 -1.44 -9.12 -4.81
C TYR C 109 0.00 -9.36 -4.35
N PHE C 110 0.46 -10.62 -4.47
CA PHE C 110 1.81 -11.04 -4.09
C PHE C 110 2.46 -11.68 -5.30
N ASP C 111 3.68 -11.26 -5.62
CA ASP C 111 4.38 -11.77 -6.81
C ASP C 111 5.88 -11.61 -6.56
N ALA C 112 6.57 -12.71 -6.28
CA ALA C 112 7.98 -12.62 -5.87
C ALA C 112 8.62 -14.00 -5.91
N PHE C 113 9.95 -14.02 -5.91
CA PHE C 113 10.70 -15.22 -5.55
C PHE C 113 10.79 -15.24 -4.02
N ASP C 114 9.79 -15.85 -3.38
CA ASP C 114 9.73 -15.79 -1.93
C ASP C 114 10.51 -16.92 -1.26
N ILE C 115 10.64 -18.07 -1.90
CA ILE C 115 11.41 -19.18 -1.34
C ILE C 115 12.52 -19.58 -2.32
N TRP C 116 13.71 -19.81 -1.78
CA TRP C 116 14.89 -20.19 -2.56
C TRP C 116 15.48 -21.48 -2.04
N GLY C 117 16.01 -22.31 -2.93
CA GLY C 117 16.79 -23.45 -2.52
C GLY C 117 18.15 -23.00 -2.02
N GLN C 118 18.88 -23.94 -1.40
CA GLN C 118 20.17 -23.63 -0.78
C GLN C 118 21.33 -23.57 -1.78
N GLY C 119 21.09 -23.88 -3.04
CA GLY C 119 22.15 -23.88 -4.04
C GLY C 119 22.77 -25.25 -4.23
N THR C 120 23.14 -25.53 -5.48
CA THR C 120 23.88 -26.73 -5.87
C THR C 120 25.14 -26.27 -6.60
N MET C 121 26.31 -26.61 -6.07
CA MET C 121 27.57 -26.23 -6.70
C MET C 121 27.98 -27.30 -7.72
N VAL C 122 28.22 -26.87 -8.95
CA VAL C 122 28.62 -27.75 -10.03
C VAL C 122 30.04 -27.36 -10.39
N THR C 123 30.95 -28.32 -10.32
CA THR C 123 32.32 -28.17 -10.77
C THR C 123 32.50 -29.10 -11.97
N VAL C 124 32.95 -28.52 -13.08
CA VAL C 124 33.27 -29.26 -14.29
C VAL C 124 34.78 -29.39 -14.33
N SER C 125 35.27 -30.62 -14.13
CA SER C 125 36.71 -30.81 -14.03
C SER C 125 37.05 -32.28 -14.26
N SER C 126 38.31 -32.49 -14.64
CA SER C 126 38.83 -33.81 -14.88
C SER C 126 39.50 -34.39 -13.63
N ALA C 127 39.88 -33.53 -12.69
CA ALA C 127 40.45 -34.01 -11.45
C ALA C 127 39.45 -34.89 -10.72
N SER C 128 39.95 -35.73 -9.83
CA SER C 128 39.05 -36.67 -9.21
C SER C 128 38.76 -36.24 -7.78
N THR C 129 37.68 -36.82 -7.25
CA THR C 129 37.22 -36.46 -5.93
C THR C 129 38.23 -36.95 -4.90
N LYS C 130 38.33 -36.19 -3.80
CA LYS C 130 39.39 -36.41 -2.83
C LYS C 130 38.91 -35.79 -1.52
N GLY C 131 38.68 -36.63 -0.52
CA GLY C 131 38.33 -36.17 0.80
C GLY C 131 39.48 -35.41 1.43
N PRO C 132 39.17 -34.55 2.38
CA PRO C 132 40.21 -33.73 3.00
C PRO C 132 40.90 -34.45 4.17
N SER C 133 42.10 -33.96 4.47
CA SER C 133 42.79 -34.24 5.72
C SER C 133 42.53 -33.03 6.60
N VAL C 134 42.22 -33.27 7.87
CA VAL C 134 41.87 -32.20 8.79
C VAL C 134 42.94 -32.15 9.86
N PHE C 135 43.47 -30.96 10.12
CA PHE C 135 44.51 -30.88 11.09
C PHE C 135 44.18 -29.79 12.10
N PRO C 136 44.71 -29.90 13.33
CA PRO C 136 44.43 -28.89 14.35
C PRO C 136 45.28 -27.63 14.18
N LEU C 137 44.65 -26.50 14.49
CA LEU C 137 45.33 -25.23 14.75
C LEU C 137 45.28 -25.04 16.27
N ALA C 138 46.35 -25.48 16.97
CA ALA C 138 46.25 -25.61 18.42
C ALA C 138 46.41 -24.24 19.08
N PRO C 139 45.69 -23.96 20.16
CA PRO C 139 45.88 -22.68 20.83
C PRO C 139 47.26 -22.58 21.47
N SER C 140 47.82 -21.38 21.40
CA SER C 140 49.17 -21.12 21.87
C SER C 140 49.24 -21.33 23.38
N SER C 141 50.35 -21.90 23.84
CA SER C 141 50.59 -22.04 25.28
C SER C 141 50.74 -20.68 25.97
N LYS C 142 51.39 -19.71 25.32
CA LYS C 142 51.58 -18.38 25.91
C LYS C 142 50.37 -17.45 25.69
N SER C 143 49.15 -17.98 25.54
CA SER C 143 47.97 -17.12 25.40
C SER C 143 47.84 -16.19 26.61
N THR C 144 47.31 -14.98 26.36
CA THR C 144 47.02 -14.01 27.42
C THR C 144 46.20 -14.63 28.55
N SER C 145 46.88 -15.26 29.50
CA SER C 145 46.32 -16.05 30.61
C SER C 145 44.94 -15.63 31.10
N GLY C 146 44.61 -14.33 31.08
CA GLY C 146 43.23 -13.94 31.31
C GLY C 146 42.58 -13.21 30.15
N GLY C 147 43.13 -13.36 28.95
CA GLY C 147 42.56 -12.77 27.76
C GLY C 147 41.83 -13.73 26.85
N THR C 148 42.18 -13.67 25.56
CA THR C 148 41.52 -14.39 24.50
C THR C 148 42.50 -15.32 23.80
N ALA C 149 42.07 -16.55 23.54
CA ALA C 149 42.87 -17.49 22.78
C ALA C 149 42.17 -17.79 21.46
N ALA C 150 42.97 -18.20 20.46
CA ALA C 150 42.45 -18.62 19.16
C ALA C 150 42.85 -20.06 18.88
N LEU C 151 41.89 -20.83 18.36
CA LEU C 151 42.13 -22.19 17.90
C LEU C 151 41.34 -22.37 16.61
N GLY C 152 41.67 -23.41 15.87
CA GLY C 152 40.91 -23.71 14.68
C GLY C 152 41.25 -25.06 14.09
N CYS C 153 40.79 -25.24 12.86
CA CYS C 153 41.00 -26.44 12.07
C CYS C 153 41.48 -26.05 10.69
N LEU C 154 42.35 -26.87 10.13
CA LEU C 154 42.86 -26.67 8.78
C LEU C 154 42.38 -27.84 7.96
N VAL C 155 41.53 -27.55 6.98
CA VAL C 155 40.90 -28.56 6.15
C VAL C 155 41.67 -28.58 4.83
N LYS C 156 42.49 -29.60 4.65
CA LYS C 156 43.57 -29.57 3.67
C LYS C 156 43.33 -30.56 2.54
N ASP C 157 43.59 -30.11 1.30
CA ASP C 157 43.73 -30.95 0.11
C ASP C 157 42.45 -31.73 -0.21
N TYR C 158 41.44 -31.03 -0.66
CA TYR C 158 40.21 -31.71 -1.06
C TYR C 158 39.77 -31.21 -2.42
N PHE C 159 38.93 -32.03 -3.07
CA PHE C 159 38.34 -31.67 -4.34
C PHE C 159 37.10 -32.52 -4.55
N PRO C 160 35.98 -31.93 -5.01
CA PRO C 160 35.85 -30.50 -5.29
C PRO C 160 35.33 -29.75 -4.09
N GLU C 161 35.00 -28.47 -4.30
CA GLU C 161 34.25 -27.70 -3.33
C GLU C 161 32.78 -28.15 -3.36
N PRO C 162 32.08 -28.01 -2.22
CA PRO C 162 32.58 -27.39 -1.00
C PRO C 162 32.72 -28.32 0.21
N VAL C 163 33.25 -27.75 1.30
CA VAL C 163 33.25 -28.34 2.63
C VAL C 163 32.37 -27.48 3.54
N THR C 164 31.70 -28.13 4.50
CA THR C 164 31.09 -27.38 5.60
C THR C 164 31.90 -27.61 6.87
N VAL C 165 31.91 -26.60 7.73
CA VAL C 165 32.59 -26.66 9.01
C VAL C 165 31.69 -26.06 10.07
N SER C 166 31.41 -26.82 11.13
CA SER C 166 30.80 -26.28 12.32
C SER C 166 31.69 -26.58 13.52
N TRP C 167 31.33 -25.98 14.65
CA TRP C 167 32.04 -26.20 15.89
C TRP C 167 31.09 -26.77 16.94
N ASN C 168 31.52 -27.87 17.55
CA ASN C 168 30.76 -28.55 18.60
C ASN C 168 29.35 -28.87 18.11
N SER C 169 29.26 -29.27 16.85
CA SER C 169 28.00 -29.66 16.22
C SER C 169 26.93 -28.58 16.35
N GLY C 170 27.36 -27.31 16.25
CA GLY C 170 26.43 -26.20 16.24
C GLY C 170 26.28 -25.48 17.56
N ALA C 171 26.79 -26.04 18.65
CA ALA C 171 26.67 -25.36 19.94
C ALA C 171 27.67 -24.23 20.14
N LEU C 172 28.67 -24.08 19.27
CA LEU C 172 29.62 -22.97 19.34
C LEU C 172 29.55 -22.19 18.03
N THR C 173 29.02 -20.97 18.10
CA THR C 173 28.95 -20.11 16.93
C THR C 173 29.64 -18.77 17.13
N SER C 174 29.62 -18.23 18.34
CA SER C 174 30.21 -16.93 18.59
C SER C 174 31.70 -16.99 18.33
N GLY C 175 32.21 -15.97 17.65
CA GLY C 175 33.63 -15.88 17.41
C GLY C 175 34.16 -16.81 16.34
N VAL C 176 33.29 -17.52 15.61
CA VAL C 176 33.72 -18.43 14.55
C VAL C 176 34.00 -17.65 13.28
N HIS C 177 35.13 -17.94 12.63
CA HIS C 177 35.45 -17.45 11.29
C HIS C 177 35.86 -18.64 10.44
N THR C 178 35.08 -18.92 9.42
CA THR C 178 35.37 -19.95 8.43
C THR C 178 35.72 -19.26 7.12
N PHE C 179 36.90 -19.52 6.62
CA PHE C 179 37.47 -18.69 5.56
C PHE C 179 37.12 -19.27 4.21
N PRO C 180 37.13 -18.42 3.18
CA PRO C 180 37.05 -18.96 1.81
C PRO C 180 38.20 -19.92 1.55
N ALA C 181 37.87 -21.00 0.86
CA ALA C 181 38.90 -21.92 0.43
C ALA C 181 39.85 -21.23 -0.54
N VAL C 182 41.07 -21.74 -0.61
CA VAL C 182 41.98 -21.34 -1.66
C VAL C 182 42.25 -22.55 -2.53
N LEU C 183 42.34 -22.33 -3.84
CA LEU C 183 42.82 -23.33 -4.77
C LEU C 183 44.35 -23.35 -4.72
N GLN C 184 44.93 -24.47 -4.34
CA GLN C 184 46.38 -24.64 -4.30
C GLN C 184 46.92 -25.09 -5.66
N SER C 185 48.23 -24.90 -5.85
CA SER C 185 48.81 -25.29 -7.14
C SER C 185 48.73 -26.80 -7.38
N SER C 186 48.45 -27.59 -6.35
CA SER C 186 48.16 -29.00 -6.57
C SER C 186 46.81 -29.22 -7.26
N GLY C 187 46.04 -28.17 -7.49
CA GLY C 187 44.67 -28.36 -7.90
C GLY C 187 43.75 -28.90 -6.83
N LEU C 188 44.12 -28.73 -5.55
CA LEU C 188 43.27 -29.11 -4.44
C LEU C 188 42.98 -27.86 -3.62
N TYR C 189 41.87 -27.92 -2.90
CA TYR C 189 41.47 -26.81 -2.06
C TYR C 189 41.99 -27.00 -0.63
N SER C 190 42.14 -25.89 0.06
CA SER C 190 42.44 -25.89 1.48
C SER C 190 41.66 -24.76 2.12
N LEU C 191 41.16 -25.03 3.32
CA LEU C 191 40.31 -24.09 4.03
C LEU C 191 40.61 -24.20 5.51
N SER C 192 40.59 -23.07 6.19
CA SER C 192 40.77 -23.02 7.63
C SER C 192 39.52 -22.40 8.24
N SER C 193 39.24 -22.81 9.47
CA SER C 193 38.12 -22.31 10.26
C SER C 193 38.64 -22.14 11.67
N VAL C 194 38.48 -20.94 12.24
CA VAL C 194 39.04 -20.60 13.54
C VAL C 194 37.91 -20.17 14.47
N VAL C 195 38.21 -20.15 15.76
CA VAL C 195 37.35 -19.59 16.79
C VAL C 195 38.22 -18.99 17.87
N THR C 196 37.82 -17.83 18.39
CA THR C 196 38.44 -17.28 19.58
C THR C 196 37.55 -17.55 20.79
N VAL C 197 38.18 -18.00 21.88
CA VAL C 197 37.50 -18.33 23.13
C VAL C 197 38.31 -17.72 24.27
N PRO C 198 37.70 -17.54 25.43
CA PRO C 198 38.49 -17.11 26.60
C PRO C 198 39.56 -18.16 26.89
N SER C 199 40.78 -17.68 27.16
CA SER C 199 41.88 -18.62 27.38
C SER C 199 41.66 -19.49 28.62
N SER C 200 40.96 -18.97 29.65
CA SER C 200 40.70 -19.80 30.82
C SER C 200 39.90 -21.05 30.45
N SER C 201 39.14 -21.00 29.37
CA SER C 201 38.32 -22.14 29.02
C SER C 201 39.10 -23.22 28.26
N LEU C 202 40.40 -23.05 28.04
CA LEU C 202 41.13 -24.14 27.40
C LEU C 202 41.35 -25.30 28.34
N GLY C 203 41.16 -25.10 29.64
CA GLY C 203 41.22 -26.17 30.61
C GLY C 203 39.89 -26.69 31.08
N THR C 204 38.77 -26.24 30.49
CA THR C 204 37.48 -26.66 30.99
C THR C 204 36.55 -27.09 29.87
N GLN C 205 36.74 -26.55 28.67
CA GLN C 205 35.80 -26.78 27.58
C GLN C 205 36.42 -27.66 26.51
N THR C 206 35.56 -28.37 25.80
CA THR C 206 35.96 -29.23 24.70
C THR C 206 35.60 -28.56 23.38
N TYR C 207 36.54 -28.57 22.43
CA TYR C 207 36.36 -27.90 21.14
C TYR C 207 36.57 -28.90 20.02
N ILE C 208 35.53 -29.12 19.23
CA ILE C 208 35.54 -30.07 18.14
C ILE C 208 35.04 -29.34 16.89
N CYS C 209 35.78 -29.45 15.81
CA CYS C 209 35.35 -28.93 14.52
C CYS C 209 34.78 -30.07 13.67
N ASN C 210 33.56 -29.87 13.15
CA ASN C 210 32.85 -30.87 12.38
C ASN C 210 33.02 -30.51 10.92
N VAL C 211 33.81 -31.30 10.21
CA VAL C 211 34.08 -31.09 8.80
C VAL C 211 33.29 -32.09 7.99
N ASN C 212 32.56 -31.60 7.00
CA ASN C 212 31.83 -32.49 6.12
C ASN C 212 32.18 -32.16 4.68
N HIS C 213 32.49 -33.20 3.91
CA HIS C 213 32.84 -33.11 2.50
C HIS C 213 31.97 -34.16 1.85
N LYS C 214 30.77 -33.72 1.47
CA LYS C 214 29.77 -34.61 0.88
C LYS C 214 30.18 -35.27 -0.42
N PRO C 215 30.87 -34.61 -1.37
CA PRO C 215 31.18 -35.31 -2.63
C PRO C 215 31.96 -36.59 -2.41
N SER C 216 32.78 -36.64 -1.36
CA SER C 216 33.58 -37.81 -1.03
C SER C 216 33.05 -38.57 0.17
N ASN C 217 31.90 -38.19 0.70
CA ASN C 217 31.35 -38.81 1.91
C ASN C 217 32.36 -38.85 3.06
N THR C 218 33.07 -37.75 3.27
CA THR C 218 34.00 -37.61 4.40
C THR C 218 33.37 -36.78 5.50
N LYS C 219 33.24 -37.38 6.68
CA LYS C 219 32.84 -36.70 7.91
C LYS C 219 33.92 -36.90 8.96
N VAL C 220 34.55 -35.80 9.38
CA VAL C 220 35.61 -35.83 10.39
C VAL C 220 35.29 -34.79 11.44
N ASP C 221 35.14 -35.23 12.70
CA ASP C 221 35.03 -34.37 13.88
C ASP C 221 36.36 -34.35 14.60
N LYS C 222 37.12 -33.29 14.41
CA LYS C 222 38.47 -33.19 14.92
C LYS C 222 38.48 -32.37 16.19
N LYS C 223 38.88 -32.99 17.28
CA LYS C 223 39.09 -32.22 18.51
C LYS C 223 40.36 -31.38 18.36
N VAL C 224 40.34 -30.17 18.93
CA VAL C 224 41.46 -29.26 18.89
C VAL C 224 41.72 -28.85 20.33
N GLU C 225 42.95 -29.01 20.79
CA GLU C 225 43.25 -28.73 22.18
C GLU C 225 44.71 -28.32 22.32
N PRO C 226 45.10 -27.69 23.43
CA PRO C 226 46.52 -27.40 23.67
C PRO C 226 47.38 -28.65 23.48
N LYS C 227 48.50 -28.47 22.80
CA LYS C 227 49.42 -29.58 22.55
C LYS C 227 50.34 -29.76 23.74
N SER C 228 50.57 -31.01 24.15
CA SER C 228 51.39 -31.27 25.32
C SER C 228 52.87 -31.19 24.97
N CYS C 229 53.66 -30.68 25.91
CA CYS C 229 55.13 -30.69 25.78
C CYS C 229 55.72 -31.98 26.33
N PRO D 5 9.38 -14.49 26.38
CA PRO D 5 9.91 -13.82 27.57
C PRO D 5 11.26 -13.29 27.21
N LEU D 6 11.55 -12.05 27.57
CA LEU D 6 12.85 -11.48 27.27
C LEU D 6 13.48 -11.06 28.59
N ILE D 7 14.61 -11.67 28.90
CA ILE D 7 15.45 -11.30 30.04
C ILE D 7 16.60 -10.45 29.50
N LEU D 8 16.91 -9.34 30.15
CA LEU D 8 17.93 -8.46 29.59
C LEU D 8 19.31 -8.79 30.16
N ARG D 9 20.27 -8.92 29.28
CA ARG D 9 21.59 -9.29 29.71
C ARG D 9 22.50 -8.14 30.03
N ASP D 10 22.63 -7.25 29.08
CA ASP D 10 23.51 -6.08 29.10
C ASP D 10 22.81 -4.77 29.40
N CYS D 11 21.47 -4.76 29.40
CA CYS D 11 20.70 -3.55 29.18
C CYS D 11 19.62 -3.39 30.24
N SER D 12 19.41 -2.15 30.65
CA SER D 12 18.23 -1.82 31.42
C SER D 12 17.00 -1.87 30.54
N VAL D 13 15.84 -1.98 31.17
CA VAL D 13 14.58 -1.91 30.44
C VAL D 13 14.48 -0.61 29.66
N ALA D 14 14.86 0.51 30.29
CA ALA D 14 14.84 1.80 29.61
C ALA D 14 15.73 1.80 28.38
N GLY D 15 16.98 1.35 28.54
CA GLY D 15 17.93 1.38 27.44
C GLY D 15 17.49 0.49 26.28
N TRP D 16 16.90 -0.65 26.61
CA TRP D 16 16.42 -1.54 25.57
C TRP D 16 15.24 -0.91 24.84
N LEU D 17 14.30 -0.31 25.59
CA LEU D 17 13.13 0.31 24.95
C LEU D 17 13.52 1.47 24.06
N LEU D 18 14.49 2.26 24.49
CA LEU D 18 14.94 3.36 23.64
C LEU D 18 15.87 2.88 22.52
N GLY D 19 16.44 1.69 22.64
CA GLY D 19 17.31 1.19 21.59
C GLY D 19 18.76 1.63 21.71
N ASN D 20 19.25 1.67 22.95
CA ASN D 20 20.65 1.89 23.24
C ASN D 20 21.46 0.96 22.35
N PRO D 21 22.25 1.49 21.42
CA PRO D 21 23.02 0.61 20.52
C PRO D 21 24.12 -0.17 21.21
N MET D 22 24.52 0.21 22.44
CA MET D 22 25.53 -0.57 23.16
C MET D 22 24.93 -1.85 23.70
N CYS D 23 23.66 -2.06 23.43
CA CYS D 23 22.92 -3.18 23.97
C CYS D 23 22.67 -4.23 22.89
N ASP D 24 22.72 -5.48 23.33
CA ASP D 24 22.44 -6.57 22.46
C ASP D 24 21.01 -6.45 22.10
N GLU D 25 20.76 -6.59 20.83
CA GLU D 25 19.41 -6.49 20.30
C GLU D 25 18.96 -7.88 19.89
N PHE D 26 17.65 -8.08 19.81
CA PHE D 26 17.13 -9.42 19.49
C PHE D 26 16.29 -9.31 18.23
N ILE D 27 17.01 -9.02 17.13
CA ILE D 27 16.43 -8.77 15.81
C ILE D 27 15.71 -9.99 15.25
N ASN D 28 16.06 -11.20 15.70
CA ASN D 28 15.39 -12.40 15.21
C ASN D 28 14.04 -12.63 15.87
N VAL D 29 13.79 -12.02 17.01
CA VAL D 29 12.55 -12.22 17.75
C VAL D 29 11.71 -10.97 17.57
N PRO D 30 10.58 -11.04 16.87
CA PRO D 30 9.78 -9.85 16.59
C PRO D 30 8.77 -9.52 17.69
N GLU D 31 8.44 -10.52 18.51
CA GLU D 31 7.50 -10.36 19.61
C GLU D 31 8.05 -11.03 20.87
N TRP D 32 7.47 -10.66 22.01
CA TRP D 32 7.87 -11.23 23.29
C TRP D 32 6.65 -11.35 24.17
N SER D 33 6.84 -12.02 25.31
CA SER D 33 5.77 -12.05 26.30
C SER D 33 5.92 -10.88 27.29
N TYR D 34 7.01 -10.86 28.06
CA TYR D 34 7.21 -9.77 29.02
C TYR D 34 8.70 -9.51 29.16
N ILE D 35 9.00 -8.45 29.92
CA ILE D 35 10.34 -7.93 30.20
C ILE D 35 10.62 -7.95 31.69
N VAL D 36 11.86 -8.33 32.01
CA VAL D 36 12.39 -8.41 33.37
C VAL D 36 13.85 -7.97 33.29
N GLU D 37 14.21 -6.97 34.10
CA GLU D 37 15.52 -6.36 34.14
C GLU D 37 16.50 -7.20 34.97
N LYS D 38 17.77 -6.78 34.96
CA LYS D 38 18.84 -7.37 35.75
C LYS D 38 19.22 -6.44 36.91
N ALA D 39 20.09 -6.92 37.79
CA ALA D 39 20.41 -6.16 38.99
C ALA D 39 21.25 -4.93 38.65
N SER D 40 22.37 -5.13 37.96
CA SER D 40 23.24 -4.04 37.52
C SER D 40 23.57 -4.25 36.05
N PRO D 41 22.66 -3.89 35.14
CA PRO D 41 22.99 -3.97 33.71
C PRO D 41 24.17 -3.08 33.38
N ALA D 42 25.02 -3.57 32.48
CA ALA D 42 26.24 -2.85 32.11
C ALA D 42 25.94 -1.55 31.37
N ASN D 43 24.84 -1.50 30.62
CA ASN D 43 24.48 -0.34 29.83
C ASN D 43 23.08 0.13 30.20
N ASP D 44 22.93 1.43 30.43
CA ASP D 44 21.66 2.04 30.79
C ASP D 44 21.28 3.10 29.76
N LEU D 45 21.72 4.33 29.96
CA LEU D 45 21.51 5.39 28.98
C LEU D 45 22.86 5.84 28.44
N CYS D 46 23.15 5.44 27.18
CA CYS D 46 24.43 5.82 26.59
C CYS D 46 24.58 7.33 26.58
N TYR D 47 23.55 8.05 26.12
CA TYR D 47 23.55 9.49 26.38
C TYR D 47 22.99 9.73 27.78
N PRO D 48 23.72 10.42 28.65
CA PRO D 48 23.29 10.51 30.05
C PRO D 48 21.97 11.25 30.14
N GLY D 49 21.15 10.85 31.11
CA GLY D 49 19.94 11.61 31.36
C GLY D 49 19.02 10.91 32.33
N ASN D 50 17.73 11.06 32.08
CA ASN D 50 16.70 10.65 33.03
C ASN D 50 15.49 10.07 32.31
N PHE D 51 14.93 9.02 32.90
CA PHE D 51 13.73 8.36 32.40
C PHE D 51 12.61 8.65 33.40
N ASN D 52 11.59 9.37 32.95
CA ASN D 52 10.53 9.81 33.85
C ASN D 52 9.56 8.66 34.18
N ASP D 53 9.11 8.62 35.43
CA ASP D 53 8.18 7.60 35.92
C ASP D 53 8.65 6.18 35.57
N TYR D 54 9.93 5.91 35.84
CA TYR D 54 10.53 4.68 35.38
C TYR D 54 10.06 3.47 36.17
N GLU D 55 9.82 3.65 37.49
CA GLU D 55 9.39 2.52 38.32
C GLU D 55 7.98 2.08 37.95
N GLU D 56 7.11 3.03 37.62
CA GLU D 56 5.75 2.69 37.21
C GLU D 56 5.75 1.88 35.92
N LEU D 57 6.62 2.25 34.97
CA LEU D 57 6.63 1.58 33.68
C LEU D 57 7.14 0.15 33.80
N LYS D 58 8.26 -0.06 34.52
CA LYS D 58 8.76 -1.42 34.71
C LYS D 58 7.75 -2.28 35.46
N HIS D 59 7.04 -1.70 36.43
CA HIS D 59 5.95 -2.43 37.08
C HIS D 59 4.90 -2.85 36.08
N LEU D 60 4.50 -1.92 35.21
CA LEU D 60 3.53 -2.23 34.15
C LEU D 60 4.07 -3.26 33.18
N LEU D 61 5.32 -3.08 32.72
CA LEU D 61 5.87 -3.93 31.68
C LEU D 61 6.21 -5.33 32.17
N SER D 62 6.27 -5.53 33.49
CA SER D 62 6.43 -6.89 34.01
C SER D 62 5.13 -7.67 33.99
N ARG D 63 3.99 -6.97 33.96
CA ARG D 63 2.70 -7.62 34.00
C ARG D 63 2.07 -7.85 32.63
N ILE D 64 2.64 -7.26 31.56
CA ILE D 64 2.09 -7.48 30.22
C ILE D 64 2.45 -8.89 29.75
N ASN D 65 1.58 -9.46 28.92
CA ASN D 65 1.82 -10.79 28.35
C ASN D 65 2.20 -10.78 26.87
N HIS D 66 2.00 -9.67 26.15
CA HIS D 66 2.45 -9.57 24.77
C HIS D 66 3.06 -8.20 24.50
N PHE D 67 4.04 -8.19 23.61
CA PHE D 67 4.95 -7.05 23.46
C PHE D 67 5.55 -7.11 22.07
N GLU D 68 5.39 -6.05 21.28
CA GLU D 68 5.81 -6.07 19.89
C GLU D 68 6.15 -4.68 19.39
N LYS D 69 7.37 -4.54 18.85
CA LYS D 69 7.83 -3.25 18.35
C LYS D 69 7.29 -2.97 16.96
N ILE D 70 6.70 -1.80 16.77
CA ILE D 70 6.30 -1.35 15.44
C ILE D 70 6.87 0.04 15.21
N GLN D 71 7.17 0.33 13.94
CA GLN D 71 7.44 1.69 13.52
C GLN D 71 6.13 2.47 13.48
N ILE D 72 6.12 3.68 14.04
CA ILE D 72 4.91 4.50 14.04
C ILE D 72 5.15 5.79 13.28
N ILE D 73 6.38 6.28 13.29
CA ILE D 73 6.69 7.51 12.56
C ILE D 73 8.01 7.31 11.81
N PRO D 74 7.97 7.04 10.51
CA PRO D 74 9.21 6.74 9.78
C PRO D 74 10.20 7.89 9.90
N LYS D 75 11.47 7.52 10.13
CA LYS D 75 12.54 8.52 10.17
C LYS D 75 12.62 9.31 8.88
N SER D 76 12.29 8.69 7.75
CA SER D 76 12.34 9.39 6.47
C SER D 76 11.20 10.37 6.29
N SER D 77 10.24 10.43 7.22
CA SER D 77 9.16 11.40 7.07
C SER D 77 9.60 12.79 7.46
N TRP D 78 10.77 12.95 8.08
CA TRP D 78 11.24 14.25 8.52
C TRP D 78 11.88 14.94 7.34
N SER D 79 11.18 15.93 6.82
CA SER D 79 11.46 16.55 5.54
C SER D 79 12.12 17.93 5.63
N ASN D 80 11.94 18.64 6.74
CA ASN D 80 12.56 19.95 6.90
C ASN D 80 13.39 20.01 8.19
N HIS D 81 13.70 18.86 8.76
CA HIS D 81 14.58 18.75 9.91
C HIS D 81 15.55 17.61 9.66
N ASP D 82 16.77 17.76 10.16
CA ASP D 82 17.79 16.74 9.93
C ASP D 82 17.52 15.58 10.86
N ALA D 83 17.25 14.40 10.29
CA ALA D 83 16.96 13.19 11.06
C ALA D 83 18.12 12.21 11.04
N SER D 84 19.24 12.57 10.47
CA SER D 84 20.35 11.65 10.38
C SER D 84 21.59 12.06 11.17
N SER D 85 21.78 13.36 11.44
CA SER D 85 22.97 13.85 12.11
C SER D 85 22.87 13.85 13.64
N GLY D 86 21.72 13.52 14.21
CA GLY D 86 21.57 13.52 15.65
C GLY D 86 22.21 12.30 16.30
N VAL D 87 23.54 12.29 16.36
CA VAL D 87 24.32 11.20 16.93
C VAL D 87 25.31 11.74 17.96
N SER D 88 25.91 10.83 18.72
CA SER D 88 26.84 11.23 19.77
C SER D 88 27.86 10.12 20.00
N SER D 89 29.12 10.52 20.25
CA SER D 89 30.13 9.55 20.66
C SER D 89 29.78 8.88 21.99
N ALA D 90 28.82 9.43 22.75
CA ALA D 90 28.37 8.74 23.95
C ALA D 90 27.59 7.47 23.62
N CYS D 91 27.09 7.34 22.38
CA CYS D 91 26.27 6.21 21.95
C CYS D 91 26.92 5.56 20.73
N PRO D 92 28.04 4.87 20.93
CA PRO D 92 28.74 4.29 19.78
C PRO D 92 27.99 3.09 19.24
N TYR D 93 28.04 2.93 17.91
CA TYR D 93 27.59 1.72 17.23
C TYR D 93 28.69 1.32 16.25
N LEU D 94 29.26 0.13 16.47
CA LEU D 94 30.48 -0.32 15.77
C LEU D 94 31.57 0.75 15.82
N GLY D 95 31.68 1.42 16.98
CA GLY D 95 32.65 2.48 17.19
C GLY D 95 32.23 3.87 16.74
N ARG D 96 31.26 3.99 15.82
CA ARG D 96 30.89 5.29 15.30
C ARG D 96 29.82 5.93 16.15
N SER D 97 29.82 7.27 16.17
CA SER D 97 28.77 8.02 16.85
C SER D 97 27.41 7.60 16.32
N SER D 98 26.50 7.33 17.24
CA SER D 98 25.16 6.87 16.90
C SER D 98 24.21 7.44 17.96
N PHE D 99 23.06 6.78 18.13
CA PHE D 99 22.04 7.25 19.07
C PHE D 99 21.08 6.11 19.36
N PHE D 100 20.24 6.31 20.38
CA PHE D 100 19.12 5.39 20.64
C PHE D 100 18.40 5.06 19.33
N ARG D 101 18.19 3.75 19.10
CA ARG D 101 17.71 3.25 17.81
C ARG D 101 16.26 3.59 17.54
N ASN D 102 15.48 3.83 18.57
CA ASN D 102 14.04 3.85 18.44
C ASN D 102 13.46 5.25 18.46
N VAL D 103 14.30 6.27 18.63
CA VAL D 103 13.88 7.66 18.61
C VAL D 103 14.81 8.41 17.66
N VAL D 104 14.45 9.66 17.37
CA VAL D 104 15.18 10.46 16.40
C VAL D 104 15.55 11.78 17.05
N TRP D 105 16.84 12.10 17.09
CA TRP D 105 17.35 13.35 17.64
C TRP D 105 17.34 14.34 16.49
N LEU D 106 16.25 15.11 16.39
CA LEU D 106 16.07 15.99 15.23
C LEU D 106 16.94 17.23 15.34
N ILE D 107 17.66 17.53 14.26
CA ILE D 107 18.60 18.62 14.19
C ILE D 107 18.09 19.64 13.17
N LYS D 108 18.49 20.90 13.36
CA LYS D 108 18.18 21.95 12.40
C LYS D 108 18.64 21.54 11.00
N LYS D 109 18.03 22.16 9.98
CA LYS D 109 18.38 21.91 8.60
C LYS D 109 18.39 23.23 7.85
N ASN D 110 19.47 23.46 7.08
CA ASN D 110 19.63 24.72 6.34
C ASN D 110 19.51 25.90 7.29
N SER D 111 20.14 25.79 8.45
CA SER D 111 20.16 26.85 9.46
C SER D 111 18.76 27.25 9.86
N ALA D 112 17.85 26.28 9.95
CA ALA D 112 16.49 26.56 10.38
C ALA D 112 15.89 25.34 11.04
N TYR D 113 15.06 25.59 12.05
CA TYR D 113 14.27 24.58 12.73
C TYR D 113 12.84 25.07 12.72
N PRO D 114 12.08 24.78 11.66
CA PRO D 114 10.65 25.18 11.64
C PRO D 114 9.85 24.44 12.70
N THR D 115 8.70 25.02 13.02
CA THR D 115 7.84 24.45 14.04
C THR D 115 7.28 23.11 13.58
N ILE D 116 7.48 22.09 14.41
CA ILE D 116 6.96 20.76 14.13
C ILE D 116 5.52 20.68 14.63
N LYS D 117 4.63 20.17 13.79
CA LYS D 117 3.27 19.80 14.19
C LYS D 117 2.98 18.41 13.65
N ARG D 118 2.88 17.44 14.54
CA ARG D 118 2.74 16.04 14.17
C ARG D 118 1.76 15.34 15.08
N SER D 119 1.00 14.42 14.51
CA SER D 119 0.01 13.66 15.24
C SER D 119 0.15 12.18 14.87
N TYR D 120 -0.14 11.32 15.84
CA TYR D 120 -0.18 9.90 15.60
C TYR D 120 -1.42 9.36 16.29
N ASN D 121 -2.19 8.57 15.54
CA ASN D 121 -3.39 7.93 16.03
C ASN D 121 -3.11 6.43 16.14
N ASN D 122 -3.28 5.89 17.35
CA ASN D 122 -3.11 4.46 17.57
C ASN D 122 -4.32 3.73 17.02
N THR D 123 -4.29 3.45 15.72
CA THR D 123 -5.37 2.69 15.07
C THR D 123 -5.17 1.19 15.20
N ASN D 124 -4.13 0.74 15.90
CA ASN D 124 -3.97 -0.67 16.24
C ASN D 124 -5.03 -1.12 17.22
N GLN D 125 -5.04 -2.42 17.49
CA GLN D 125 -6.03 -3.02 18.37
C GLN D 125 -5.46 -3.30 19.76
N GLU D 126 -4.22 -2.92 20.00
CA GLU D 126 -3.61 -3.07 21.30
C GLU D 126 -3.20 -1.70 21.85
N ASP D 127 -2.97 -1.67 23.16
CA ASP D 127 -2.37 -0.50 23.77
C ASP D 127 -0.99 -0.26 23.18
N LEU D 128 -0.64 1.02 23.03
CA LEU D 128 0.59 1.42 22.39
C LEU D 128 1.39 2.28 23.36
N LEU D 129 2.58 1.81 23.71
CA LEU D 129 3.46 2.57 24.58
C LEU D 129 4.38 3.42 23.71
N VAL D 130 4.35 4.73 23.94
CA VAL D 130 5.07 5.70 23.11
C VAL D 130 6.09 6.42 23.98
N LEU D 131 7.30 6.54 23.48
CA LEU D 131 8.40 7.20 24.17
C LEU D 131 8.88 8.38 23.34
N TRP D 132 9.20 9.48 24.03
CA TRP D 132 9.82 10.63 23.40
C TRP D 132 10.75 11.28 24.42
N GLY D 133 11.43 12.34 24.01
CA GLY D 133 12.36 12.96 24.92
C GLY D 133 12.63 14.42 24.61
N ILE D 134 13.39 15.03 25.50
CA ILE D 134 13.87 16.40 25.40
C ILE D 134 15.37 16.40 25.63
N HIS D 135 16.08 17.19 24.85
CA HIS D 135 17.50 17.42 25.03
C HIS D 135 17.71 18.73 25.80
N HIS D 136 18.47 18.64 26.91
CA HIS D 136 18.87 19.76 27.75
C HIS D 136 20.32 20.12 27.43
N PRO D 137 20.58 21.12 26.60
CA PRO D 137 21.96 21.38 26.11
C PRO D 137 22.87 21.96 27.19
N ASN D 138 24.17 22.02 26.85
CA ASN D 138 25.18 22.51 27.80
C ASN D 138 25.15 24.03 27.93
N ASP D 139 25.07 24.76 26.82
CA ASP D 139 25.10 26.23 26.81
C ASP D 139 24.25 26.74 25.65
N ALA D 140 24.10 28.06 25.58
CA ALA D 140 23.27 28.65 24.52
C ALA D 140 23.90 28.47 23.14
N ALA D 141 25.23 28.42 23.07
CA ALA D 141 25.89 28.21 21.78
C ALA D 141 25.57 26.84 21.21
N GLU D 142 25.56 25.80 22.07
CA GLU D 142 25.14 24.48 21.62
C GLU D 142 23.67 24.49 21.23
N GLN D 143 22.83 25.20 22.00
CA GLN D 143 21.41 25.28 21.69
C GLN D 143 21.17 25.76 20.28
N THR D 144 21.84 26.85 19.87
CA THR D 144 21.63 27.34 18.52
C THR D 144 22.41 26.53 17.49
N LYS D 145 23.52 25.89 17.90
CA LYS D 145 24.25 25.04 16.97
C LYS D 145 23.37 23.91 16.45
N LEU D 146 22.57 23.31 17.34
CA LEU D 146 21.71 22.17 17.02
C LEU D 146 20.35 22.58 16.50
N TYR D 147 19.75 23.63 17.06
CA TYR D 147 18.35 23.93 16.83
C TYR D 147 18.09 25.35 16.30
N GLN D 148 19.12 26.17 16.12
CA GLN D 148 19.01 27.55 15.64
C GLN D 148 18.18 28.44 16.58
N ASN D 149 16.93 28.06 16.86
CA ASN D 149 16.07 28.79 17.79
C ASN D 149 16.61 28.74 19.21
N PRO D 150 16.87 29.89 19.86
CA PRO D 150 17.40 29.85 21.24
C PRO D 150 16.36 29.53 22.31
N THR D 151 15.09 29.87 22.07
CA THR D 151 14.04 29.72 23.07
C THR D 151 13.02 28.78 22.45
N THR D 152 12.92 27.58 22.99
CA THR D 152 12.19 26.53 22.32
C THR D 152 11.26 25.88 23.32
N TYR D 153 10.35 25.03 22.84
CA TYR D 153 9.39 24.30 23.66
C TYR D 153 9.05 22.97 23.02
N ILE D 154 8.41 22.10 23.80
CA ILE D 154 7.84 20.85 23.31
C ILE D 154 6.46 20.71 23.91
N SER D 155 5.46 20.48 23.06
CA SER D 155 4.07 20.35 23.49
C SER D 155 3.61 18.96 23.10
N VAL D 156 3.15 18.20 24.09
CA VAL D 156 2.72 16.82 23.92
C VAL D 156 1.31 16.73 24.48
N GLY D 157 0.37 16.31 23.66
CA GLY D 157 -1.02 16.20 24.07
C GLY D 157 -1.58 14.84 23.75
N THR D 158 -2.36 14.31 24.68
CA THR D 158 -3.27 13.21 24.41
C THR D 158 -4.66 13.60 24.90
N SER D 159 -5.56 12.62 25.00
CA SER D 159 -6.86 12.91 25.57
C SER D 159 -6.77 13.23 27.06
N THR D 160 -5.72 12.80 27.76
CA THR D 160 -5.61 13.01 29.19
C THR D 160 -4.45 13.91 29.60
N LEU D 161 -3.49 14.13 28.70
CA LEU D 161 -2.25 14.81 29.01
C LEU D 161 -2.14 16.11 28.22
N ASN D 162 -1.45 17.10 28.81
CA ASN D 162 -1.20 18.36 28.11
C ASN D 162 0.11 18.93 28.67
N GLN D 163 1.22 18.29 28.32
CA GLN D 163 2.53 18.57 28.90
C GLN D 163 3.26 19.59 28.04
N ARG D 164 3.88 20.56 28.69
CA ARG D 164 4.76 21.49 27.98
C ARG D 164 6.06 21.65 28.76
N LEU D 165 7.18 21.43 28.08
CA LEU D 165 8.47 21.48 28.72
C LEU D 165 9.36 22.48 28.01
N VAL D 166 10.24 23.08 28.79
CA VAL D 166 11.26 23.98 28.27
C VAL D 166 12.60 23.32 28.55
N PRO D 167 13.54 23.31 27.62
CA PRO D 167 14.85 22.74 27.93
C PRO D 167 15.58 23.59 28.96
N GLU D 168 16.34 22.90 29.81
CA GLU D 168 17.20 23.54 30.78
C GLU D 168 18.60 23.61 30.18
N ILE D 169 19.07 24.82 29.93
CA ILE D 169 20.43 25.03 29.44
C ILE D 169 21.30 25.28 30.66
N ALA D 170 22.20 24.35 30.95
CA ALA D 170 22.95 24.36 32.22
C ALA D 170 24.19 23.49 32.09
N THR D 171 25.29 23.95 32.66
CA THR D 171 26.52 23.18 32.70
C THR D 171 26.40 22.04 33.70
N ARG D 172 26.69 20.82 33.24
CA ARG D 172 26.65 19.64 34.08
C ARG D 172 28.01 18.96 34.05
N PRO D 173 28.32 18.11 35.02
CA PRO D 173 29.54 17.30 34.91
C PRO D 173 29.44 16.37 33.69
N LYS D 174 30.58 16.16 33.03
CA LYS D 174 30.64 15.27 31.87
C LYS D 174 30.36 13.84 32.32
N VAL D 175 29.38 13.20 31.69
CA VAL D 175 29.13 11.76 31.83
C VAL D 175 29.11 11.14 30.44
N ASN D 176 29.93 10.12 30.24
CA ASN D 176 30.21 9.56 28.91
C ASN D 176 30.50 10.68 27.91
N GLY D 177 31.29 11.65 28.37
CA GLY D 177 31.73 12.76 27.56
C GLY D 177 30.74 13.89 27.41
N GLN D 178 29.54 13.76 27.98
CA GLN D 178 28.45 14.69 27.69
C GLN D 178 28.05 15.48 28.93
N SER D 179 28.11 16.80 28.83
CA SER D 179 27.56 17.66 29.87
C SER D 179 26.12 18.07 29.58
N GLY D 180 25.57 17.70 28.40
CA GLY D 180 24.15 17.79 28.20
C GLY D 180 23.45 16.57 28.76
N ARG D 181 22.11 16.62 28.73
CA ARG D 181 21.28 15.57 29.29
C ARG D 181 20.06 15.38 28.41
N MET D 182 19.45 14.20 28.51
CA MET D 182 18.17 13.99 27.88
C MET D 182 17.19 13.36 28.86
N GLU D 183 15.94 13.80 28.76
CA GLU D 183 14.86 13.35 29.62
C GLU D 183 13.84 12.63 28.77
N PHE D 184 13.49 11.41 29.15
CA PHE D 184 12.55 10.64 28.37
C PHE D 184 11.23 10.52 29.11
N PHE D 185 10.16 10.50 28.32
CA PHE D 185 8.80 10.40 28.83
C PHE D 185 8.11 9.28 28.07
N TRP D 186 6.98 8.85 28.62
CA TRP D 186 6.24 7.77 28.02
C TRP D 186 4.76 7.96 28.32
N THR D 187 3.93 7.42 27.44
CA THR D 187 2.51 7.28 27.73
C THR D 187 2.01 6.02 27.05
N ILE D 188 0.83 5.57 27.49
CA ILE D 188 0.15 4.43 26.88
C ILE D 188 -1.04 4.98 26.12
N LEU D 189 -1.03 4.80 24.81
CA LEU D 189 -2.18 5.17 23.98
C LEU D 189 -3.15 3.99 23.95
N LYS D 190 -4.39 4.25 24.38
CA LYS D 190 -5.45 3.29 24.15
C LYS D 190 -5.80 3.26 22.67
N PRO D 191 -6.38 2.15 22.19
CA PRO D 191 -6.77 2.08 20.77
C PRO D 191 -7.64 3.26 20.35
N ASN D 192 -7.26 3.89 19.25
CA ASN D 192 -7.92 5.03 18.61
C ASN D 192 -7.67 6.36 19.33
N ASP D 193 -6.83 6.40 20.36
CA ASP D 193 -6.47 7.71 20.87
C ASP D 193 -5.29 8.27 20.06
N ALA D 194 -5.18 9.58 20.09
CA ALA D 194 -4.14 10.29 19.36
C ALA D 194 -3.16 10.94 20.33
N ILE D 195 -1.96 11.20 19.81
CA ILE D 195 -0.94 11.97 20.51
C ILE D 195 -0.54 13.12 19.59
N ASN D 196 -0.23 14.27 20.17
CA ASN D 196 0.10 15.44 19.37
C ASN D 196 1.45 16.01 19.82
N PHE D 197 2.30 16.31 18.87
CA PHE D 197 3.63 16.83 19.14
C PHE D 197 3.77 18.18 18.47
N GLU D 198 4.24 19.16 19.24
CA GLU D 198 4.60 20.45 18.68
C GLU D 198 5.93 20.86 19.31
N SER D 199 6.88 21.30 18.49
CA SER D 199 8.18 21.66 19.02
C SER D 199 8.89 22.53 18.01
N ASN D 200 9.66 23.49 18.52
CA ASN D 200 10.59 24.27 17.72
C ASN D 200 12.04 24.03 18.14
N GLY D 201 12.31 22.93 18.83
CA GLY D 201 13.68 22.50 19.07
C GLY D 201 13.76 21.55 20.24
N ASN D 202 14.89 20.85 20.31
CA ASN D 202 15.26 19.97 21.42
C ASN D 202 14.34 18.76 21.53
N PHE D 203 13.63 18.44 20.46
CA PHE D 203 12.62 17.38 20.46
C PHE D 203 13.28 16.07 20.04
N ILE D 204 13.14 15.04 20.88
CA ILE D 204 13.63 13.68 20.61
C ILE D 204 12.41 12.87 20.19
N ALA D 205 12.20 12.70 18.85
CA ALA D 205 10.90 12.24 18.39
C ALA D 205 10.80 10.71 18.42
N PRO D 206 9.60 10.17 18.64
CA PRO D 206 9.44 8.73 18.46
C PRO D 206 9.66 8.35 17.00
N GLU D 207 10.31 7.21 16.77
CA GLU D 207 10.16 6.49 15.50
C GLU D 207 9.46 5.16 15.69
N TYR D 208 9.87 4.39 16.69
CA TYR D 208 9.27 3.10 17.00
C TYR D 208 8.49 3.21 18.30
N ALA D 209 7.51 2.32 18.45
CA ALA D 209 6.72 2.22 19.67
C ALA D 209 6.34 0.76 19.87
N TYR D 210 5.65 0.47 20.97
CA TYR D 210 5.47 -0.91 21.42
C TYR D 210 4.00 -1.20 21.66
N LYS D 211 3.46 -2.19 20.95
CA LYS D 211 2.12 -2.70 21.26
C LYS D 211 2.21 -3.62 22.45
N ILE D 212 1.34 -3.42 23.42
CA ILE D 212 1.30 -4.22 24.64
C ILE D 212 -0.14 -4.61 24.95
N VAL D 213 -0.31 -5.85 25.42
CA VAL D 213 -1.58 -6.35 25.95
C VAL D 213 -1.32 -6.85 27.37
N LYS D 214 -2.24 -6.55 28.29
CA LYS D 214 -2.04 -6.90 29.69
C LYS D 214 -2.47 -8.33 29.96
N LYS D 215 -1.62 -9.05 30.70
CA LYS D 215 -1.88 -10.46 31.01
C LYS D 215 -3.12 -10.60 31.88
N GLY D 216 -3.89 -11.67 31.65
CA GLY D 216 -5.06 -11.96 32.45
C GLY D 216 -6.16 -10.92 32.34
N GLU E 1 2.59 28.39 -7.64
CA GLU E 1 1.36 27.83 -8.18
C GLU E 1 1.70 26.63 -9.07
N ILE E 2 0.94 25.56 -8.92
CA ILE E 2 1.05 24.38 -9.78
C ILE E 2 -0.26 24.24 -10.53
N VAL E 3 -0.20 24.32 -11.85
CA VAL E 3 -1.42 24.19 -12.64
C VAL E 3 -1.78 22.71 -12.78
N MET E 4 -3.00 22.38 -12.37
CA MET E 4 -3.52 21.02 -12.48
C MET E 4 -4.44 20.99 -13.69
N THR E 5 -4.14 20.11 -14.64
CA THR E 5 -4.90 20.04 -15.89
C THR E 5 -5.57 18.68 -16.00
N GLN E 6 -6.91 18.68 -15.98
CA GLN E 6 -7.71 17.46 -16.06
C GLN E 6 -8.16 17.22 -17.49
N SER E 7 -8.15 15.95 -17.90
CA SER E 7 -8.63 15.56 -19.22
C SER E 7 -9.35 14.23 -19.15
N PRO E 8 -10.51 14.08 -19.84
CA PRO E 8 -11.26 15.16 -20.50
C PRO E 8 -12.03 15.99 -19.48
N LEU E 9 -12.65 17.08 -19.94
CA LEU E 9 -13.47 17.88 -19.05
C LEU E 9 -14.87 17.29 -18.90
N THR E 10 -15.33 16.55 -19.90
CA THR E 10 -16.59 15.83 -19.83
C THR E 10 -16.32 14.40 -20.25
N LEU E 11 -16.75 13.45 -19.42
CA LEU E 11 -16.40 12.05 -19.64
C LEU E 11 -17.69 11.25 -19.78
N PRO E 12 -18.13 10.99 -21.00
CA PRO E 12 -19.29 10.09 -21.19
C PRO E 12 -18.82 8.64 -21.12
N VAL E 13 -19.51 7.82 -20.33
CA VAL E 13 -19.09 6.44 -20.11
C VAL E 13 -20.31 5.52 -20.14
N THR E 14 -20.13 4.34 -20.71
CA THR E 14 -21.21 3.37 -20.73
C THR E 14 -21.49 2.87 -19.32
N PRO E 15 -22.74 2.78 -18.91
CA PRO E 15 -23.05 2.25 -17.58
C PRO E 15 -22.40 0.88 -17.43
N GLY E 16 -21.77 0.66 -16.28
CA GLY E 16 -21.07 -0.58 -15.98
C GLY E 16 -19.65 -0.71 -16.52
N ALA E 17 -19.26 0.12 -17.50
CA ALA E 17 -17.92 0.06 -18.06
C ALA E 17 -16.91 0.79 -17.19
N PRO E 18 -15.61 0.53 -17.37
CA PRO E 18 -14.60 1.29 -16.63
C PRO E 18 -14.45 2.70 -17.21
N ALA E 19 -13.95 3.59 -16.36
CA ALA E 19 -13.69 4.96 -16.77
C ALA E 19 -12.40 5.43 -16.13
N SER E 20 -11.77 6.40 -16.77
CA SER E 20 -10.49 6.89 -16.33
C SER E 20 -10.43 8.40 -16.55
N ILE E 21 -10.00 9.12 -15.52
CA ILE E 21 -9.86 10.57 -15.57
C ILE E 21 -8.40 10.89 -15.35
N SER E 22 -7.83 11.72 -16.23
CA SER E 22 -6.42 12.07 -16.18
C SER E 22 -6.23 13.40 -15.47
N CYS E 23 -5.17 13.49 -14.68
CA CYS E 23 -4.85 14.72 -13.96
C CYS E 23 -3.36 14.98 -14.04
N ARG E 24 -3.00 16.17 -14.50
CA ARG E 24 -1.61 16.54 -14.71
C ARG E 24 -1.26 17.77 -13.90
N SER E 25 -0.05 17.76 -13.35
CA SER E 25 0.51 18.87 -12.60
C SER E 25 1.70 19.42 -13.38
N SER E 26 1.89 20.74 -13.27
CA SER E 26 2.99 21.43 -13.92
C SER E 26 4.33 21.19 -13.23
N GLN E 27 4.34 20.58 -12.04
CA GLN E 27 5.54 20.22 -11.32
C GLN E 27 5.32 18.88 -10.65
N SER E 28 6.40 18.13 -10.43
CA SER E 28 6.27 16.86 -9.74
C SER E 28 5.66 17.07 -8.37
N LEU E 29 4.75 16.18 -8.00
CA LEU E 29 4.10 16.20 -6.70
C LEU E 29 4.72 15.20 -5.74
N LEU E 30 5.81 14.57 -6.11
CA LEU E 30 6.46 13.60 -5.25
C LEU E 30 7.34 14.33 -4.23
N HIS E 31 7.08 14.09 -2.95
CA HIS E 31 7.79 14.67 -1.83
C HIS E 31 8.89 13.71 -1.34
N SER E 32 9.82 14.24 -0.54
CA SER E 32 10.95 13.43 -0.11
C SER E 32 10.54 12.31 0.84
N ASP E 33 9.37 12.38 1.47
CA ASP E 33 8.91 11.25 2.27
C ASP E 33 8.39 10.09 1.44
N GLY E 34 8.46 10.17 0.11
CA GLY E 34 8.02 9.10 -0.75
C GLY E 34 6.58 9.15 -1.21
N TYR E 35 5.79 10.11 -0.75
CA TYR E 35 4.39 10.19 -1.16
C TYR E 35 4.21 11.21 -2.27
N ASN E 36 3.24 10.94 -3.14
CA ASN E 36 2.74 11.94 -4.08
C ASN E 36 1.57 12.66 -3.42
N TYR E 37 1.65 13.99 -3.34
CA TYR E 37 0.66 14.78 -2.63
C TYR E 37 -0.45 15.20 -3.60
N LEU E 38 -1.30 14.23 -3.94
CA LEU E 38 -2.39 14.46 -4.88
C LEU E 38 -3.67 13.85 -4.32
N ASP E 39 -4.77 14.64 -4.35
CA ASP E 39 -6.08 14.24 -3.87
C ASP E 39 -7.06 14.14 -5.03
N TRP E 40 -8.10 13.33 -4.84
CA TRP E 40 -9.29 13.33 -5.69
C TRP E 40 -10.51 13.57 -4.83
N TYR E 41 -11.35 14.51 -5.25
CA TYR E 41 -12.63 14.80 -4.62
C TYR E 41 -13.76 14.59 -5.62
N LEU E 42 -14.90 14.17 -5.10
CA LEU E 42 -16.14 14.11 -5.86
C LEU E 42 -17.10 15.13 -5.28
N GLN E 43 -17.67 15.96 -6.14
CA GLN E 43 -18.78 16.81 -5.74
C GLN E 43 -20.01 16.35 -6.51
N LYS E 44 -20.95 15.77 -5.81
CA LYS E 44 -22.24 15.43 -6.37
C LYS E 44 -23.13 16.68 -6.44
N PRO E 45 -24.08 16.71 -7.38
CA PRO E 45 -24.94 17.91 -7.54
C PRO E 45 -25.58 18.32 -6.21
N GLY E 46 -25.43 19.60 -5.87
CA GLY E 46 -26.01 20.12 -4.65
C GLY E 46 -25.31 19.76 -3.35
N GLN E 47 -24.14 19.11 -3.40
CA GLN E 47 -23.46 18.70 -2.18
C GLN E 47 -22.06 19.29 -2.06
N SER E 48 -21.50 19.19 -0.87
CA SER E 48 -20.10 19.55 -0.69
C SER E 48 -19.18 18.53 -1.36
N PRO E 49 -17.96 18.94 -1.70
CA PRO E 49 -16.97 17.94 -2.15
C PRO E 49 -16.76 16.87 -1.11
N GLN E 50 -16.41 15.68 -1.56
CA GLN E 50 -16.11 14.57 -0.65
C GLN E 50 -14.83 13.90 -1.09
N LEU E 51 -14.07 13.43 -0.10
CA LEU E 51 -12.76 12.84 -0.36
C LEU E 51 -12.92 11.46 -0.99
N LEU E 52 -12.21 11.24 -2.11
CA LEU E 52 -12.14 9.92 -2.72
C LEU E 52 -10.78 9.25 -2.51
N ILE E 53 -9.71 9.90 -2.94
CA ILE E 53 -8.36 9.37 -2.94
C ILE E 53 -7.46 10.40 -2.31
N TYR E 54 -6.51 9.96 -1.49
CA TYR E 54 -5.50 10.85 -0.91
C TYR E 54 -4.11 10.27 -1.11
N LEU E 55 -3.11 11.14 -1.05
CA LEU E 55 -1.71 10.75 -1.23
C LEU E 55 -1.55 9.88 -2.48
N GLY E 56 -2.22 10.29 -3.56
CA GLY E 56 -2.07 9.68 -4.87
C GLY E 56 -2.85 8.41 -5.13
N SER E 57 -2.78 7.46 -4.19
CA SER E 57 -3.28 6.11 -4.46
C SER E 57 -4.05 5.50 -3.29
N HIS E 58 -4.35 6.26 -2.24
CA HIS E 58 -4.95 5.68 -1.03
C HIS E 58 -6.44 5.99 -1.00
N ARG E 59 -7.26 4.95 -0.93
CA ARG E 59 -8.71 5.12 -0.95
C ARG E 59 -9.22 5.52 0.43
N ALA E 60 -9.99 6.61 0.47
CA ALA E 60 -10.57 7.07 1.72
C ALA E 60 -11.62 6.09 2.22
N SER E 61 -11.90 6.18 3.53
CA SER E 61 -12.85 5.30 4.17
C SER E 61 -14.26 5.49 3.60
N GLY E 62 -14.96 4.37 3.43
CA GLY E 62 -16.32 4.39 2.94
C GLY E 62 -16.45 4.65 1.45
N VAL E 63 -15.35 4.84 0.75
CA VAL E 63 -15.39 5.00 -0.71
C VAL E 63 -15.48 3.62 -1.34
N PRO E 64 -16.42 3.40 -2.27
CA PRO E 64 -16.54 2.06 -2.90
C PRO E 64 -15.21 1.67 -3.53
N ASP E 65 -14.86 0.39 -3.40
CA ASP E 65 -13.56 -0.06 -3.91
C ASP E 65 -13.49 -0.03 -5.43
N ARG E 66 -14.59 0.28 -6.12
CA ARG E 66 -14.54 0.54 -7.57
C ARG E 66 -13.66 1.73 -7.91
N PHE E 67 -13.37 2.61 -6.96
CA PHE E 67 -12.54 3.78 -7.20
C PHE E 67 -11.09 3.48 -6.83
N SER E 68 -10.16 3.97 -7.64
CA SER E 68 -8.75 3.85 -7.29
C SER E 68 -7.96 4.96 -7.97
N GLY E 69 -6.83 5.31 -7.35
CA GLY E 69 -5.97 6.37 -7.85
C GLY E 69 -4.58 5.80 -8.11
N SER E 70 -3.95 6.30 -9.17
CA SER E 70 -2.60 5.86 -9.53
C SER E 70 -1.84 7.04 -10.11
N GLY E 71 -0.58 6.79 -10.42
CA GLY E 71 0.31 7.78 -11.00
C GLY E 71 1.43 8.16 -10.06
N SER E 72 2.32 9.01 -10.57
CA SER E 72 3.45 9.52 -9.81
C SER E 72 4.01 10.75 -10.51
N GLY E 73 4.60 11.64 -9.73
CA GLY E 73 5.25 12.81 -10.31
C GLY E 73 4.28 13.85 -10.83
N THR E 74 4.08 13.87 -12.14
CA THR E 74 3.18 14.84 -12.77
C THR E 74 1.98 14.21 -13.47
N ASP E 75 1.89 12.88 -13.54
CA ASP E 75 0.85 12.18 -14.28
C ASP E 75 0.03 11.32 -13.33
N PHE E 76 -1.27 11.58 -13.26
CA PHE E 76 -2.13 10.89 -12.31
C PHE E 76 -3.45 10.52 -12.97
N THR E 77 -4.06 9.46 -12.44
CA THR E 77 -5.28 8.90 -13.01
C THR E 77 -6.21 8.44 -11.91
N LEU E 78 -7.47 8.89 -11.97
CA LEU E 78 -8.54 8.31 -11.19
C LEU E 78 -9.25 7.28 -12.07
N LYS E 79 -9.37 6.05 -11.57
CA LYS E 79 -10.02 4.96 -12.29
C LYS E 79 -11.28 4.51 -11.55
N ILE E 80 -12.35 4.34 -12.30
CA ILE E 80 -13.60 3.73 -11.83
C ILE E 80 -13.74 2.40 -12.56
N SER E 81 -13.73 1.30 -11.82
CA SER E 81 -13.72 -0.01 -12.47
C SER E 81 -15.08 -0.28 -13.13
N ARG E 82 -16.17 0.13 -12.49
CA ARG E 82 -17.52 -0.06 -13.04
C ARG E 82 -18.35 1.17 -12.71
N VAL E 83 -18.71 1.92 -13.74
CA VAL E 83 -19.35 3.22 -13.54
C VAL E 83 -20.82 2.99 -13.22
N GLU E 84 -21.26 3.45 -12.06
CA GLU E 84 -22.64 3.29 -11.65
C GLU E 84 -23.38 4.62 -11.70
N ALA E 85 -24.71 4.52 -11.77
CA ALA E 85 -25.57 5.71 -11.83
C ALA E 85 -25.26 6.69 -10.71
N GLU E 86 -25.02 6.19 -9.48
CA GLU E 86 -24.74 7.03 -8.32
C GLU E 86 -23.39 7.75 -8.41
N ASP E 87 -22.57 7.50 -9.43
CA ASP E 87 -21.31 8.22 -9.54
C ASP E 87 -21.41 9.55 -10.30
N VAL E 88 -22.61 10.01 -10.72
CA VAL E 88 -22.65 11.27 -11.46
C VAL E 88 -22.26 12.42 -10.56
N GLY E 89 -21.55 13.38 -11.14
CA GLY E 89 -21.01 14.49 -10.41
C GLY E 89 -19.75 14.95 -11.09
N VAL E 90 -19.05 15.86 -10.42
CA VAL E 90 -17.80 16.41 -10.93
C VAL E 90 -16.65 15.90 -10.08
N TYR E 91 -15.60 15.46 -10.74
CA TYR E 91 -14.43 14.90 -10.09
C TYR E 91 -13.29 15.90 -10.19
N TYR E 92 -12.64 16.18 -9.06
CA TYR E 92 -11.55 17.13 -9.01
C TYR E 92 -10.30 16.45 -8.50
N CYS E 93 -9.20 16.66 -9.19
CA CYS E 93 -7.90 16.44 -8.58
C CYS E 93 -7.41 17.74 -7.99
N MET E 94 -6.53 17.61 -7.00
CA MET E 94 -6.03 18.76 -6.30
C MET E 94 -4.68 18.43 -5.70
N GLN E 95 -3.66 19.18 -6.05
CA GLN E 95 -2.34 18.98 -5.45
C GLN E 95 -2.26 19.65 -4.09
N ALA E 96 -1.68 18.95 -3.13
CA ALA E 96 -1.44 19.47 -1.80
C ALA E 96 0.05 19.47 -1.42
N LEU E 97 0.93 19.41 -2.41
CA LEU E 97 2.37 19.53 -2.13
C LEU E 97 2.71 20.93 -1.68
N GLN E 98 2.20 21.93 -2.38
CA GLN E 98 2.20 23.31 -1.95
C GLN E 98 0.82 23.62 -1.37
N THR E 99 0.50 24.89 -1.25
CA THR E 99 -0.88 25.30 -1.03
C THR E 99 -1.76 24.81 -2.18
N PRO E 100 -2.98 24.37 -1.87
CA PRO E 100 -3.75 23.59 -2.86
C PRO E 100 -4.01 24.34 -4.17
N ASP E 101 -3.99 23.58 -5.27
CA ASP E 101 -4.50 24.01 -6.56
C ASP E 101 -5.42 22.92 -7.09
N PHE E 102 -6.62 23.29 -7.51
CA PHE E 102 -7.54 22.31 -8.06
C PHE E 102 -7.41 22.22 -9.57
N GLY E 103 -7.75 21.06 -10.11
CA GLY E 103 -7.98 20.93 -11.53
C GLY E 103 -9.33 21.52 -11.92
N GLN E 104 -9.59 21.57 -13.23
CA GLN E 104 -10.80 22.22 -13.73
C GLN E 104 -12.06 21.46 -13.35
N GLY E 105 -11.96 20.15 -13.13
CA GLY E 105 -13.15 19.35 -12.90
C GLY E 105 -13.55 18.53 -14.12
N THR E 106 -13.94 17.28 -13.91
CA THR E 106 -14.37 16.41 -14.99
C THR E 106 -15.81 15.97 -14.71
N ARG E 107 -16.72 16.28 -15.62
CA ARG E 107 -18.12 15.93 -15.47
C ARG E 107 -18.35 14.55 -16.08
N LEU E 108 -18.91 13.65 -15.29
CA LEU E 108 -19.13 12.28 -15.71
C LEU E 108 -20.57 12.16 -16.21
N GLU E 109 -20.73 11.69 -17.46
CA GLU E 109 -22.03 11.54 -18.09
C GLU E 109 -22.26 10.06 -18.37
N ILE E 110 -23.40 9.54 -17.94
CA ILE E 110 -23.71 8.12 -18.08
C ILE E 110 -24.53 7.92 -19.35
N LYS E 111 -24.02 7.14 -20.29
CA LYS E 111 -24.71 6.93 -21.57
C LYS E 111 -25.66 5.74 -21.46
N ARG E 112 -26.68 5.91 -20.61
CA ARG E 112 -27.77 4.95 -20.56
C ARG E 112 -28.51 4.88 -21.91
N THR E 113 -29.48 3.99 -22.06
CA THR E 113 -30.18 3.90 -23.34
C THR E 113 -31.16 5.05 -23.51
N VAL E 114 -31.44 5.37 -24.78
CA VAL E 114 -32.45 6.37 -25.10
C VAL E 114 -33.75 6.05 -24.38
N ALA E 115 -34.37 7.08 -23.81
CA ALA E 115 -35.65 6.94 -23.13
C ALA E 115 -36.46 8.19 -23.45
N ALA E 116 -37.67 7.99 -23.99
CA ALA E 116 -38.50 9.11 -24.41
C ALA E 116 -39.14 9.79 -23.20
N PRO E 117 -39.30 11.11 -23.26
CA PRO E 117 -39.92 11.84 -22.13
C PRO E 117 -41.38 11.48 -21.95
N SER E 118 -41.82 11.53 -20.69
CA SER E 118 -43.24 11.57 -20.38
C SER E 118 -43.65 13.02 -20.22
N VAL E 119 -44.58 13.48 -21.06
CA VAL E 119 -44.93 14.90 -21.15
C VAL E 119 -46.25 15.15 -20.44
N PHE E 120 -46.31 16.24 -19.67
CA PHE E 120 -47.48 16.64 -18.91
C PHE E 120 -47.66 18.16 -18.99
N ILE E 121 -48.92 18.59 -18.97
CA ILE E 121 -49.27 20.00 -18.99
C ILE E 121 -50.11 20.30 -17.75
N PHE E 122 -49.97 21.53 -17.21
CA PHE E 122 -50.55 21.91 -15.93
C PHE E 122 -51.23 23.28 -16.00
N PRO E 123 -52.48 23.39 -15.57
CA PRO E 123 -53.14 24.72 -15.55
C PRO E 123 -52.70 25.54 -14.35
N PRO E 124 -52.92 26.86 -14.38
CA PRO E 124 -52.71 27.68 -13.18
C PRO E 124 -53.82 27.46 -12.16
N SER E 125 -53.50 27.79 -10.91
CA SER E 125 -54.47 27.70 -9.83
C SER E 125 -55.32 28.97 -9.74
N ASP E 126 -56.57 28.81 -9.33
CA ASP E 126 -57.43 29.97 -9.11
C ASP E 126 -56.90 30.87 -8.00
N GLU E 127 -56.25 30.30 -6.99
CA GLU E 127 -55.68 31.10 -5.91
C GLU E 127 -54.65 32.11 -6.42
N GLN E 128 -53.83 31.62 -7.32
CA GLN E 128 -52.79 32.40 -7.96
C GLN E 128 -53.41 33.50 -8.79
N LEU E 129 -54.47 33.13 -9.46
CA LEU E 129 -55.23 34.06 -10.29
C LEU E 129 -55.67 35.28 -9.46
N LYS E 130 -55.98 35.08 -8.19
CA LYS E 130 -56.18 36.20 -7.28
C LYS E 130 -54.92 37.03 -7.06
N SER E 131 -53.74 36.52 -7.45
CA SER E 131 -52.45 37.01 -6.97
C SER E 131 -51.61 37.78 -8.00
N GLY E 132 -52.13 38.09 -9.18
CA GLY E 132 -51.48 38.98 -10.12
C GLY E 132 -51.00 38.35 -11.41
N THR E 133 -50.83 37.03 -11.46
CA THR E 133 -50.27 36.37 -12.63
C THR E 133 -50.83 34.95 -12.73
N ALA E 134 -50.72 34.36 -13.93
CA ALA E 134 -51.09 32.96 -14.16
C ALA E 134 -49.93 32.24 -14.84
N SER E 135 -49.43 31.18 -14.22
CA SER E 135 -48.33 30.39 -14.77
C SER E 135 -48.78 28.99 -15.18
N VAL E 136 -48.48 28.61 -16.42
CA VAL E 136 -48.70 27.26 -16.95
C VAL E 136 -47.34 26.62 -17.23
N VAL E 137 -47.18 25.35 -16.85
CA VAL E 137 -45.87 24.70 -16.92
C VAL E 137 -46.00 23.34 -17.58
N CYS E 138 -45.01 22.99 -18.41
CA CYS E 138 -44.95 21.72 -19.12
C CYS E 138 -43.75 20.91 -18.63
N LEU E 139 -43.99 19.65 -18.30
CA LEU E 139 -43.02 18.75 -17.69
C LEU E 139 -42.63 17.66 -18.68
N LEU E 140 -41.32 17.48 -18.86
CA LEU E 140 -40.73 16.39 -19.66
C LEU E 140 -39.99 15.48 -18.69
N ASN E 141 -40.58 14.33 -18.36
CA ASN E 141 -40.12 13.54 -17.22
C ASN E 141 -39.30 12.33 -17.63
N ASN E 142 -38.10 12.21 -17.04
CA ASN E 142 -37.26 11.00 -17.06
C ASN E 142 -36.96 10.53 -18.48
N PHE E 143 -36.17 11.34 -19.19
CA PHE E 143 -35.77 11.04 -20.54
C PHE E 143 -34.25 11.03 -20.67
N TYR E 144 -33.78 10.47 -21.79
CA TYR E 144 -32.36 10.45 -22.15
C TYR E 144 -32.26 10.32 -23.66
N PRO E 145 -31.34 11.05 -24.32
CA PRO E 145 -30.38 12.04 -23.79
C PRO E 145 -31.02 13.39 -23.46
N ARG E 146 -30.17 14.35 -23.04
CA ARG E 146 -30.68 15.59 -22.44
C ARG E 146 -31.39 16.50 -23.43
N GLU E 147 -31.01 16.44 -24.71
CA GLU E 147 -31.46 17.43 -25.67
C GLU E 147 -32.92 17.20 -26.01
N ALA E 148 -33.74 18.20 -25.70
CA ALA E 148 -35.16 18.19 -25.98
C ALA E 148 -35.54 19.61 -26.33
N LYS E 149 -36.58 19.76 -27.13
CA LYS E 149 -37.07 21.08 -27.44
C LYS E 149 -38.56 21.16 -27.14
N VAL E 150 -38.94 22.25 -26.47
CA VAL E 150 -40.33 22.51 -26.09
C VAL E 150 -40.84 23.69 -26.92
N GLN E 151 -42.06 23.52 -27.43
CA GLN E 151 -42.86 24.45 -28.21
C GLN E 151 -44.13 24.70 -27.40
N TRP E 152 -44.37 25.93 -26.99
CA TRP E 152 -45.66 26.25 -26.39
C TRP E 152 -46.56 26.83 -27.47
N LYS E 153 -47.86 26.51 -27.42
CA LYS E 153 -48.78 27.16 -28.34
C LYS E 153 -50.12 27.45 -27.67
N VAL E 154 -50.62 28.66 -27.90
CA VAL E 154 -51.83 29.18 -27.29
C VAL E 154 -52.82 29.42 -28.42
N ASP E 155 -53.90 28.65 -28.46
CA ASP E 155 -54.80 28.61 -29.60
C ASP E 155 -53.98 28.57 -30.90
N ASN E 156 -53.01 27.66 -30.91
CA ASN E 156 -52.05 27.55 -32.02
C ASN E 156 -51.40 28.90 -32.33
N ALA E 157 -51.05 29.66 -31.30
CA ALA E 157 -50.10 30.73 -31.47
C ALA E 157 -48.77 30.30 -30.88
N LEU E 158 -47.72 30.36 -31.70
CA LEU E 158 -46.40 29.93 -31.24
C LEU E 158 -45.94 30.87 -30.14
N GLN E 159 -45.47 30.31 -29.03
CA GLN E 159 -45.18 31.16 -27.89
C GLN E 159 -43.67 31.23 -27.71
N SER E 160 -43.16 32.45 -27.64
CA SER E 160 -41.72 32.73 -27.73
C SER E 160 -41.37 33.87 -26.79
N GLY E 161 -40.20 33.76 -26.16
CA GLY E 161 -39.77 34.80 -25.24
C GLY E 161 -40.53 34.88 -23.92
N ASN E 162 -41.35 33.88 -23.62
CA ASN E 162 -42.13 33.84 -22.39
C ASN E 162 -41.59 32.77 -21.45
N SER E 163 -41.53 31.52 -21.91
CA SER E 163 -41.11 30.43 -21.04
C SER E 163 -39.61 30.44 -20.86
N GLN E 164 -39.19 30.06 -19.66
CA GLN E 164 -37.79 29.73 -19.38
C GLN E 164 -37.75 28.30 -18.89
N GLU E 165 -36.72 27.55 -19.32
CA GLU E 165 -36.70 26.13 -19.06
C GLU E 165 -35.53 25.73 -18.16
N SER E 166 -35.79 24.69 -17.36
CA SER E 166 -34.90 24.17 -16.34
C SER E 166 -34.74 22.68 -16.55
N VAL E 167 -33.54 22.15 -16.30
CA VAL E 167 -33.26 20.74 -16.55
C VAL E 167 -32.54 20.19 -15.32
N THR E 168 -32.95 19.01 -14.85
CA THR E 168 -32.25 18.39 -13.72
C THR E 168 -30.89 17.81 -14.15
N GLU E 169 -30.08 17.46 -13.16
CA GLU E 169 -28.90 16.67 -13.48
C GLU E 169 -29.29 15.19 -13.62
N GLN E 170 -28.40 14.40 -14.23
CA GLN E 170 -28.67 12.97 -14.40
C GLN E 170 -29.05 12.34 -13.07
N ASP E 171 -30.24 11.75 -13.04
CA ASP E 171 -30.75 11.13 -11.84
C ASP E 171 -29.77 10.08 -11.31
N SER E 172 -29.62 10.04 -9.98
CA SER E 172 -28.62 9.19 -9.33
C SER E 172 -28.95 7.71 -9.40
N LYS E 173 -30.19 7.35 -9.78
CA LYS E 173 -30.61 5.96 -9.83
C LYS E 173 -30.83 5.44 -11.24
N ASP E 174 -31.44 6.22 -12.14
CA ASP E 174 -31.67 5.75 -13.49
C ASP E 174 -31.01 6.61 -14.54
N SER E 175 -30.25 7.64 -14.14
CA SER E 175 -29.45 8.44 -15.05
C SER E 175 -30.28 9.17 -16.11
N THR E 176 -31.59 9.31 -15.94
CA THR E 176 -32.34 10.15 -16.87
C THR E 176 -32.25 11.62 -16.45
N TYR E 177 -32.77 12.48 -17.33
CA TYR E 177 -32.99 13.90 -17.07
C TYR E 177 -34.48 14.20 -17.02
N SER E 178 -34.82 15.35 -16.45
CA SER E 178 -36.18 15.91 -16.50
C SER E 178 -36.08 17.40 -16.79
N LEU E 179 -37.17 17.96 -17.33
CA LEU E 179 -37.20 19.35 -17.75
C LEU E 179 -38.57 19.97 -17.45
N SER E 180 -38.55 21.19 -16.89
CA SER E 180 -39.77 21.90 -16.50
C SER E 180 -39.75 23.28 -17.12
N SER E 181 -40.77 23.60 -17.92
CA SER E 181 -40.84 24.86 -18.66
C SER E 181 -42.14 25.55 -18.32
N THR E 182 -42.07 26.82 -17.95
CA THR E 182 -43.20 27.54 -17.40
C THR E 182 -43.67 28.63 -18.35
N LEU E 183 -44.95 28.56 -18.73
CA LEU E 183 -45.64 29.62 -19.44
C LEU E 183 -46.17 30.62 -18.41
N THR E 184 -45.83 31.89 -18.57
CA THR E 184 -46.22 32.92 -17.62
C THR E 184 -47.20 33.86 -18.30
N LEU E 185 -48.35 34.09 -17.68
CA LEU E 185 -49.42 34.86 -18.24
C LEU E 185 -50.04 35.72 -17.15
N SER E 186 -50.45 36.93 -17.52
CA SER E 186 -51.43 37.62 -16.71
C SER E 186 -52.80 37.02 -16.96
N LYS E 187 -53.66 37.05 -15.92
CA LYS E 187 -55.02 36.52 -16.05
C LYS E 187 -55.74 37.20 -17.19
N ALA E 188 -55.55 38.52 -17.30
CA ALA E 188 -56.11 39.23 -18.44
C ALA E 188 -55.75 38.51 -19.74
N ASP E 189 -54.47 38.21 -19.96
CA ASP E 189 -54.11 37.43 -21.14
C ASP E 189 -54.65 36.01 -21.09
N TYR E 190 -54.34 35.28 -20.01
CA TYR E 190 -54.66 33.85 -19.96
C TYR E 190 -56.11 33.58 -20.33
N GLU E 191 -57.03 34.41 -19.86
CA GLU E 191 -58.43 34.16 -20.12
C GLU E 191 -58.91 34.74 -21.46
N LYS E 192 -58.02 35.33 -22.29
CA LYS E 192 -58.44 35.72 -23.65
C LYS E 192 -58.42 34.53 -24.61
N HIS E 193 -57.61 33.52 -24.36
CA HIS E 193 -57.40 32.41 -25.28
C HIS E 193 -57.81 31.13 -24.56
N LYS E 194 -58.08 30.08 -25.32
CA LYS E 194 -58.62 28.86 -24.74
C LYS E 194 -57.71 27.65 -24.88
N VAL E 195 -57.16 27.38 -26.06
CA VAL E 195 -56.42 26.15 -26.31
C VAL E 195 -54.94 26.36 -25.99
N TYR E 196 -54.46 25.69 -24.94
CA TYR E 196 -53.07 25.75 -24.49
C TYR E 196 -52.36 24.43 -24.73
N ALA E 197 -51.28 24.47 -25.52
CA ALA E 197 -50.62 23.26 -26.01
C ALA E 197 -49.13 23.29 -25.71
N CYS E 198 -48.57 22.13 -25.33
CA CYS E 198 -47.14 21.94 -25.15
C CYS E 198 -46.68 20.80 -26.05
N GLU E 199 -45.79 21.09 -27.00
CA GLU E 199 -45.32 20.09 -27.95
C GLU E 199 -43.83 19.84 -27.79
N VAL E 200 -43.45 18.56 -27.69
CA VAL E 200 -42.12 18.14 -27.27
C VAL E 200 -41.48 17.33 -28.39
N THR E 201 -40.27 17.72 -28.79
CA THR E 201 -39.48 16.97 -29.74
C THR E 201 -38.27 16.38 -29.02
N HIS E 202 -38.06 15.07 -29.19
CA HIS E 202 -37.00 14.35 -28.49
C HIS E 202 -36.67 13.08 -29.28
N GLN E 203 -35.40 12.67 -29.18
CA GLN E 203 -34.91 11.54 -29.98
C GLN E 203 -35.66 10.24 -29.68
N GLY E 204 -36.17 10.08 -28.46
CA GLY E 204 -36.93 8.88 -28.11
C GLY E 204 -38.34 8.82 -28.64
N LEU E 205 -38.85 9.90 -29.22
CA LEU E 205 -40.21 9.93 -29.75
C LEU E 205 -40.17 9.87 -31.27
N SER E 206 -40.98 8.97 -31.84
CA SER E 206 -41.04 8.85 -33.30
C SER E 206 -41.57 10.14 -33.92
N SER E 207 -42.51 10.79 -33.27
CA SER E 207 -43.01 12.10 -33.66
C SER E 207 -43.30 12.89 -32.39
N PRO E 208 -43.32 14.23 -32.48
CA PRO E 208 -43.57 15.03 -31.28
C PRO E 208 -44.86 14.61 -30.58
N VAL E 209 -44.92 14.86 -29.26
CA VAL E 209 -46.12 14.59 -28.49
C VAL E 209 -46.62 15.91 -27.91
N THR E 210 -47.90 16.16 -28.06
CA THR E 210 -48.56 17.36 -27.57
C THR E 210 -49.49 16.98 -26.42
N LYS E 211 -49.43 17.76 -25.35
CA LYS E 211 -50.41 17.68 -24.27
C LYS E 211 -51.19 18.98 -24.21
N SER E 212 -52.50 18.89 -23.98
CA SER E 212 -53.33 20.09 -24.02
C SER E 212 -54.45 20.00 -23.01
N PHE E 213 -54.94 21.18 -22.62
CA PHE E 213 -56.18 21.31 -21.86
C PHE E 213 -56.98 22.46 -22.44
N ASN E 214 -58.24 22.54 -22.02
CA ASN E 214 -59.17 23.60 -22.42
C ASN E 214 -59.74 24.28 -21.19
N ARG E 215 -59.65 25.60 -21.14
CA ARG E 215 -60.26 26.38 -20.07
C ARG E 215 -61.77 26.11 -19.99
N VAL F 2 -16.65 13.95 14.07
CA VAL F 2 -16.36 15.38 14.04
C VAL F 2 -17.01 15.99 12.80
N GLN F 3 -17.64 17.15 12.98
CA GLN F 3 -18.28 17.87 11.88
C GLN F 3 -17.76 19.30 11.80
N LEU F 4 -17.76 19.83 10.58
CA LEU F 4 -17.57 21.25 10.35
C LEU F 4 -18.93 21.87 10.10
N VAL F 5 -19.34 22.76 11.01
CA VAL F 5 -20.64 23.42 10.93
C VAL F 5 -20.43 24.85 10.46
N GLN F 6 -20.95 25.16 9.28
CA GLN F 6 -20.88 26.49 8.72
C GLN F 6 -22.17 27.25 9.02
N SER F 7 -22.07 28.57 9.04
CA SER F 7 -23.21 29.41 9.35
C SER F 7 -24.12 29.55 8.14
N GLY F 8 -25.32 30.09 8.38
CA GLY F 8 -26.37 30.11 7.38
C GLY F 8 -26.09 31.01 6.20
N ALA F 9 -26.90 30.84 5.16
CA ALA F 9 -26.77 31.64 3.94
C ALA F 9 -26.92 33.13 4.23
N GLU F 10 -26.32 33.94 3.38
CA GLU F 10 -26.19 35.35 3.65
C GLU F 10 -26.55 36.14 2.40
N VAL F 11 -27.29 37.23 2.59
CA VAL F 11 -27.57 38.19 1.53
C VAL F 11 -27.17 39.56 2.05
N LYS F 12 -26.42 40.28 1.23
CA LYS F 12 -25.95 41.61 1.56
C LYS F 12 -25.85 42.39 0.27
N GLU F 13 -25.90 43.72 0.37
CA GLU F 13 -25.59 44.55 -0.77
C GLU F 13 -24.16 44.99 -0.80
N THR F 14 -23.75 45.44 -1.97
CA THR F 14 -22.38 45.88 -2.22
C THR F 14 -21.92 46.91 -1.18
N GLY F 15 -20.70 46.72 -0.69
CA GLY F 15 -20.09 47.63 0.26
C GLY F 15 -20.25 47.31 1.73
N GLU F 16 -21.04 46.31 2.10
CA GLU F 16 -21.23 46.00 3.52
C GLU F 16 -20.19 44.98 4.02
N SER F 17 -20.04 44.93 5.33
CA SER F 17 -19.17 43.97 5.98
C SER F 17 -19.93 42.67 6.22
N LEU F 18 -19.18 41.56 6.28
CA LEU F 18 -19.75 40.24 6.54
C LEU F 18 -18.68 39.30 7.08
N ASN F 19 -19.08 38.47 8.03
CA ASN F 19 -18.22 37.44 8.59
C ASN F 19 -19.01 36.14 8.66
N ILE F 20 -18.48 35.08 8.06
CA ILE F 20 -19.09 33.77 8.07
C ILE F 20 -18.17 32.79 8.79
N SER F 21 -18.76 31.77 9.39
CA SER F 21 -18.06 30.93 10.35
C SER F 21 -18.10 29.46 9.94
N CYS F 22 -17.14 28.72 10.48
CA CYS F 22 -17.00 27.28 10.29
C CYS F 22 -16.62 26.69 11.63
N LYS F 23 -17.54 25.94 12.24
CA LYS F 23 -17.37 25.41 13.58
C LYS F 23 -16.91 23.95 13.49
N VAL F 24 -15.76 23.66 14.09
CA VAL F 24 -15.29 22.28 14.21
C VAL F 24 -15.95 21.66 15.44
N SER F 25 -16.83 20.69 15.21
CA SER F 25 -17.46 19.94 16.29
C SER F 25 -16.44 19.05 17.00
N GLY F 26 -16.90 18.42 18.09
CA GLY F 26 -16.01 17.58 18.86
C GLY F 26 -15.03 18.38 19.69
N ASN F 27 -14.07 17.67 20.26
CA ASN F 27 -13.07 18.29 21.13
C ASN F 27 -11.95 18.97 20.35
N ASN F 28 -11.98 18.88 19.02
CA ASN F 28 -10.94 19.45 18.16
C ASN F 28 -9.54 19.07 18.62
N PHE F 29 -9.40 17.85 19.13
CA PHE F 29 -8.08 17.28 19.39
C PHE F 29 -7.88 16.07 18.49
N PRO F 30 -6.83 16.03 17.67
CA PRO F 30 -5.86 17.11 17.49
C PRO F 30 -6.38 18.27 16.64
N SER F 31 -5.66 19.38 16.66
CA SER F 31 -6.05 20.58 15.93
C SER F 31 -5.39 20.56 14.56
N TYR F 32 -6.22 20.65 13.51
CA TYR F 32 -5.72 20.68 12.14
C TYR F 32 -6.06 22.01 11.51
N TYR F 33 -5.33 22.33 10.45
CA TYR F 33 -5.57 23.54 9.68
C TYR F 33 -6.89 23.45 8.92
N ILE F 34 -7.69 24.51 9.00
CA ILE F 34 -8.96 24.61 8.29
C ILE F 34 -8.74 25.48 7.07
N SER F 35 -9.07 24.96 5.88
CA SER F 35 -9.02 25.74 4.67
C SER F 35 -10.40 26.31 4.34
N TRP F 36 -10.39 27.45 3.68
CA TRP F 36 -11.59 28.07 3.12
C TRP F 36 -11.49 27.94 1.60
N VAL F 37 -12.57 27.51 0.97
CA VAL F 37 -12.61 27.21 -0.46
C VAL F 37 -13.84 27.89 -1.04
N ARG F 38 -13.65 28.63 -2.12
CA ARG F 38 -14.76 29.33 -2.74
C ARG F 38 -15.12 28.63 -4.05
N GLN F 39 -16.42 28.60 -4.35
CA GLN F 39 -16.94 28.08 -5.60
C GLN F 39 -17.84 29.14 -6.22
N MET F 40 -17.39 29.73 -7.33
CA MET F 40 -18.24 30.57 -8.15
C MET F 40 -19.38 29.75 -8.74
N PRO F 41 -20.56 30.36 -8.99
CA PRO F 41 -21.67 29.61 -9.64
C PRO F 41 -21.29 28.94 -10.95
N GLY F 42 -21.50 27.62 -11.02
CA GLY F 42 -21.14 26.86 -12.20
C GLY F 42 -19.67 26.54 -12.35
N ASN F 43 -18.84 26.97 -11.41
CA ASN F 43 -17.39 26.88 -11.52
C ASN F 43 -16.86 25.72 -10.66
N GLY F 44 -15.53 25.58 -10.64
CA GLY F 44 -14.84 24.64 -9.81
C GLY F 44 -14.44 25.28 -8.49
N LEU F 45 -13.39 24.73 -7.88
CA LEU F 45 -13.00 25.09 -6.53
C LEU F 45 -11.71 25.91 -6.53
N GLU F 46 -11.69 26.94 -5.70
CA GLU F 46 -10.46 27.72 -5.55
C GLU F 46 -10.16 27.86 -4.07
N TRP F 47 -8.96 27.45 -3.71
CA TRP F 47 -8.46 27.54 -2.34
C TRP F 47 -8.13 28.99 -2.04
N MET F 48 -8.54 29.45 -0.87
CA MET F 48 -8.33 30.83 -0.48
C MET F 48 -7.23 31.02 0.56
N GLY F 49 -7.08 30.06 1.46
CA GLY F 49 -6.19 30.17 2.60
C GLY F 49 -6.64 29.22 3.68
N ARG F 50 -5.89 29.23 4.78
CA ARG F 50 -6.20 28.33 5.89
C ARG F 50 -5.73 28.93 7.21
N ILE F 51 -6.24 28.33 8.29
CA ILE F 51 -5.95 28.76 9.64
C ILE F 51 -5.94 27.53 10.53
N ASP F 52 -4.94 27.49 11.41
CA ASP F 52 -4.91 26.50 12.49
C ASP F 52 -5.57 27.17 13.68
N PRO F 53 -6.79 26.78 14.06
CA PRO F 53 -7.48 27.51 15.13
C PRO F 53 -6.71 27.58 16.43
N SER F 54 -5.84 26.61 16.76
CA SER F 54 -5.32 26.69 18.13
C SER F 54 -4.24 27.76 18.27
N ASP F 55 -3.54 28.13 17.18
CA ASP F 55 -2.52 29.19 17.28
C ASP F 55 -2.71 30.30 16.25
N SER F 56 -3.77 30.23 15.45
CA SER F 56 -4.14 31.23 14.44
C SER F 56 -3.04 31.45 13.40
N ASP F 57 -2.13 30.49 13.22
CA ASP F 57 -1.21 30.54 12.10
C ASP F 57 -2.01 30.57 10.79
N THR F 58 -1.62 31.45 9.87
CA THR F 58 -2.46 31.76 8.71
C THR F 58 -1.65 31.81 7.42
N ASN F 59 -2.17 31.15 6.39
CA ASN F 59 -1.66 31.26 5.03
C ASN F 59 -2.80 31.69 4.12
N TYR F 60 -2.46 32.48 3.10
CA TYR F 60 -3.42 32.99 2.13
C TYR F 60 -2.98 32.62 0.73
N ARG F 61 -3.96 32.36 -0.15
CA ARG F 61 -3.68 32.42 -1.58
C ARG F 61 -3.47 33.89 -1.92
N PRO F 62 -2.36 34.26 -2.59
CA PRO F 62 -2.04 35.69 -2.77
C PRO F 62 -3.12 36.52 -3.43
N SER F 63 -3.86 35.96 -4.39
CA SER F 63 -4.89 36.75 -5.06
C SER F 63 -6.08 37.06 -4.17
N PHE F 64 -6.27 36.33 -3.06
CA PHE F 64 -7.37 36.58 -2.14
C PHE F 64 -7.01 37.46 -0.96
N GLN F 65 -5.74 37.59 -0.62
CA GLN F 65 -5.35 38.37 0.54
C GLN F 65 -5.71 39.85 0.35
N GLY F 66 -6.07 40.50 1.45
CA GLY F 66 -6.40 41.92 1.43
C GLY F 66 -7.88 42.21 1.35
N HIS F 67 -8.56 41.60 0.38
CA HIS F 67 -10.00 41.77 0.26
C HIS F 67 -10.76 41.01 1.34
N VAL F 68 -10.19 39.90 1.82
CA VAL F 68 -10.80 39.06 2.86
C VAL F 68 -9.72 38.70 3.86
N THR F 69 -10.10 38.58 5.13
CA THR F 69 -9.16 38.12 6.15
C THR F 69 -9.73 36.87 6.81
N ILE F 70 -8.82 36.02 7.30
CA ILE F 70 -9.16 34.75 7.92
C ILE F 70 -8.73 34.80 9.38
N SER F 71 -9.60 34.32 10.27
CA SER F 71 -9.35 34.37 11.70
C SER F 71 -9.93 33.13 12.36
N ALA F 72 -9.70 32.99 13.66
CA ALA F 72 -10.18 31.83 14.40
C ALA F 72 -10.31 32.15 15.87
N ASP F 73 -11.21 31.43 16.55
CA ASP F 73 -11.28 31.45 18.02
C ASP F 73 -11.10 30.03 18.54
N LYS F 74 -10.13 29.84 19.44
CA LYS F 74 -9.79 28.50 19.89
C LYS F 74 -10.88 27.88 20.76
N SER F 75 -11.45 28.65 21.70
CA SER F 75 -12.46 28.10 22.60
C SER F 75 -13.58 27.43 21.80
N THR F 76 -14.04 28.11 20.75
CA THR F 76 -15.02 27.54 19.83
C THR F 76 -14.39 26.59 18.79
N SER F 77 -13.08 26.65 18.57
CA SER F 77 -12.41 26.03 17.41
C SER F 77 -13.15 26.46 16.15
N THR F 78 -13.33 27.76 15.98
CA THR F 78 -14.12 28.22 14.85
C THR F 78 -13.24 29.06 13.95
N ALA F 79 -13.26 28.74 12.67
CA ALA F 79 -12.61 29.61 11.71
C ALA F 79 -13.61 30.63 11.21
N TYR F 80 -13.08 31.76 10.75
CA TYR F 80 -13.90 32.83 10.21
C TYR F 80 -13.31 33.30 8.90
N LEU F 81 -14.21 33.73 8.01
CA LEU F 81 -13.86 34.44 6.78
C LEU F 81 -14.52 35.80 6.87
N GLN F 82 -13.75 36.86 6.65
CA GLN F 82 -14.30 38.15 7.09
C GLN F 82 -14.09 39.16 5.96
N TRP F 83 -15.11 39.92 5.60
CA TRP F 83 -14.91 40.86 4.52
C TRP F 83 -15.14 42.30 4.96
N ARG F 84 -14.41 43.18 4.30
CA ARG F 84 -14.54 44.60 4.45
C ARG F 84 -15.18 44.97 3.13
N SER F 85 -16.29 45.65 3.20
CA SER F 85 -16.95 46.08 1.99
C SER F 85 -17.12 45.02 0.90
N LEU F 86 -18.28 44.36 0.83
CA LEU F 86 -18.46 43.30 -0.16
C LEU F 86 -18.50 43.85 -1.58
N LYS F 87 -18.08 43.02 -2.53
CA LYS F 87 -18.19 43.29 -3.96
C LYS F 87 -19.13 42.28 -4.60
N ALA F 88 -19.68 42.65 -5.78
CA ALA F 88 -20.54 41.73 -6.51
C ALA F 88 -19.80 40.43 -6.86
N SER F 89 -18.50 40.50 -7.07
CA SER F 89 -17.69 39.32 -7.41
C SER F 89 -17.46 38.39 -6.23
N ASP F 90 -17.96 38.73 -5.05
CA ASP F 90 -17.93 37.86 -3.88
C ASP F 90 -19.14 36.95 -3.78
N THR F 91 -20.13 37.10 -4.67
CA THR F 91 -21.29 36.21 -4.68
C THR F 91 -20.85 34.80 -5.05
N ALA F 92 -20.98 33.86 -4.11
CA ALA F 92 -20.41 32.53 -4.27
C ALA F 92 -20.82 31.63 -3.11
N MET F 93 -20.50 30.35 -3.26
CA MET F 93 -20.57 29.38 -2.16
C MET F 93 -19.17 29.24 -1.54
N TYR F 94 -19.13 29.19 -0.22
CA TYR F 94 -17.88 29.10 0.52
C TYR F 94 -17.91 27.85 1.38
N TYR F 95 -16.94 26.97 1.17
CA TYR F 95 -16.79 25.74 1.93
C TYR F 95 -15.57 25.86 2.83
N CYS F 96 -15.67 25.27 4.02
CA CYS F 96 -14.49 25.03 4.82
C CYS F 96 -14.19 23.55 4.84
N ALA F 97 -12.93 23.21 5.13
CA ALA F 97 -12.47 21.82 5.06
C ALA F 97 -11.36 21.59 6.06
N ARG F 98 -11.34 20.37 6.61
CA ARG F 98 -10.39 19.90 7.62
C ARG F 98 -9.24 19.17 6.93
N ARG F 99 -7.99 19.54 7.22
CA ARG F 99 -6.80 18.87 6.66
C ARG F 99 -6.21 18.00 7.78
N ALA F 100 -6.66 16.75 7.86
CA ALA F 100 -6.42 15.86 9.00
C ALA F 100 -4.98 15.31 9.18
N THR F 101 -3.97 15.70 8.40
CA THR F 101 -2.60 15.16 8.46
C THR F 101 -2.16 14.43 9.74
N TYR F 102 -2.03 13.10 9.70
CA TYR F 102 -1.62 12.31 10.88
C TYR F 102 -1.06 10.96 10.44
N TYR F 103 -0.19 10.40 11.31
CA TYR F 103 0.35 9.05 11.19
C TYR F 103 -0.51 8.07 11.98
N TYR F 104 -0.51 6.81 11.57
CA TYR F 104 -1.33 5.80 12.22
C TYR F 104 -0.74 4.42 11.91
N GLY F 105 -1.30 3.40 12.55
CA GLY F 105 -0.95 2.01 12.24
C GLY F 105 0.53 1.69 12.47
N SER F 106 1.15 1.08 11.47
CA SER F 106 2.58 0.78 11.49
C SER F 106 3.36 1.81 10.69
N GLY F 107 3.10 3.09 10.93
CA GLY F 107 3.80 4.14 10.22
C GLY F 107 3.12 4.57 8.94
N SER F 108 1.86 4.21 8.75
CA SER F 108 1.10 4.75 7.63
C SER F 108 0.80 6.23 7.86
N TYR F 109 0.44 6.93 6.78
CA TYR F 109 0.28 8.38 6.83
C TYR F 109 -1.03 8.79 6.17
N PHE F 110 -1.69 9.77 6.78
CA PHE F 110 -2.97 10.28 6.28
C PHE F 110 -2.87 11.79 6.11
N ASP F 111 -3.22 12.28 4.92
CA ASP F 111 -3.09 13.70 4.62
C ASP F 111 -4.11 14.01 3.53
N ALA F 112 -5.21 14.66 3.92
CA ALA F 112 -6.35 14.91 3.03
C ALA F 112 -7.30 15.93 3.66
N PHE F 113 -8.18 16.49 2.81
CA PHE F 113 -9.40 17.13 3.30
C PHE F 113 -10.45 16.05 3.48
N ASP F 114 -10.48 15.48 4.67
CA ASP F 114 -11.37 14.36 4.91
C ASP F 114 -12.77 14.79 5.34
N ILE F 115 -12.91 15.96 5.97
CA ILE F 115 -14.24 16.43 6.40
C ILE F 115 -14.50 17.81 5.81
N TRP F 116 -15.71 17.99 5.27
CA TRP F 116 -16.12 19.25 4.65
C TRP F 116 -17.39 19.74 5.33
N GLY F 117 -17.46 21.07 5.53
CA GLY F 117 -18.70 21.67 5.99
C GLY F 117 -19.71 21.72 4.87
N GLN F 118 -20.96 22.08 5.23
CA GLN F 118 -22.02 22.08 4.23
C GLN F 118 -21.95 23.30 3.31
N GLY F 119 -21.12 24.28 3.61
CA GLY F 119 -21.01 25.42 2.73
C GLY F 119 -21.97 26.53 3.12
N THR F 120 -21.53 27.77 2.85
CA THR F 120 -22.35 28.96 3.08
C THR F 120 -22.45 29.74 1.78
N MET F 121 -23.68 30.00 1.34
CA MET F 121 -23.90 30.79 0.14
C MET F 121 -23.91 32.27 0.51
N VAL F 122 -23.19 33.07 -0.27
CA VAL F 122 -23.11 34.51 -0.10
C VAL F 122 -23.62 35.18 -1.37
N THR F 123 -24.65 36.01 -1.24
CA THR F 123 -25.11 36.83 -2.36
C THR F 123 -24.93 38.32 -2.04
N VAL F 124 -24.22 39.02 -2.93
CA VAL F 124 -24.04 40.47 -2.83
C VAL F 124 -24.86 41.12 -3.94
N SER F 125 -26.00 41.72 -3.58
CA SER F 125 -26.92 42.35 -4.54
C SER F 125 -27.93 43.26 -3.86
N SER F 126 -28.49 44.16 -4.66
CA SER F 126 -29.31 45.24 -4.09
C SER F 126 -30.80 44.94 -3.90
N ALA F 127 -31.39 43.86 -4.48
CA ALA F 127 -32.79 43.57 -4.15
C ALA F 127 -32.88 43.12 -2.70
N SER F 128 -34.11 43.16 -2.15
CA SER F 128 -34.40 42.89 -0.75
C SER F 128 -35.20 41.59 -0.63
N THR F 129 -35.39 41.15 0.63
CA THR F 129 -36.00 39.87 0.98
C THR F 129 -37.49 39.82 0.60
N LYS F 130 -37.98 38.61 0.33
CA LYS F 130 -39.24 38.37 -0.38
C LYS F 130 -39.75 36.95 -0.11
N GLY F 131 -40.90 36.82 0.52
CA GLY F 131 -41.52 35.51 0.60
C GLY F 131 -42.09 35.08 -0.74
N PRO F 132 -42.04 33.80 -1.05
CA PRO F 132 -42.62 33.32 -2.32
C PRO F 132 -44.07 32.87 -2.21
N SER F 133 -44.77 32.93 -3.34
CA SER F 133 -46.08 32.29 -3.50
C SER F 133 -45.95 31.02 -4.34
N VAL F 134 -46.61 29.95 -3.91
CA VAL F 134 -46.52 28.67 -4.60
C VAL F 134 -47.91 28.17 -5.02
N PHE F 135 -47.99 27.72 -6.24
CA PHE F 135 -49.18 27.22 -6.83
C PHE F 135 -49.14 25.71 -6.93
N PRO F 136 -50.33 25.20 -6.76
CA PRO F 136 -50.52 23.81 -6.91
C PRO F 136 -50.26 23.58 -8.36
N LEU F 137 -49.54 22.50 -8.60
CA LEU F 137 -49.39 22.06 -9.99
C LEU F 137 -50.41 20.94 -10.16
N ALA F 138 -51.53 21.30 -10.78
CA ALA F 138 -52.74 20.50 -10.66
C ALA F 138 -52.66 19.22 -11.50
N PRO F 139 -53.07 18.09 -10.93
CA PRO F 139 -53.14 16.85 -11.70
C PRO F 139 -54.35 16.89 -12.60
N SER F 140 -54.59 18.04 -13.23
CA SER F 140 -55.88 18.27 -13.87
C SER F 140 -56.09 17.30 -15.03
N SER F 141 -55.01 16.79 -15.62
CA SER F 141 -55.14 15.64 -16.50
C SER F 141 -55.63 14.48 -15.65
N LYS F 142 -56.72 13.85 -16.05
CA LYS F 142 -57.38 12.91 -15.18
C LYS F 142 -56.47 11.72 -14.89
N SER F 143 -56.80 10.99 -13.81
CA SER F 143 -55.98 9.85 -13.40
C SER F 143 -55.80 8.86 -14.54
N THR F 144 -56.82 8.71 -15.39
CA THR F 144 -56.77 7.88 -16.58
C THR F 144 -56.36 6.45 -16.23
N SER F 145 -57.32 5.69 -15.71
CA SER F 145 -57.17 4.31 -15.24
C SER F 145 -55.87 4.01 -14.49
N GLY F 146 -55.71 4.57 -13.29
CA GLY F 146 -54.70 4.10 -12.35
C GLY F 146 -53.26 3.99 -12.81
N GLY F 147 -52.84 4.81 -13.77
CA GLY F 147 -51.45 4.76 -14.21
C GLY F 147 -50.62 5.78 -13.47
N THR F 148 -49.89 6.63 -14.18
CA THR F 148 -49.03 7.61 -13.54
C THR F 148 -49.50 9.02 -13.90
N ALA F 149 -49.69 9.84 -12.88
CA ALA F 149 -49.99 11.25 -13.03
C ALA F 149 -48.86 12.05 -12.38
N ALA F 150 -48.73 13.31 -12.77
CA ALA F 150 -47.71 14.19 -12.22
C ALA F 150 -48.34 15.30 -11.40
N LEU F 151 -47.74 15.58 -10.24
CA LEU F 151 -48.17 16.65 -9.34
C LEU F 151 -46.96 17.54 -9.09
N GLY F 152 -47.22 18.75 -8.61
CA GLY F 152 -46.09 19.55 -8.18
C GLY F 152 -46.50 20.83 -7.48
N CYS F 153 -45.47 21.67 -7.27
CA CYS F 153 -45.58 22.99 -6.70
C CYS F 153 -44.71 23.92 -7.53
N LEU F 154 -45.17 25.14 -7.75
CA LEU F 154 -44.38 26.15 -8.46
C LEU F 154 -44.13 27.31 -7.51
N VAL F 155 -42.87 27.48 -7.11
CA VAL F 155 -42.47 28.45 -6.09
C VAL F 155 -41.96 29.70 -6.80
N LYS F 156 -42.73 30.79 -6.68
CA LYS F 156 -42.67 31.93 -7.59
C LYS F 156 -42.10 33.18 -6.92
N ASP F 157 -41.27 33.90 -7.70
CA ASP F 157 -40.77 35.24 -7.41
C ASP F 157 -39.82 35.38 -6.23
N TYR F 158 -38.55 34.97 -6.40
CA TYR F 158 -37.57 35.26 -5.37
C TYR F 158 -36.23 35.66 -5.99
N PHE F 159 -35.41 36.40 -5.20
CA PHE F 159 -34.04 36.83 -5.47
C PHE F 159 -33.35 37.20 -4.15
N PRO F 160 -32.20 36.59 -3.81
CA PRO F 160 -31.49 35.53 -4.54
C PRO F 160 -31.98 34.13 -4.21
N GLU F 161 -31.28 33.10 -4.67
CA GLU F 161 -31.69 31.73 -4.44
C GLU F 161 -31.31 31.25 -3.04
N PRO F 162 -32.28 30.82 -2.22
CA PRO F 162 -32.12 29.59 -1.44
C PRO F 162 -33.49 29.03 -1.11
N VAL F 163 -34.17 28.37 -2.04
CA VAL F 163 -35.46 27.77 -1.78
C VAL F 163 -35.28 26.26 -1.64
N THR F 164 -35.84 25.71 -0.56
CA THR F 164 -35.91 24.28 -0.35
C THR F 164 -37.35 23.82 -0.57
N VAL F 165 -37.50 22.63 -1.13
CA VAL F 165 -38.81 22.05 -1.42
C VAL F 165 -38.75 20.61 -0.93
N SER F 166 -39.66 20.25 -0.04
CA SER F 166 -39.78 18.88 0.42
C SER F 166 -41.16 18.33 0.06
N TRP F 167 -41.29 17.02 0.19
CA TRP F 167 -42.57 16.34 0.11
C TRP F 167 -42.66 15.39 1.31
N ASN F 168 -43.72 15.52 2.11
CA ASN F 168 -43.93 14.71 3.30
C ASN F 168 -42.73 14.74 4.26
N SER F 169 -42.00 15.86 4.26
CA SER F 169 -40.85 16.08 5.16
C SER F 169 -39.86 14.92 5.17
N GLY F 170 -39.61 14.34 4.00
CA GLY F 170 -38.58 13.32 3.86
C GLY F 170 -39.07 11.89 3.83
N ALA F 171 -40.34 11.64 4.14
CA ALA F 171 -40.89 10.30 4.03
C ALA F 171 -41.32 9.95 2.61
N LEU F 172 -41.34 10.93 1.71
CA LEU F 172 -41.61 10.71 0.29
C LEU F 172 -40.45 11.26 -0.53
N THR F 173 -39.66 10.35 -1.10
CA THR F 173 -38.49 10.67 -1.91
C THR F 173 -38.59 10.17 -3.35
N SER F 174 -39.23 9.01 -3.56
CA SER F 174 -39.27 8.40 -4.87
C SER F 174 -39.99 9.31 -5.87
N GLY F 175 -39.39 9.47 -7.05
CA GLY F 175 -40.03 10.17 -8.16
C GLY F 175 -40.06 11.68 -8.09
N VAL F 176 -39.43 12.30 -7.11
CA VAL F 176 -39.44 13.75 -6.99
C VAL F 176 -38.36 14.36 -7.90
N HIS F 177 -38.71 15.43 -8.61
CA HIS F 177 -37.75 16.24 -9.33
C HIS F 177 -37.97 17.71 -8.95
N THR F 178 -36.97 18.32 -8.32
CA THR F 178 -36.98 19.75 -8.00
C THR F 178 -35.98 20.43 -8.91
N PHE F 179 -36.43 21.43 -9.64
CA PHE F 179 -35.63 21.93 -10.76
C PHE F 179 -34.74 23.08 -10.35
N PRO F 180 -33.64 23.30 -11.08
CA PRO F 180 -32.88 24.54 -10.90
C PRO F 180 -33.77 25.73 -11.15
N ALA F 181 -33.65 26.74 -10.28
CA ALA F 181 -34.39 27.97 -10.49
C ALA F 181 -33.93 28.65 -11.77
N VAL F 182 -34.82 29.43 -12.35
CA VAL F 182 -34.43 30.35 -13.42
C VAL F 182 -34.68 31.76 -12.92
N LEU F 183 -33.76 32.66 -13.23
CA LEU F 183 -33.93 34.07 -12.92
C LEU F 183 -34.83 34.71 -13.98
N GLN F 184 -35.97 35.24 -13.54
CA GLN F 184 -36.90 35.91 -14.44
C GLN F 184 -36.42 37.33 -14.74
N SER F 185 -36.98 37.92 -15.79
CA SER F 185 -36.61 39.28 -16.18
C SER F 185 -36.97 40.30 -15.11
N SER F 186 -37.81 39.91 -14.15
CA SER F 186 -38.05 40.72 -12.96
C SER F 186 -36.83 40.78 -12.05
N GLY F 187 -35.75 40.08 -12.40
CA GLY F 187 -34.67 39.90 -11.45
C GLY F 187 -35.06 39.04 -10.28
N LEU F 188 -36.08 38.19 -10.45
CA LEU F 188 -36.47 37.23 -9.44
C LEU F 188 -36.41 35.81 -10.01
N TYR F 189 -36.21 34.85 -9.12
CA TYR F 189 -36.10 33.43 -9.46
C TYR F 189 -37.43 32.74 -9.26
N SER F 190 -37.66 31.69 -10.03
CA SER F 190 -38.75 30.76 -9.74
C SER F 190 -38.32 29.37 -10.15
N LEU F 191 -38.79 28.38 -9.40
CA LEU F 191 -38.47 26.97 -9.63
C LEU F 191 -39.70 26.14 -9.34
N SER F 192 -39.84 25.05 -10.08
CA SER F 192 -40.95 24.12 -9.92
C SER F 192 -40.43 22.78 -9.44
N SER F 193 -41.29 22.04 -8.75
CA SER F 193 -40.90 20.74 -8.21
C SER F 193 -42.04 19.77 -8.48
N VAL F 194 -41.73 18.65 -9.13
CA VAL F 194 -42.74 17.73 -9.62
C VAL F 194 -42.62 16.42 -8.86
N VAL F 195 -43.68 15.63 -8.94
CA VAL F 195 -43.71 14.27 -8.43
C VAL F 195 -44.56 13.44 -9.37
N THR F 196 -44.13 12.21 -9.63
CA THR F 196 -44.98 11.23 -10.28
C THR F 196 -45.43 10.22 -9.24
N VAL F 197 -46.72 9.94 -9.20
CA VAL F 197 -47.29 9.07 -8.17
C VAL F 197 -48.22 8.07 -8.86
N PRO F 198 -48.45 6.92 -8.22
CA PRO F 198 -49.46 5.99 -8.76
C PRO F 198 -50.84 6.64 -8.71
N SER F 199 -51.50 6.67 -9.86
CA SER F 199 -52.79 7.37 -9.95
C SER F 199 -53.88 6.66 -9.15
N SER F 200 -53.79 5.33 -9.03
CA SER F 200 -54.79 4.59 -8.26
C SER F 200 -54.79 4.97 -6.78
N SER F 201 -53.65 5.38 -6.24
CA SER F 201 -53.49 5.62 -4.80
C SER F 201 -53.83 7.04 -4.38
N LEU F 202 -54.36 7.89 -5.27
CA LEU F 202 -54.64 9.26 -4.85
C LEU F 202 -55.85 9.36 -3.92
N GLY F 203 -56.58 8.26 -3.70
CA GLY F 203 -57.62 8.18 -2.70
C GLY F 203 -57.20 7.53 -1.40
N THR F 204 -55.90 7.30 -1.17
CA THR F 204 -55.45 6.62 0.03
C THR F 204 -54.32 7.36 0.73
N GLN F 205 -53.48 8.06 -0.03
CA GLN F 205 -52.32 8.76 0.53
C GLN F 205 -52.46 10.25 0.31
N THR F 206 -51.88 11.02 1.24
CA THR F 206 -51.87 12.47 1.21
C THR F 206 -50.49 12.96 0.81
N TYR F 207 -50.46 13.94 -0.09
CA TYR F 207 -49.22 14.47 -0.63
C TYR F 207 -49.13 15.95 -0.30
N ILE F 208 -48.07 16.33 0.41
CA ILE F 208 -47.87 17.70 0.84
C ILE F 208 -46.47 18.11 0.40
N CYS F 209 -46.37 19.25 -0.28
CA CYS F 209 -45.07 19.81 -0.62
C CYS F 209 -44.72 20.82 0.47
N ASN F 210 -43.54 20.66 1.05
CA ASN F 210 -43.09 21.51 2.15
C ASN F 210 -42.11 22.54 1.60
N VAL F 211 -42.54 23.81 1.53
CA VAL F 211 -41.66 24.93 1.15
C VAL F 211 -41.19 25.60 2.44
N ASN F 212 -39.88 25.77 2.57
CA ASN F 212 -39.27 26.44 3.70
C ASN F 212 -38.35 27.52 3.14
N HIS F 213 -38.26 28.65 3.85
CA HIS F 213 -37.43 29.75 3.38
C HIS F 213 -36.76 30.43 4.58
N LYS F 214 -35.48 30.12 4.82
CA LYS F 214 -34.78 30.83 5.89
C LYS F 214 -34.78 32.34 5.69
N PRO F 215 -34.53 32.88 4.48
CA PRO F 215 -34.40 34.34 4.36
C PRO F 215 -35.61 35.15 4.79
N SER F 216 -36.83 34.65 4.60
CA SER F 216 -38.00 35.42 5.00
C SER F 216 -38.76 34.81 6.16
N ASN F 217 -38.24 33.77 6.79
CA ASN F 217 -38.96 33.07 7.86
C ASN F 217 -40.36 32.70 7.38
N THR F 218 -40.47 32.30 6.12
CA THR F 218 -41.70 31.66 5.65
C THR F 218 -41.45 30.16 5.56
N LYS F 219 -42.20 29.41 6.34
CA LYS F 219 -42.24 27.98 6.19
C LYS F 219 -43.68 27.69 5.81
N VAL F 220 -43.87 27.21 4.60
CA VAL F 220 -45.18 26.94 4.04
C VAL F 220 -45.14 25.47 3.68
N ASP F 221 -45.78 24.65 4.48
CA ASP F 221 -45.94 23.25 4.16
C ASP F 221 -47.39 23.13 3.70
N LYS F 222 -47.56 23.18 2.38
CA LYS F 222 -48.86 23.24 1.73
C LYS F 222 -49.24 21.87 1.21
N LYS F 223 -50.41 21.36 1.62
CA LYS F 223 -50.91 20.13 1.02
C LYS F 223 -51.21 20.39 -0.46
N VAL F 224 -50.73 19.50 -1.31
CA VAL F 224 -50.85 19.68 -2.74
C VAL F 224 -51.31 18.38 -3.37
N GLU F 225 -52.31 18.47 -4.24
CA GLU F 225 -52.85 17.31 -4.92
C GLU F 225 -53.23 17.79 -6.31
#